data_6LHT
#
_entry.id   6LHT
#
_cell.length_a   1.00
_cell.length_b   1.00
_cell.length_c   1.00
_cell.angle_alpha   90.00
_cell.angle_beta   90.00
_cell.angle_gamma   90.00
#
_symmetry.space_group_name_H-M   'P 1'
#
loop_
_entity.id
_entity.type
_entity.pdbx_description
1 polymer 'light chain variable region of Fab 18A7'
2 polymer 'heavy chain variable region of Fab 18A7'
3 polymer 'VP1 protein'
4 non-polymer SPHINGOSINE
#
loop_
_entity_poly.entity_id
_entity_poly.type
_entity_poly.pdbx_seq_one_letter_code
_entity_poly.pdbx_strand_id
1 'polypeptide(L)'
;DIVMSQSPSSLAVSVGEKVTMSCKSSQSLLYSNNQKNYLAWYQQKPGQSPQLLIYWASTRESGVPDRFTGSESGTDFTLT
ISSVKAEDLAVFYCQQYYNYPWTFGGGTKLEIK
;
L
2 'polypeptide(L)'
;EVQLQQSGPELVKPGASVKMSCKASGYTFTDYYMKWVKQSHGKSLEWIGDINPYNGDSFNNQKFKGKATLTVDTSSSTAY
MQLNSLTSEDSAVYYCAIPYDYDEGWFAYWGQGTLVTVSA
;
H
3 'polypeptide(L)'
;GDPIADMIDQTVNNQVNRSLTALQVLPTAANTEASSHRLGTGVVPALQAAETGASSNASDKNLIETRCVLNHHSTQETAI
GNFFSRAGLVSIITMPTTDTQNTDGYVNWDIDLMGYAQLRRKCELFTYMRFDAEFTFVVAKPNGVLVPQLLQYMYVPPGA
PKPTSRDSFAWQTATNPSVFVKMTDPPAQVSVPFMSPASAYQWFYDGYPTFGEHLQANDLDYGQCPNNMMGTFSIRTVGT
EKSPHSITLRVYMRIKHVRAWIPRPLRNQPYLFKTNPNYKGNDIKCTSTSRDKITTL
;
A,C,D,E,B
#
# COMPACT_ATOMS: atom_id res chain seq x y z
N ASP A 1 -3.33 28.27 12.97
CA ASP A 1 -4.34 27.29 12.60
C ASP A 1 -4.03 25.91 13.20
N ILE A 2 -2.97 25.29 12.71
CA ILE A 2 -2.56 23.95 13.13
C ILE A 2 -1.13 24.06 13.64
N VAL A 3 -0.96 23.92 14.95
CA VAL A 3 0.26 24.32 15.63
C VAL A 3 0.81 23.14 16.42
N MET A 4 1.98 23.38 17.02
CA MET A 4 2.62 22.48 17.95
C MET A 4 3.51 23.31 18.85
N SER A 5 3.85 22.73 20.01
CA SER A 5 4.56 23.49 21.03
C SER A 5 5.64 22.59 21.62
N GLN A 6 6.90 22.95 21.40
CA GLN A 6 7.97 22.39 22.22
C GLN A 6 8.01 23.17 23.52
N SER A 7 7.85 22.46 24.63
CA SER A 7 7.70 23.19 25.87
C SER A 7 8.76 22.96 26.95
N PRO A 8 10.06 22.98 26.65
CA PRO A 8 10.99 23.51 27.65
C PRO A 8 11.18 25.01 27.43
N SER A 9 10.90 25.81 28.45
CA SER A 9 10.90 27.26 28.27
C SER A 9 12.31 27.83 28.28
N SER A 10 13.14 27.37 29.21
CA SER A 10 14.54 27.79 29.27
C SER A 10 15.34 26.62 29.80
N LEU A 11 16.47 26.35 29.17
CA LEU A 11 17.24 25.17 29.57
C LEU A 11 18.20 25.47 30.71
N ALA A 12 18.65 26.73 30.82
CA ALA A 12 19.18 27.32 32.06
C ALA A 12 20.39 26.58 32.61
N VAL A 13 21.17 26.01 31.71
CA VAL A 13 22.17 25.03 32.12
C VAL A 13 23.41 25.75 32.63
N SER A 14 23.97 25.23 33.71
CA SER A 14 25.35 25.52 34.09
C SER A 14 26.21 24.55 33.30
N VAL A 15 27.41 25.01 32.91
CA VAL A 15 28.14 24.43 31.78
C VAL A 15 28.54 23.00 32.10
N GLY A 16 27.83 22.07 31.49
CA GLY A 16 27.83 20.67 31.91
C GLY A 16 27.61 19.75 30.76
N GLU A 17 26.82 18.69 30.98
CA GLU A 17 26.89 17.55 30.08
C GLU A 17 25.56 17.11 29.46
N LYS A 18 24.44 17.20 30.17
CA LYS A 18 23.21 16.55 29.70
C LYS A 18 22.04 17.52 29.61
N VAL A 19 21.21 17.33 28.57
CA VAL A 19 20.12 18.22 28.21
C VAL A 19 19.23 17.48 27.21
N THR A 20 17.92 17.79 27.19
CA THR A 20 16.97 17.05 26.35
C THR A 20 15.90 18.00 25.80
N MET A 21 15.10 17.47 24.86
CA MET A 21 14.09 18.23 24.12
C MET A 21 12.80 17.43 24.01
N SER A 22 11.75 18.09 23.51
CA SER A 22 10.47 17.47 23.15
C SER A 22 9.64 18.45 22.32
N CYS A 23 9.31 18.10 21.06
CA CYS A 23 8.58 19.03 20.19
C CYS A 23 7.06 18.88 20.21
N LYS A 24 6.53 17.65 20.22
CA LYS A 24 5.09 17.36 20.38
C LYS A 24 4.21 17.94 19.26
N SER A 25 4.24 17.33 18.08
CA SER A 25 3.37 17.75 16.99
C SER A 25 1.90 17.42 17.24
N SER A 26 1.01 18.13 16.54
CA SER A 26 -0.44 17.88 16.57
C SER A 26 -1.04 18.05 15.18
N GLN A 27 -0.40 17.47 14.16
CA GLN A 27 -0.76 17.69 12.76
C GLN A 27 -1.99 16.88 12.37
N SER A 28 -2.52 17.17 11.17
CA SER A 28 -3.67 16.45 10.64
C SER A 28 -3.26 15.05 10.18
N LEU A 29 -2.35 14.96 9.21
CA LEU A 29 -1.79 13.69 8.80
C LEU A 29 -0.67 13.29 9.75
N LEU A 30 -0.50 11.99 9.95
CA LEU A 30 0.32 11.47 11.04
C LEU A 30 1.26 10.34 10.60
N TYR A 31 1.93 10.47 9.45
CA TYR A 31 2.77 9.40 8.95
C TYR A 31 4.12 9.87 8.42
N SER A 32 4.32 11.17 8.26
CA SER A 32 5.38 11.64 7.39
C SER A 32 6.46 12.47 8.05
N ASN A 33 6.22 12.99 9.25
CA ASN A 33 6.84 14.24 9.69
C ASN A 33 8.31 14.10 10.06
N ASN A 34 9.09 15.17 9.86
CA ASN A 34 10.51 15.28 10.24
C ASN A 34 10.84 16.74 10.57
N GLN A 35 11.86 16.97 11.42
CA GLN A 35 11.92 18.21 12.24
C GLN A 35 13.36 18.74 12.40
N LYS A 36 13.56 19.62 13.42
CA LYS A 36 14.81 20.13 14.06
C LYS A 36 15.85 21.06 13.41
N ASN A 37 15.56 22.37 13.33
CA ASN A 37 16.53 23.43 13.01
C ASN A 37 17.54 23.76 14.13
N TYR A 38 18.43 24.76 13.91
CA TYR A 38 19.49 25.18 14.85
C TYR A 38 19.44 26.64 15.33
N LEU A 39 19.46 27.61 14.41
CA LEU A 39 19.34 29.07 14.65
C LEU A 39 20.38 29.62 15.65
N ALA A 40 21.62 29.68 15.18
CA ALA A 40 22.64 30.46 15.89
C ALA A 40 22.29 31.95 15.89
N TRP A 41 22.63 32.63 16.98
CA TRP A 41 22.39 34.07 17.07
C TRP A 41 23.33 34.86 16.16
N TYR A 42 24.61 34.47 16.13
CA TYR A 42 25.66 35.32 15.54
C TYR A 42 25.57 35.31 14.02
N GLN A 43 25.41 34.14 13.43
CA GLN A 43 25.63 33.96 12.00
C GLN A 43 24.68 32.87 11.50
N GLN A 44 25.05 32.27 10.36
CA GLN A 44 24.17 31.41 9.56
C GLN A 44 23.71 30.14 10.27
N LYS A 45 22.86 29.39 9.59
CA LYS A 45 21.99 28.41 10.23
C LYS A 45 22.25 26.99 9.75
N PRO A 46 22.88 26.15 10.56
CA PRO A 46 22.80 24.71 10.34
C PRO A 46 21.38 24.19 10.59
N GLY A 47 21.19 22.89 10.37
CA GLY A 47 19.90 22.31 10.64
C GLY A 47 19.78 20.89 10.14
N GLN A 48 18.69 20.63 9.41
CA GLN A 48 18.53 19.53 8.47
C GLN A 48 18.32 18.17 9.14
N SER A 49 18.52 18.07 10.45
CA SER A 49 18.58 16.80 11.17
C SER A 49 17.20 16.22 11.45
N PRO A 50 16.74 15.23 10.67
CA PRO A 50 15.34 14.83 10.73
C PRO A 50 15.04 13.64 11.64
N GLN A 51 14.08 13.78 12.54
CA GLN A 51 13.56 12.62 13.25
C GLN A 51 12.16 12.36 12.76
N LEU A 52 12.01 11.25 12.05
CA LEU A 52 10.69 10.78 11.69
C LEU A 52 10.01 10.27 12.95
N LEU A 53 8.85 10.83 13.21
CA LEU A 53 8.22 10.52 14.45
C LEU A 53 7.87 9.09 14.55
N ILE A 54 7.25 8.54 13.54
CA ILE A 54 6.88 7.14 13.57
C ILE A 54 7.92 6.04 13.43
N TYR A 55 8.84 6.19 12.47
CA TYR A 55 9.88 5.16 12.12
C TYR A 55 11.34 5.64 12.21
N TRP A 56 12.08 5.57 11.11
CA TRP A 56 13.45 6.05 11.07
C TRP A 56 13.71 7.52 11.23
N ALA A 57 14.47 7.80 12.30
CA ALA A 57 14.97 9.12 12.54
C ALA A 57 16.35 9.25 11.90
N SER A 58 16.54 10.52 11.72
CA SER A 58 17.72 11.02 11.29
C SER A 58 18.00 10.48 9.95
N THR A 59 18.26 11.46 9.14
CA THR A 59 18.89 11.31 7.88
C THR A 59 19.82 12.39 8.50
N ARG A 60 20.79 11.99 9.35
CA ARG A 60 21.58 12.89 10.14
C ARG A 60 22.73 13.55 9.46
N GLU A 61 23.27 14.53 10.13
CA GLU A 61 24.35 15.19 9.56
C GLU A 61 25.54 14.28 9.73
N SER A 62 26.12 13.80 8.63
CA SER A 62 27.37 13.00 8.65
C SER A 62 28.46 14.04 8.45
N GLY A 63 28.70 14.78 9.50
CA GLY A 63 29.56 15.94 9.53
C GLY A 63 28.87 16.94 10.45
N VAL A 64 29.62 17.94 10.87
CA VAL A 64 29.15 18.93 11.81
C VAL A 64 28.66 18.20 13.06
N PRO A 65 27.47 18.53 13.59
CA PRO A 65 27.22 17.65 14.74
C PRO A 65 26.58 16.33 14.37
N ASP A 66 27.16 15.22 14.83
CA ASP A 66 26.48 13.94 14.80
C ASP A 66 25.97 13.54 16.18
N ARG A 67 26.11 14.42 17.16
CA ARG A 67 25.62 14.20 18.51
C ARG A 67 24.13 14.48 18.66
N PHE A 68 23.48 14.95 17.60
CA PHE A 68 22.01 15.00 17.58
C PHE A 68 21.47 13.57 17.55
N THR A 69 20.30 13.37 18.17
CA THR A 69 19.77 12.01 18.29
C THR A 69 18.32 11.89 17.81
N GLY A 70 17.70 10.74 18.08
CA GLY A 70 16.34 10.45 17.63
C GLY A 70 15.35 10.18 18.74
N SER A 71 14.22 9.55 18.43
CA SER A 71 13.10 9.49 19.37
C SER A 71 12.29 8.22 19.17
N GLU A 72 11.10 8.19 19.77
CA GLU A 72 10.32 6.97 19.98
C GLU A 72 8.88 7.34 20.30
N SER A 73 8.13 6.34 20.81
CA SER A 73 6.85 6.34 21.53
C SER A 73 5.58 6.42 20.69
N GLY A 74 5.65 6.53 19.37
CA GLY A 74 4.43 6.56 18.58
C GLY A 74 3.74 7.90 18.55
N THR A 75 3.44 8.47 19.72
CA THR A 75 3.12 9.88 19.81
C THR A 75 4.36 10.69 19.46
N ASP A 76 4.13 11.91 19.00
CA ASP A 76 5.15 12.66 18.29
C ASP A 76 6.12 13.31 19.28
N PHE A 77 7.41 13.01 19.15
CA PHE A 77 8.41 13.49 20.09
C PHE A 77 9.77 13.54 19.39
N THR A 78 10.65 14.41 19.92
CA THR A 78 12.06 14.50 19.52
C THR A 78 12.90 14.68 20.78
N LEU A 79 14.16 14.26 20.73
CA LEU A 79 14.90 14.04 21.97
C LEU A 79 16.34 14.55 21.85
N THR A 80 17.19 14.09 22.77
CA THR A 80 18.30 14.82 23.41
C THR A 80 19.48 15.12 22.49
N ILE A 81 20.45 15.86 23.07
CA ILE A 81 21.78 16.13 22.50
C ILE A 81 22.85 15.97 23.58
N SER A 82 24.09 16.27 23.19
CA SER A 82 25.30 16.08 23.98
C SER A 82 25.74 17.35 24.71
N SER A 83 27.01 17.39 25.09
CA SER A 83 27.59 18.14 26.21
C SER A 83 28.28 19.44 25.81
N VAL A 84 27.71 20.22 24.89
CA VAL A 84 28.49 21.28 24.25
C VAL A 84 28.72 22.47 25.20
N LYS A 85 29.84 23.15 25.00
CA LYS A 85 30.35 24.21 25.86
C LYS A 85 29.78 25.55 25.41
N ALA A 86 30.41 26.66 25.83
CA ALA A 86 29.86 28.01 25.68
C ALA A 86 29.62 28.42 24.24
N GLU A 87 30.31 27.80 23.28
CA GLU A 87 29.91 27.90 21.89
C GLU A 87 28.95 26.76 21.55
N ASP A 88 27.90 27.08 20.78
CA ASP A 88 26.62 26.35 20.60
C ASP A 88 25.70 26.40 21.81
N LEU A 89 25.59 27.55 22.45
CA LEU A 89 24.42 27.86 23.28
C LEU A 89 23.44 28.61 22.39
N ALA A 90 22.71 27.85 21.57
CA ALA A 90 21.81 28.44 20.59
C ALA A 90 20.35 28.11 20.89
N VAL A 91 19.44 28.48 19.98
CA VAL A 91 18.01 28.35 20.24
C VAL A 91 17.42 27.36 19.23
N PHE A 92 17.14 26.16 19.72
CA PHE A 92 16.84 25.03 18.85
C PHE A 92 15.33 24.94 18.69
N TYR A 93 14.87 24.44 17.54
CA TYR A 93 13.44 24.30 17.32
C TYR A 93 13.16 23.32 16.18
N CYS A 94 11.98 22.72 16.24
CA CYS A 94 11.48 21.82 15.21
C CYS A 94 10.84 22.60 14.08
N GLN A 95 10.77 21.94 12.93
CA GLN A 95 10.05 22.41 11.76
C GLN A 95 8.95 21.40 11.45
N GLN A 96 7.88 21.85 10.80
CA GLN A 96 6.80 20.94 10.45
C GLN A 96 6.28 21.27 9.05
N TYR A 97 5.64 20.30 8.42
CA TYR A 97 5.34 20.53 7.02
C TYR A 97 3.99 19.98 6.59
N TYR A 98 3.43 20.68 5.61
CA TYR A 98 2.39 20.17 4.71
C TYR A 98 3.06 19.22 3.73
N ASN A 99 2.30 18.78 2.73
CA ASN A 99 2.07 17.37 2.40
C ASN A 99 3.22 16.46 2.83
N TYR A 100 4.46 16.67 2.35
CA TYR A 100 5.41 15.55 2.29
C TYR A 100 6.86 16.05 2.29
N PRO A 101 7.94 15.15 2.52
CA PRO A 101 9.14 15.57 3.28
C PRO A 101 9.97 16.84 3.01
N TRP A 102 9.49 17.88 2.35
CA TRP A 102 10.31 19.10 2.30
C TRP A 102 9.82 20.12 3.33
N THR A 103 10.69 21.11 3.60
CA THR A 103 10.47 22.05 4.69
C THR A 103 9.31 22.98 4.39
N PHE A 104 8.25 22.92 5.19
CA PHE A 104 7.15 23.84 4.95
C PHE A 104 6.81 24.62 6.20
N GLY A 105 5.66 25.29 6.16
CA GLY A 105 5.17 26.05 7.29
C GLY A 105 4.73 25.19 8.46
N GLY A 106 5.11 25.60 9.66
CA GLY A 106 4.75 24.85 10.84
C GLY A 106 5.88 24.70 11.84
N GLY A 107 7.00 25.36 11.61
CA GLY A 107 8.06 25.33 12.61
C GLY A 107 7.95 26.46 13.60
N THR A 108 6.99 26.35 14.52
CA THR A 108 6.45 27.53 15.18
C THR A 108 7.34 28.02 16.33
N LYS A 109 7.57 27.16 17.32
CA LYS A 109 7.99 27.62 18.64
C LYS A 109 9.43 27.20 18.93
N LEU A 110 10.16 28.06 19.64
CA LEU A 110 11.60 27.91 19.87
C LEU A 110 11.84 27.54 21.33
N GLU A 111 13.12 27.51 21.75
CA GLU A 111 13.52 27.37 23.15
C GLU A 111 14.94 27.90 23.36
N ILE A 112 15.20 28.55 24.48
CA ILE A 112 16.47 29.25 24.70
C ILE A 112 17.31 28.47 25.71
N LYS A 113 18.59 28.28 25.38
CA LYS A 113 19.54 27.68 26.33
C LYS A 113 20.17 28.71 27.25
N GLU B 1 29.14 22.42 -0.62
CA GLU B 1 29.82 22.75 0.63
C GLU B 1 29.83 24.24 0.95
N VAL B 2 30.29 25.08 0.01
CA VAL B 2 30.61 26.47 0.37
C VAL B 2 29.34 27.27 0.52
N GLN B 3 29.51 28.50 1.03
CA GLN B 3 28.41 29.27 1.59
C GLN B 3 27.51 29.82 0.50
N LEU B 4 26.21 29.57 0.65
CA LEU B 4 25.19 30.29 -0.08
C LEU B 4 25.22 31.74 0.35
N GLN B 5 25.20 32.67 -0.60
CA GLN B 5 25.13 34.08 -0.26
C GLN B 5 23.72 34.62 -0.54
N GLN B 6 23.42 35.78 0.05
CA GLN B 6 22.23 36.54 -0.31
C GLN B 6 22.65 37.81 -1.03
N SER B 7 21.65 38.52 -1.53
CA SER B 7 21.83 39.92 -1.89
C SER B 7 21.84 40.77 -0.63
N GLY B 8 22.14 42.06 -0.81
CA GLY B 8 22.12 43.01 0.27
C GLY B 8 20.72 43.25 0.78
N PRO B 9 20.53 43.08 2.10
CA PRO B 9 19.21 43.33 2.71
C PRO B 9 18.86 44.81 2.66
N GLU B 10 17.78 45.15 1.97
CA GLU B 10 17.43 46.55 1.73
C GLU B 10 15.91 46.69 1.73
N LEU B 11 15.44 47.88 1.35
CA LEU B 11 14.13 48.39 1.70
C LEU B 11 13.21 48.45 0.49
N VAL B 12 11.95 48.83 0.75
CA VAL B 12 10.89 48.82 -0.24
C VAL B 12 9.82 49.78 0.25
N LYS B 13 8.99 50.29 -0.70
CA LYS B 13 7.82 51.15 -0.55
C LYS B 13 6.58 50.30 -0.24
N PRO B 14 5.67 50.81 0.62
CA PRO B 14 4.43 50.08 0.96
C PRO B 14 3.47 49.70 -0.17
N GLY B 15 3.78 49.98 -1.43
CA GLY B 15 3.00 49.42 -2.52
C GLY B 15 3.83 49.05 -3.74
N ALA B 16 5.12 48.79 -3.54
CA ALA B 16 6.06 48.76 -4.66
C ALA B 16 6.12 47.41 -5.38
N SER B 17 5.94 46.31 -4.64
CA SER B 17 5.96 44.93 -5.16
C SER B 17 7.31 44.60 -5.82
N VAL B 18 8.34 44.55 -4.99
CA VAL B 18 9.74 44.41 -5.42
C VAL B 18 10.24 43.03 -5.02
N LYS B 19 10.96 42.38 -5.93
CA LYS B 19 11.48 41.02 -5.77
C LYS B 19 12.63 40.97 -4.76
N MET B 20 13.23 39.77 -4.64
CA MET B 20 14.47 39.58 -3.90
C MET B 20 15.21 38.39 -4.50
N SER B 21 16.53 38.41 -4.36
CA SER B 21 17.39 37.37 -4.92
C SER B 21 18.38 36.91 -3.87
N CYS B 22 18.85 35.67 -4.01
CA CYS B 22 19.70 35.04 -3.00
C CYS B 22 20.86 34.26 -3.65
N LYS B 23 21.65 34.98 -4.49
CA LYS B 23 22.69 34.51 -5.41
C LYS B 23 23.48 33.27 -4.98
N ALA B 24 23.58 32.27 -5.87
CA ALA B 24 23.96 30.92 -5.50
C ALA B 24 25.43 30.83 -5.10
N SER B 25 25.77 29.71 -4.46
CA SER B 25 27.14 29.50 -4.01
C SER B 25 28.07 29.22 -5.19
N GLY B 26 27.61 28.48 -6.19
CA GLY B 26 28.38 28.28 -7.38
C GLY B 26 28.43 26.85 -7.90
N TYR B 27 27.89 25.90 -7.14
CA TYR B 27 27.99 24.50 -7.57
C TYR B 27 26.93 24.14 -8.60
N THR B 28 25.66 24.13 -8.18
CA THR B 28 24.56 23.66 -8.99
C THR B 28 23.50 24.74 -9.05
N PHE B 29 22.59 24.60 -10.02
CA PHE B 29 21.42 25.46 -10.16
C PHE B 29 20.19 24.59 -10.42
N THR B 30 19.03 25.03 -9.89
CA THR B 30 17.64 24.63 -10.14
C THR B 30 17.31 23.16 -9.95
N ASP B 31 18.28 22.35 -9.52
CA ASP B 31 18.00 20.95 -9.21
C ASP B 31 17.61 20.81 -7.75
N TYR B 32 18.09 21.73 -6.91
CA TYR B 32 17.76 21.75 -5.50
C TYR B 32 16.36 22.31 -5.29
N TYR B 33 15.98 22.38 -4.03
CA TYR B 33 14.60 22.60 -3.62
C TYR B 33 14.56 23.83 -2.73
N MET B 34 14.10 24.96 -3.26
CA MET B 34 14.22 26.23 -2.56
C MET B 34 13.14 26.38 -1.49
N LYS B 35 13.51 27.00 -0.37
CA LYS B 35 12.63 27.22 0.77
C LYS B 35 12.80 28.65 1.25
N TRP B 36 11.70 29.35 1.50
CA TRP B 36 11.76 30.75 1.93
C TRP B 36 11.15 30.92 3.32
N VAL B 37 11.76 31.79 4.12
CA VAL B 37 11.47 31.90 5.55
C VAL B 37 11.00 33.33 5.83
N LYS B 38 10.04 33.48 6.75
CA LYS B 38 9.68 34.80 7.25
C LYS B 38 9.46 34.74 8.75
N GLN B 39 10.14 35.61 9.51
CA GLN B 39 9.96 35.66 10.94
C GLN B 39 9.53 37.07 11.35
N SER B 40 8.57 37.16 12.25
CA SER B 40 8.24 38.44 12.85
C SER B 40 8.99 38.58 14.17
N HIS B 41 9.22 39.83 14.58
CA HIS B 41 10.30 40.21 15.49
C HIS B 41 10.21 39.61 16.89
N GLY B 42 9.10 38.98 17.26
CA GLY B 42 9.03 38.30 18.54
C GLY B 42 9.52 36.86 18.50
N LYS B 43 10.44 36.59 17.57
CA LYS B 43 11.08 35.28 17.33
C LYS B 43 10.05 34.20 16.98
N SER B 44 8.91 34.60 16.43
CA SER B 44 7.98 33.67 15.82
C SER B 44 8.38 33.50 14.36
N LEU B 45 8.64 32.26 13.96
CA LEU B 45 9.24 31.98 12.65
C LEU B 45 8.30 31.06 11.88
N GLU B 46 7.48 31.64 11.00
CA GLU B 46 6.49 30.90 10.23
C GLU B 46 6.99 30.74 8.80
N TRP B 47 7.07 29.50 8.34
CA TRP B 47 7.79 29.19 7.12
C TRP B 47 6.88 29.35 5.90
N ILE B 48 7.45 29.88 4.82
CA ILE B 48 6.76 30.09 3.57
C ILE B 48 7.21 29.01 2.59
N GLY B 49 6.33 28.65 1.65
CA GLY B 49 6.44 27.39 0.95
C GLY B 49 7.56 27.27 -0.08
N ASP B 50 7.51 26.13 -0.76
CA ASP B 50 8.59 25.42 -1.46
C ASP B 50 8.72 25.59 -2.96
N ILE B 51 9.11 24.49 -3.59
CA ILE B 51 10.31 24.30 -4.38
C ILE B 51 10.55 25.36 -5.45
N ASN B 52 9.89 25.26 -6.61
CA ASN B 52 10.16 26.38 -7.49
C ASN B 52 9.00 27.40 -7.52
N PRO B 53 7.75 27.12 -8.00
CA PRO B 53 6.64 27.92 -7.49
C PRO B 53 5.83 27.16 -6.48
N TYR B 54 6.34 26.01 -6.00
CA TYR B 54 5.55 25.06 -5.22
C TYR B 54 5.38 25.56 -3.79
N ASN B 55 4.84 26.77 -3.66
CA ASN B 55 4.98 27.65 -2.50
C ASN B 55 3.67 27.76 -1.74
N GLY B 56 2.58 27.30 -2.35
CA GLY B 56 1.28 27.41 -1.73
C GLY B 56 1.06 26.35 -0.69
N ASP B 57 1.63 26.55 0.49
CA ASP B 57 1.49 25.59 1.58
C ASP B 57 0.12 25.76 2.25
N SER B 58 0.02 25.23 3.46
CA SER B 58 -1.15 25.41 4.33
C SER B 58 -1.48 26.90 4.53
N PHE B 59 -2.76 27.21 4.64
CA PHE B 59 -3.12 28.62 4.47
C PHE B 59 -2.04 29.62 4.84
N ASN B 60 -1.66 30.33 3.81
CA ASN B 60 -0.59 31.30 3.74
C ASN B 60 -0.81 31.93 2.35
N ASN B 61 0.26 32.33 1.67
CA ASN B 61 0.28 32.86 0.30
C ASN B 61 -0.62 34.05 0.40
N GLN B 62 -0.77 34.54 1.63
CA GLN B 62 -1.80 35.52 1.64
C GLN B 62 -1.56 36.91 2.17
N LYS B 63 -0.61 37.15 3.06
CA LYS B 63 -0.65 38.55 3.53
C LYS B 63 0.19 39.48 2.68
N PHE B 64 0.54 38.95 1.52
CA PHE B 64 1.43 39.48 0.47
C PHE B 64 2.91 39.23 0.77
N LYS B 65 3.09 38.31 1.71
CA LYS B 65 4.36 37.76 2.10
C LYS B 65 4.18 36.47 1.38
N GLY B 66 4.99 36.26 0.36
CA GLY B 66 4.89 35.09 -0.46
C GLY B 66 4.03 35.29 -1.69
N LYS B 67 3.33 36.41 -1.73
CA LYS B 67 2.49 36.74 -2.84
C LYS B 67 3.44 36.88 -3.99
N ALA B 68 3.07 36.24 -5.10
CA ALA B 68 3.79 36.08 -6.37
C ALA B 68 4.97 35.14 -6.26
N THR B 69 4.94 34.29 -5.25
CA THR B 69 6.00 33.33 -5.17
C THR B 69 6.09 33.04 -6.66
N LEU B 70 7.30 33.16 -7.14
CA LEU B 70 7.71 33.21 -8.54
C LEU B 70 8.54 31.95 -8.77
N THR B 71 9.01 31.74 -10.00
CA THR B 71 10.02 30.74 -10.31
C THR B 71 11.40 31.40 -10.39
N VAL B 72 12.41 30.63 -10.78
CA VAL B 72 13.77 31.18 -10.90
C VAL B 72 13.85 32.15 -12.07
N ASP B 73 14.91 32.96 -12.06
CA ASP B 73 15.26 33.81 -13.18
C ASP B 73 16.55 33.40 -13.86
N THR B 74 17.30 32.45 -13.27
CA THR B 74 18.53 31.80 -13.77
C THR B 74 19.72 32.75 -13.94
N SER B 75 19.53 34.04 -13.67
CA SER B 75 20.67 34.97 -13.68
C SER B 75 21.43 34.88 -12.36
N SER B 76 20.72 35.13 -11.25
CA SER B 76 21.22 34.78 -9.93
C SER B 76 20.84 33.36 -9.54
N SER B 77 19.93 32.75 -10.28
CA SER B 77 19.62 31.32 -10.31
C SER B 77 19.03 30.76 -9.03
N THR B 78 18.88 31.56 -7.97
CA THR B 78 18.05 31.25 -6.81
C THR B 78 17.21 32.45 -6.47
N ALA B 79 16.51 33.01 -7.45
CA ALA B 79 15.74 34.23 -7.24
C ALA B 79 14.27 33.97 -7.50
N TYR B 80 13.50 33.95 -6.41
CA TYR B 80 12.07 34.24 -6.47
C TYR B 80 11.67 34.86 -5.13
N MET B 81 10.40 34.69 -4.74
CA MET B 81 9.71 35.41 -3.66
C MET B 81 9.50 36.88 -4.04
N GLN B 82 8.78 37.07 -5.14
CA GLN B 82 8.14 38.34 -5.45
C GLN B 82 6.90 38.48 -4.57
N LEU B 83 6.61 39.69 -4.11
CA LEU B 83 5.43 39.86 -3.28
C LEU B 83 4.69 41.13 -3.66
N ASN B 84 3.67 41.49 -2.88
CA ASN B 84 2.94 42.75 -3.04
C ASN B 84 3.53 43.86 -2.18
N SER B 85 4.12 43.51 -1.03
CA SER B 85 4.75 44.44 -0.08
C SER B 85 3.76 45.48 0.44
N LEU B 86 2.82 45.01 1.26
CA LEU B 86 1.77 45.84 1.83
C LEU B 86 2.34 46.85 2.83
N THR B 87 1.47 47.75 3.28
CA THR B 87 1.88 48.83 4.17
C THR B 87 2.12 48.34 5.59
N SER B 88 3.39 48.35 6.00
CA SER B 88 3.81 48.30 7.41
C SER B 88 3.45 46.99 8.11
N GLU B 89 3.52 45.87 7.40
CA GLU B 89 3.39 44.58 8.08
C GLU B 89 4.54 43.65 7.76
N ASP B 90 5.10 43.72 6.54
CA ASP B 90 6.09 42.76 6.07
C ASP B 90 7.49 43.02 6.61
N SER B 91 7.62 43.78 7.70
CA SER B 91 8.88 43.96 8.40
C SER B 91 9.31 42.62 8.97
N ALA B 92 10.36 42.05 8.42
CA ALA B 92 10.77 40.69 8.72
C ALA B 92 12.20 40.52 8.25
N VAL B 93 12.74 39.31 8.39
CA VAL B 93 13.93 38.91 7.65
C VAL B 93 13.53 37.68 6.85
N TYR B 94 14.25 37.46 5.74
CA TYR B 94 13.86 36.43 4.78
C TYR B 94 15.06 35.57 4.43
N TYR B 95 15.02 34.31 4.86
CA TYR B 95 16.06 33.34 4.57
C TYR B 95 15.67 32.44 3.42
N CYS B 96 16.65 32.11 2.57
CA CYS B 96 16.47 31.05 1.58
C CYS B 96 17.40 29.90 1.93
N ALA B 97 16.87 28.67 1.84
CA ALA B 97 17.55 27.48 2.34
C ALA B 97 17.48 26.39 1.28
N ILE B 98 18.57 26.22 0.52
CA ILE B 98 18.52 25.28 -0.59
C ILE B 98 19.49 24.12 -0.28
N PRO B 99 19.21 22.90 -0.76
CA PRO B 99 20.08 21.76 -0.44
C PRO B 99 21.18 21.46 -1.45
N TYR B 100 22.29 20.95 -0.94
CA TYR B 100 23.48 20.69 -1.74
C TYR B 100 24.00 19.27 -1.55
N ASP B 101 23.09 18.28 -1.50
CA ASP B 101 23.43 16.88 -1.75
C ASP B 101 24.44 16.21 -0.81
N TYR B 102 23.91 15.68 0.30
CA TYR B 102 24.67 15.12 1.42
C TYR B 102 23.99 15.79 2.63
N ASP B 103 23.21 16.81 2.30
CA ASP B 103 22.31 17.58 3.13
C ASP B 103 21.11 17.44 2.24
N GLU B 104 20.58 16.23 2.18
CA GLU B 104 19.57 15.90 1.16
C GLU B 104 18.23 16.61 1.33
N GLY B 105 17.92 17.51 0.41
CA GLY B 105 16.58 18.08 0.35
C GLY B 105 16.28 19.16 1.38
N TRP B 106 16.69 18.95 2.62
CA TRP B 106 16.18 19.74 3.73
C TRP B 106 16.87 21.09 3.87
N PHE B 107 18.14 21.08 4.28
CA PHE B 107 18.86 22.32 4.59
C PHE B 107 20.34 22.04 4.39
N ALA B 108 20.91 22.59 3.31
CA ALA B 108 22.36 22.54 3.29
C ALA B 108 22.96 23.71 4.06
N TYR B 109 22.85 24.90 3.50
CA TYR B 109 23.49 26.10 4.03
C TYR B 109 22.58 27.25 3.67
N TRP B 110 22.46 28.22 4.57
CA TRP B 110 21.54 29.33 4.38
C TRP B 110 22.31 30.60 4.05
N GLY B 111 21.54 31.65 3.83
CA GLY B 111 22.10 32.98 3.82
C GLY B 111 21.94 33.64 5.17
N GLN B 112 22.44 34.87 5.26
CA GLN B 112 22.25 35.67 6.45
C GLN B 112 20.90 36.38 6.48
N GLY B 113 20.12 36.29 5.40
CA GLY B 113 18.74 36.75 5.46
C GLY B 113 18.62 38.21 5.04
N THR B 114 17.54 38.51 4.34
CA THR B 114 17.29 39.86 3.83
C THR B 114 16.18 40.51 4.63
N LEU B 115 16.51 41.57 5.35
CA LEU B 115 15.50 42.35 6.06
C LEU B 115 14.73 43.21 5.07
N VAL B 116 13.41 43.10 5.10
CA VAL B 116 12.53 43.91 4.27
C VAL B 116 11.96 45.01 5.14
N THR B 117 12.35 46.25 4.86
CA THR B 117 11.93 47.40 5.65
C THR B 117 10.72 48.04 4.99
N VAL B 118 9.54 47.76 5.55
CA VAL B 118 8.36 48.58 5.30
C VAL B 118 8.22 49.51 6.51
N SER B 119 8.55 50.78 6.31
CA SER B 119 8.54 51.72 7.43
C SER B 119 7.97 53.07 7.01
N ALA B 120 7.15 53.09 5.97
CA ALA B 120 6.50 54.32 5.53
C ALA B 120 5.01 54.23 5.80
N ASN C 71 -36.49 -37.73 16.10
CA ASN C 71 -35.78 -36.47 15.99
C ASN C 71 -34.74 -36.52 14.88
N HIS C 72 -34.23 -35.34 14.53
CA HIS C 72 -33.18 -35.17 13.55
C HIS C 72 -32.08 -34.28 14.11
N HIS C 73 -31.79 -34.39 15.40
CA HIS C 73 -30.73 -33.60 16.01
C HIS C 73 -29.38 -34.12 15.54
N SER C 74 -28.60 -33.26 14.94
CA SER C 74 -27.33 -33.64 14.44
C SER C 74 -26.26 -33.67 15.52
N THR C 75 -25.40 -34.70 15.50
CA THR C 75 -24.28 -34.81 16.42
C THR C 75 -22.95 -34.58 15.71
N GLN C 76 -22.97 -33.73 14.68
CA GLN C 76 -21.76 -33.47 13.91
C GLN C 76 -20.83 -32.51 14.64
N GLU C 77 -21.38 -31.40 15.13
CA GLU C 77 -20.58 -30.35 15.73
C GLU C 77 -20.31 -30.57 17.22
N THR C 78 -20.44 -31.82 17.69
CA THR C 78 -19.97 -32.20 19.01
C THR C 78 -18.89 -33.28 18.94
N ALA C 79 -18.37 -33.56 17.75
CA ALA C 79 -17.34 -34.57 17.60
C ALA C 79 -15.99 -34.05 18.09
N ILE C 80 -14.99 -34.92 18.03
CA ILE C 80 -13.68 -34.58 18.57
C ILE C 80 -12.96 -33.58 17.68
N GLY C 81 -13.15 -33.67 16.37
CA GLY C 81 -12.45 -32.77 15.47
C GLY C 81 -12.99 -31.35 15.50
N ASN C 82 -14.31 -31.21 15.64
CA ASN C 82 -14.92 -29.89 15.69
C ASN C 82 -14.72 -29.22 17.04
N PHE C 83 -14.42 -29.98 18.09
CA PHE C 83 -14.23 -29.40 19.40
C PHE C 83 -12.87 -28.73 19.54
N PHE C 84 -11.86 -29.22 18.83
CA PHE C 84 -10.50 -28.72 18.98
C PHE C 84 -10.08 -27.76 17.88
N SER C 85 -10.83 -27.65 16.82
CA SER C 85 -10.38 -26.78 15.79
C SER C 85 -10.74 -25.32 15.96
N ARG C 86 -10.28 -24.74 17.03
CA ARG C 86 -10.42 -23.33 17.35
C ARG C 86 -9.08 -22.80 17.80
N ALA C 87 -8.65 -21.69 17.23
CA ALA C 87 -7.33 -21.14 17.50
C ALA C 87 -7.29 -20.48 18.86
N GLY C 88 -6.55 -21.07 19.80
CA GLY C 88 -6.41 -20.52 21.13
C GLY C 88 -5.03 -19.95 21.36
N LEU C 89 -4.94 -18.99 22.28
CA LEU C 89 -3.66 -18.35 22.57
C LEU C 89 -2.76 -19.31 23.34
N VAL C 90 -1.48 -19.35 22.96
CA VAL C 90 -0.54 -20.23 23.60
C VAL C 90 0.69 -19.51 24.17
N SER C 91 1.01 -18.31 23.69
CA SER C 91 2.20 -17.62 24.15
C SER C 91 2.07 -16.13 23.87
N ILE C 92 2.71 -15.33 24.71
CA ILE C 92 2.92 -13.91 24.44
C ILE C 92 4.41 -13.65 24.56
N ILE C 93 5.04 -13.25 23.46
CA ILE C 93 6.47 -13.08 23.39
C ILE C 93 6.75 -11.59 23.25
N THR C 94 7.49 -11.03 24.21
CA THR C 94 7.71 -9.60 24.29
C THR C 94 9.19 -9.28 24.10
N MET C 95 9.46 -8.17 23.42
CA MET C 95 10.82 -7.63 23.25
C MET C 95 10.80 -6.19 23.72
N PRO C 96 11.02 -5.94 25.02
CA PRO C 96 10.93 -4.59 25.60
C PRO C 96 12.05 -3.67 25.15
N ASP C 104 18.39 -7.11 23.33
CA ASP C 104 19.17 -6.86 22.12
C ASP C 104 18.38 -7.02 20.85
N GLY C 105 17.06 -7.10 20.93
CA GLY C 105 16.26 -7.27 19.74
C GLY C 105 16.07 -8.70 19.32
N TYR C 106 16.24 -9.66 20.23
CA TYR C 106 16.03 -11.06 19.93
C TYR C 106 15.61 -11.76 21.22
N VAL C 107 14.85 -12.83 21.07
CA VAL C 107 14.46 -13.68 22.18
C VAL C 107 14.62 -15.13 21.75
N ASN C 108 14.79 -16.01 22.73
CA ASN C 108 14.86 -17.45 22.50
C ASN C 108 13.76 -18.06 23.35
N TRP C 109 12.53 -18.06 22.84
CA TRP C 109 11.40 -18.54 23.63
C TRP C 109 11.39 -20.05 23.60
N ASP C 110 11.53 -20.65 24.78
CA ASP C 110 11.47 -22.11 24.92
C ASP C 110 10.04 -22.51 24.63
N ILE C 111 9.84 -23.69 24.05
CA ILE C 111 8.48 -24.11 23.73
C ILE C 111 7.82 -24.74 24.94
N ASP C 112 6.66 -24.22 25.26
CA ASP C 112 5.77 -24.81 26.22
C ASP C 112 4.43 -24.24 25.87
N LEU C 113 3.51 -25.09 25.53
CA LEU C 113 2.20 -24.64 25.09
C LEU C 113 1.14 -24.87 26.17
N MET C 114 1.56 -25.04 27.42
CA MET C 114 0.66 -25.23 28.55
C MET C 114 0.76 -24.07 29.54
N GLY C 115 0.87 -22.84 29.02
CA GLY C 115 1.01 -21.69 29.87
C GLY C 115 -0.21 -20.80 29.94
N TYR C 116 -1.28 -21.19 29.25
CA TYR C 116 -2.50 -20.41 29.23
C TYR C 116 -3.68 -21.34 29.48
N ALA C 117 -4.55 -20.95 30.41
CA ALA C 117 -5.43 -21.89 31.08
C ALA C 117 -6.62 -22.36 30.25
N GLN C 118 -7.05 -21.61 29.25
CA GLN C 118 -8.25 -22.03 28.52
C GLN C 118 -7.96 -23.17 27.57
N LEU C 119 -6.87 -23.10 26.82
CA LEU C 119 -6.52 -24.23 25.95
C LEU C 119 -5.97 -25.40 26.75
N ARG C 120 -5.34 -25.11 27.90
CA ARG C 120 -4.74 -26.18 28.70
C ARG C 120 -5.79 -27.06 29.35
N ARG C 121 -6.92 -26.49 29.78
CA ARG C 121 -7.98 -27.28 30.37
C ARG C 121 -8.65 -28.17 29.34
N LYS C 122 -8.67 -27.73 28.07
CA LYS C 122 -9.25 -28.56 27.01
C LYS C 122 -8.32 -29.71 26.64
N CYS C 123 -7.05 -29.43 26.40
CA CYS C 123 -6.11 -30.45 25.95
C CYS C 123 -5.80 -31.47 27.03
N GLU C 124 -5.97 -31.14 28.31
CA GLU C 124 -5.76 -32.09 29.39
C GLU C 124 -7.03 -32.83 29.78
N LEU C 125 -8.03 -32.87 28.89
CA LEU C 125 -9.16 -33.77 29.09
C LEU C 125 -8.76 -35.21 28.80
N PHE C 126 -8.01 -35.41 27.72
CA PHE C 126 -7.53 -36.73 27.32
C PHE C 126 -6.07 -36.91 27.72
N THR C 127 -5.67 -38.17 27.87
CA THR C 127 -4.30 -38.47 28.25
C THR C 127 -3.35 -38.31 27.06
N TYR C 128 -3.60 -39.04 25.99
CA TYR C 128 -2.75 -39.03 24.81
C TYR C 128 -3.48 -38.36 23.65
N MET C 129 -2.75 -37.55 22.89
CA MET C 129 -3.33 -36.82 21.77
C MET C 129 -2.34 -36.80 20.61
N ARG C 130 -2.86 -36.92 19.40
CA ARG C 130 -2.04 -36.98 18.19
C ARG C 130 -2.69 -36.09 17.14
N PHE C 131 -1.96 -35.07 16.68
CA PHE C 131 -2.57 -34.07 15.82
C PHE C 131 -1.50 -33.32 15.05
N ASP C 132 -1.93 -32.64 13.99
CA ASP C 132 -1.15 -31.59 13.37
C ASP C 132 -1.61 -30.25 13.93
N ALA C 133 -1.05 -29.16 13.42
CA ALA C 133 -1.40 -27.86 13.96
C ALA C 133 -1.26 -26.79 12.90
N GLU C 134 -1.88 -25.65 13.18
CA GLU C 134 -1.80 -24.46 12.35
C GLU C 134 -1.45 -23.28 13.25
N PHE C 135 -0.20 -22.85 13.22
CA PHE C 135 0.23 -21.74 14.06
C PHE C 135 0.02 -20.42 13.33
N THR C 136 -0.27 -19.39 14.11
CA THR C 136 -0.54 -18.07 13.57
C THR C 136 0.09 -17.02 14.47
N PHE C 137 0.91 -16.15 13.88
CA PHE C 137 1.71 -15.19 14.64
C PHE C 137 1.17 -13.78 14.38
N VAL C 138 0.48 -13.23 15.36
CA VAL C 138 -0.05 -11.88 15.30
C VAL C 138 0.87 -10.97 16.08
N VAL C 139 1.49 -10.01 15.39
CA VAL C 139 2.57 -9.21 15.95
C VAL C 139 2.20 -7.73 15.87
N ALA C 140 2.40 -7.01 16.97
CA ALA C 140 2.12 -5.58 17.03
C ALA C 140 2.98 -4.97 18.13
N LYS C 141 2.86 -3.66 18.27
CA LYS C 141 3.48 -2.92 19.35
C LYS C 141 2.71 -3.16 20.65
N PRO C 142 3.24 -2.74 21.80
CA PRO C 142 2.49 -2.93 23.06
C PRO C 142 1.13 -2.23 23.16
N ASN C 143 0.78 -1.34 22.24
CA ASN C 143 -0.56 -0.74 22.29
C ASN C 143 -1.30 -0.89 20.97
N GLY C 144 -1.01 -1.96 20.21
CA GLY C 144 -1.78 -2.28 19.02
C GLY C 144 -1.42 -1.50 17.78
N VAL C 145 -0.47 -0.58 17.86
CA VAL C 145 -0.06 0.20 16.71
C VAL C 145 0.84 -0.66 15.84
N LEU C 146 0.78 -0.46 14.52
CA LEU C 146 1.57 -1.22 13.56
C LEU C 146 2.47 -0.28 12.80
N VAL C 147 3.79 -0.52 12.88
CA VAL C 147 4.77 0.29 12.17
C VAL C 147 5.51 -0.62 11.20
N PRO C 148 5.98 -0.09 10.10
CA PRO C 148 6.64 -1.06 9.26
C PRO C 148 7.88 -1.47 9.97
N GLN C 149 8.15 -2.74 10.07
CA GLN C 149 9.34 -3.32 10.69
C GLN C 149 9.46 -4.76 10.22
N LEU C 150 10.62 -5.11 9.68
CA LEU C 150 10.84 -6.45 9.17
C LEU C 150 11.27 -7.37 10.30
N LEU C 151 10.65 -8.54 10.38
CA LEU C 151 10.93 -9.51 11.43
C LEU C 151 11.37 -10.83 10.80
N GLN C 152 11.78 -11.77 11.64
CA GLN C 152 12.14 -13.10 11.19
C GLN C 152 11.90 -14.07 12.33
N TYR C 153 11.07 -15.08 12.09
CA TYR C 153 10.90 -16.18 13.03
C TYR C 153 11.69 -17.37 12.53
N MET C 154 12.18 -18.18 13.47
CA MET C 154 12.97 -19.36 13.11
C MET C 154 12.69 -20.46 14.11
N TYR C 155 12.24 -21.60 13.61
CA TYR C 155 11.99 -22.75 14.46
C TYR C 155 13.28 -23.54 14.64
N VAL C 156 13.70 -23.73 15.88
CA VAL C 156 14.95 -24.38 16.20
C VAL C 156 14.66 -25.76 16.78
N PRO C 157 15.00 -26.84 16.07
CA PRO C 157 14.78 -28.18 16.60
C PRO C 157 15.74 -28.47 17.75
N PRO C 158 15.44 -29.46 18.61
CA PRO C 158 16.34 -29.75 19.74
C PRO C 158 17.67 -30.37 19.30
N GLY C 159 18.73 -29.58 19.40
CA GLY C 159 20.04 -30.04 18.96
C GLY C 159 20.72 -29.05 18.04
N ALA C 160 19.91 -28.20 17.40
CA ALA C 160 20.43 -27.19 16.49
C ALA C 160 21.12 -26.09 17.28
N PRO C 161 22.07 -25.37 16.66
CA PRO C 161 22.73 -24.26 17.36
C PRO C 161 21.79 -23.07 17.54
N LYS C 162 21.68 -22.64 18.80
CA LYS C 162 20.83 -21.49 19.09
C LYS C 162 21.49 -20.19 18.63
N PRO C 163 20.68 -19.17 18.31
CA PRO C 163 21.23 -17.83 18.11
C PRO C 163 21.61 -17.18 19.42
N THR C 164 22.72 -16.44 19.39
CA THR C 164 23.25 -15.79 20.58
C THR C 164 23.13 -14.28 20.54
N SER C 165 23.16 -13.66 19.36
CA SER C 165 23.06 -12.21 19.26
C SER C 165 22.00 -11.83 18.24
N ARG C 166 21.92 -10.54 17.91
CA ARG C 166 21.00 -10.11 16.87
C ARG C 166 21.45 -10.59 15.50
N ASP C 167 22.75 -10.70 15.28
CA ASP C 167 23.30 -11.27 14.05
C ASP C 167 24.36 -12.33 14.38
N SER C 168 23.89 -13.53 14.69
CA SER C 168 24.76 -14.67 14.88
C SER C 168 24.93 -15.40 13.56
N PHE C 169 25.61 -16.54 13.60
CA PHE C 169 25.72 -17.36 12.41
C PHE C 169 24.52 -18.27 12.21
N ALA C 170 23.66 -18.41 13.22
CA ALA C 170 22.52 -19.30 13.12
C ALA C 170 21.33 -18.68 12.39
N TRP C 171 21.39 -17.40 12.05
CA TRP C 171 20.31 -16.74 11.34
C TRP C 171 20.40 -16.92 9.83
N GLN C 172 21.38 -17.68 9.35
CA GLN C 172 21.48 -17.94 7.92
C GLN C 172 20.43 -18.92 7.43
N THR C 173 20.02 -19.86 8.30
CA THR C 173 18.87 -20.75 8.10
C THR C 173 19.00 -21.60 6.85
N ALA C 174 20.17 -22.23 6.67
CA ALA C 174 20.33 -23.17 5.58
C ALA C 174 19.70 -24.52 5.91
N THR C 175 19.37 -24.77 7.16
CA THR C 175 18.71 -26.01 7.55
C THR C 175 17.36 -25.80 8.22
N ASN C 176 17.21 -24.78 9.05
CA ASN C 176 15.96 -24.61 9.79
C ASN C 176 14.94 -23.83 8.96
N PRO C 177 13.65 -24.11 9.12
CA PRO C 177 12.64 -23.31 8.44
C PRO C 177 12.51 -21.93 9.08
N SER C 178 12.08 -20.96 8.28
CA SER C 178 12.03 -19.59 8.75
C SER C 178 10.99 -18.81 7.98
N VAL C 179 10.39 -17.82 8.64
CA VAL C 179 9.37 -16.97 8.06
C VAL C 179 9.86 -15.53 8.14
N PHE C 180 9.85 -14.84 7.00
CA PHE C 180 10.15 -13.42 6.95
C PHE C 180 8.86 -12.68 6.65
N VAL C 181 8.41 -11.85 7.57
CA VAL C 181 7.16 -11.12 7.40
C VAL C 181 7.26 -9.78 8.11
N LYS C 182 6.64 -8.78 7.49
CA LYS C 182 6.53 -7.40 7.91
C LYS C 182 5.49 -7.19 8.97
N MET C 183 5.66 -6.29 9.92
CA MET C 183 4.60 -6.11 10.90
C MET C 183 3.32 -5.59 10.28
N THR C 184 3.41 -4.93 9.13
CA THR C 184 2.25 -4.35 8.48
C THR C 184 1.43 -5.38 7.69
N ASP C 185 2.02 -6.53 7.34
CA ASP C 185 1.33 -7.56 6.60
C ASP C 185 0.24 -8.23 7.43
N PRO C 186 -0.66 -8.98 6.79
CA PRO C 186 -1.50 -9.90 7.54
C PRO C 186 -0.66 -10.93 8.27
N PRO C 187 -1.17 -11.50 9.37
CA PRO C 187 -0.36 -12.41 10.18
C PRO C 187 -0.02 -13.71 9.46
N ALA C 188 1.18 -14.21 9.72
CA ALA C 188 1.68 -15.37 9.01
C ALA C 188 1.06 -16.64 9.55
N GLN C 189 1.01 -17.66 8.70
CA GLN C 189 0.48 -18.96 9.06
C GLN C 189 1.38 -20.06 8.53
N VAL C 190 1.64 -21.05 9.37
CA VAL C 190 2.33 -22.27 8.96
C VAL C 190 1.52 -23.47 9.41
N SER C 191 1.93 -24.65 8.96
CA SER C 191 1.20 -25.88 9.23
C SER C 191 2.22 -26.94 9.62
N VAL C 192 2.49 -27.06 10.91
CA VAL C 192 3.50 -28.00 11.37
C VAL C 192 2.90 -29.40 11.43
N PRO C 193 3.70 -30.45 11.20
CA PRO C 193 3.16 -31.80 11.33
C PRO C 193 3.37 -32.37 12.71
N PHE C 194 2.90 -33.60 12.92
CA PHE C 194 3.11 -34.30 14.18
C PHE C 194 4.55 -34.82 14.21
N MET C 195 5.37 -34.23 15.08
CA MET C 195 6.81 -34.44 15.06
C MET C 195 7.33 -35.04 16.35
N SER C 196 6.61 -35.94 16.92
CA SER C 196 7.08 -36.55 18.15
C SER C 196 7.63 -37.95 17.89
N PRO C 197 8.66 -38.37 18.64
CA PRO C 197 9.21 -39.71 18.42
C PRO C 197 8.27 -40.84 18.84
N ALA C 198 7.34 -40.58 19.75
CA ALA C 198 6.39 -41.59 20.18
C ALA C 198 5.19 -41.62 19.23
N SER C 199 4.17 -42.40 19.57
CA SER C 199 2.98 -42.47 18.72
C SER C 199 2.10 -41.25 18.89
N ALA C 200 2.11 -40.62 20.06
CA ALA C 200 1.26 -39.47 20.33
C ALA C 200 1.89 -38.64 21.43
N TYR C 201 1.48 -37.38 21.50
CA TYR C 201 1.86 -36.55 22.63
C TYR C 201 1.20 -37.06 23.91
N GLN C 202 1.78 -36.70 25.04
CA GLN C 202 1.15 -37.02 26.31
C GLN C 202 1.37 -35.87 27.27
N TRP C 203 0.30 -35.45 27.93
CA TRP C 203 0.35 -34.37 28.91
C TRP C 203 0.57 -34.88 30.32
N PHE C 204 0.67 -36.19 30.50
CA PHE C 204 0.88 -36.79 31.81
C PHE C 204 1.91 -37.90 31.67
N TYR C 205 2.87 -37.93 32.59
CA TYR C 205 3.97 -38.89 32.50
C TYR C 205 4.36 -39.29 33.92
N ASP C 206 3.82 -40.41 34.40
CA ASP C 206 4.17 -40.91 35.73
C ASP C 206 5.52 -41.61 35.63
N GLY C 207 6.58 -40.85 35.82
CA GLY C 207 7.91 -41.42 35.84
C GLY C 207 8.96 -40.37 35.60
N TYR C 208 10.21 -40.80 35.75
CA TYR C 208 11.42 -40.02 35.56
C TYR C 208 12.05 -40.32 34.22
N PRO C 209 12.63 -39.33 33.53
CA PRO C 209 13.16 -39.59 32.19
C PRO C 209 14.48 -40.34 32.19
N THR C 210 15.29 -40.18 33.23
CA THR C 210 16.62 -40.79 33.27
C THR C 210 16.65 -41.89 34.32
N PHE C 211 17.76 -42.60 34.34
CA PHE C 211 18.03 -43.59 35.37
C PHE C 211 18.81 -42.94 36.51
N GLY C 212 19.33 -43.76 37.41
CA GLY C 212 20.25 -43.28 38.43
C GLY C 212 19.55 -43.05 39.76
N GLU C 213 20.28 -42.34 40.62
CA GLU C 213 19.77 -42.04 41.95
C GLU C 213 18.71 -40.95 41.86
N HIS C 214 17.71 -41.01 42.73
CA HIS C 214 16.67 -39.99 42.81
C HIS C 214 16.62 -39.47 44.24
N LEU C 215 17.48 -38.51 44.53
CA LEU C 215 17.50 -37.85 45.83
C LEU C 215 16.59 -36.62 45.78
N GLN C 216 16.67 -35.78 46.81
CA GLN C 216 15.75 -34.67 46.96
C GLN C 216 16.00 -33.57 45.93
N ALA C 217 17.26 -33.31 45.61
CA ALA C 217 17.59 -32.19 44.74
C ALA C 217 17.36 -32.45 43.27
N ASN C 218 16.85 -33.62 42.90
CA ASN C 218 16.67 -33.98 41.49
C ASN C 218 15.21 -33.94 41.06
N ASP C 219 14.32 -33.41 41.89
CA ASP C 219 12.89 -33.52 41.61
C ASP C 219 12.35 -32.37 40.76
N LEU C 220 13.17 -31.83 39.86
CA LEU C 220 12.62 -30.98 38.81
C LEU C 220 12.08 -31.79 37.64
N ASP C 221 12.61 -32.99 37.42
CA ASP C 221 12.30 -33.72 36.19
C ASP C 221 11.22 -34.78 36.38
N TYR C 222 10.57 -34.84 37.54
CA TYR C 222 9.45 -35.75 37.72
C TYR C 222 8.28 -35.29 36.85
N GLY C 223 7.82 -36.18 35.97
CA GLY C 223 6.77 -35.79 35.05
C GLY C 223 7.24 -34.92 33.92
N GLN C 224 8.47 -35.11 33.45
CA GLN C 224 9.01 -34.37 32.31
C GLN C 224 9.42 -35.40 31.26
N CYS C 225 8.53 -35.66 30.32
CA CYS C 225 8.89 -36.61 29.28
C CYS C 225 9.73 -35.93 28.20
N PRO C 226 10.77 -36.59 27.69
CA PRO C 226 11.65 -35.94 26.72
C PRO C 226 11.05 -35.84 25.34
N ASN C 227 10.03 -36.63 25.01
CA ASN C 227 9.43 -36.62 23.69
C ASN C 227 8.30 -35.61 23.54
N ASN C 228 8.30 -34.56 24.37
CA ASN C 228 7.42 -33.43 24.18
C ASN C 228 8.17 -32.13 23.96
N MET C 229 9.45 -32.06 24.34
CA MET C 229 10.26 -30.87 24.12
C MET C 229 10.56 -30.75 22.65
N MET C 230 9.95 -29.78 21.98
CA MET C 230 10.08 -29.61 20.54
C MET C 230 11.09 -28.53 20.19
N GLY C 231 12.14 -28.37 20.99
CA GLY C 231 13.10 -27.34 20.75
C GLY C 231 12.55 -25.97 21.10
N THR C 232 13.19 -24.94 20.57
CA THR C 232 12.82 -23.58 20.86
C THR C 232 12.31 -22.89 19.60
N PHE C 233 11.95 -21.63 19.77
CA PHE C 233 11.39 -20.81 18.70
C PHE C 233 11.87 -19.40 18.93
N SER C 234 12.76 -18.91 18.07
CA SER C 234 13.46 -17.66 18.30
C SER C 234 13.09 -16.65 17.22
N ILE C 235 12.78 -15.43 17.65
CA ILE C 235 12.44 -14.34 16.73
C ILE C 235 13.50 -13.26 16.88
N ARG C 236 13.55 -12.36 15.89
CA ARG C 236 14.46 -11.23 15.92
C ARG C 236 13.96 -10.16 14.98
N THR C 237 14.54 -8.97 15.10
CA THR C 237 14.44 -7.97 14.06
C THR C 237 15.57 -8.19 13.08
N VAL C 238 15.33 -7.89 11.81
CA VAL C 238 16.18 -8.39 10.75
C VAL C 238 17.52 -7.67 10.67
N GLY C 239 17.55 -6.35 10.83
CA GLY C 239 18.75 -5.59 10.56
C GLY C 239 19.85 -5.79 11.59
N THR C 240 21.07 -5.44 11.17
CA THR C 240 22.25 -5.56 12.03
C THR C 240 22.40 -4.41 13.01
N GLU C 241 21.66 -3.32 12.83
CA GLU C 241 21.61 -2.25 13.82
C GLU C 241 20.54 -2.60 14.84
N LYS C 242 20.17 -1.63 15.68
CA LYS C 242 19.17 -1.87 16.71
C LYS C 242 17.92 -1.06 16.39
N SER C 243 16.79 -1.76 16.28
CA SER C 243 15.55 -1.10 15.89
C SER C 243 14.94 -0.38 17.08
N PRO C 244 14.27 0.75 16.87
CA PRO C 244 13.72 1.52 17.99
C PRO C 244 12.32 1.12 18.42
N HIS C 245 11.76 0.03 17.90
CA HIS C 245 10.38 -0.32 18.21
C HIS C 245 10.33 -1.51 19.17
N SER C 246 9.20 -1.63 19.86
CA SER C 246 8.95 -2.71 20.80
C SER C 246 8.00 -3.72 20.17
N ILE C 247 8.25 -5.01 20.42
CA ILE C 247 7.54 -6.09 19.75
C ILE C 247 6.84 -6.94 20.80
N THR C 248 5.55 -7.18 20.60
CA THR C 248 4.82 -8.23 21.32
C THR C 248 4.20 -9.17 20.31
N LEU C 249 4.64 -10.43 20.31
CA LEU C 249 4.11 -11.46 19.46
C LEU C 249 3.04 -12.25 20.19
N ARG C 250 1.97 -12.59 19.49
CA ARG C 250 0.93 -13.46 20.02
C ARG C 250 0.76 -14.64 19.08
N VAL C 251 0.88 -15.85 19.62
CA VAL C 251 0.84 -17.07 18.83
C VAL C 251 -0.46 -17.79 19.14
N TYR C 252 -1.15 -18.22 18.08
CA TYR C 252 -2.40 -18.97 18.20
C TYR C 252 -2.25 -20.29 17.47
N MET C 253 -2.83 -21.35 18.02
CA MET C 253 -2.65 -22.70 17.50
C MET C 253 -4.00 -23.36 17.27
N ARG C 254 -4.26 -23.77 16.02
CA ARG C 254 -5.38 -24.64 15.73
C ARG C 254 -4.93 -26.09 15.79
N ILE C 255 -5.90 -27.00 15.82
CA ILE C 255 -5.63 -28.43 15.92
C ILE C 255 -6.42 -29.13 14.82
N LYS C 256 -5.73 -29.79 13.91
CA LYS C 256 -6.34 -30.49 12.81
C LYS C 256 -5.95 -31.96 12.84
N HIS C 257 -6.86 -32.82 12.37
CA HIS C 257 -6.69 -34.27 12.27
C HIS C 257 -6.34 -34.90 13.63
N VAL C 258 -7.20 -34.65 14.60
CA VAL C 258 -6.92 -34.99 15.98
C VAL C 258 -7.45 -36.39 16.28
N ARG C 259 -6.65 -37.16 17.00
CA ARG C 259 -7.08 -38.44 17.58
C ARG C 259 -6.67 -38.46 19.04
N ALA C 260 -7.59 -38.85 19.91
CA ALA C 260 -7.36 -38.80 21.35
C ALA C 260 -7.58 -40.17 21.98
N TRP C 261 -7.12 -40.31 23.22
CA TRP C 261 -7.24 -41.55 23.95
C TRP C 261 -7.34 -41.28 25.44
N ILE C 262 -8.10 -42.13 26.13
CA ILE C 262 -8.15 -42.25 27.60
C ILE C 262 -8.54 -40.94 28.27
N PRO C 263 -9.82 -40.57 28.26
CA PRO C 263 -10.22 -39.32 28.90
C PRO C 263 -10.04 -39.35 30.42
N ARG C 264 -9.75 -38.17 30.97
CA ARG C 264 -9.40 -37.98 32.36
C ARG C 264 -10.40 -37.04 33.03
N PRO C 265 -10.47 -37.02 34.36
CA PRO C 265 -11.27 -36.00 35.04
C PRO C 265 -10.70 -34.60 34.80
N LEU C 266 -11.61 -33.65 34.62
CA LEU C 266 -11.21 -32.27 34.33
C LEU C 266 -10.69 -31.58 35.59
N ARG C 267 -10.04 -30.45 35.37
CA ARG C 267 -9.41 -29.70 36.46
C ARG C 267 -10.38 -28.69 37.04
N ASN C 268 -10.35 -28.55 38.36
CA ASN C 268 -11.15 -27.56 39.07
C ASN C 268 -10.33 -26.51 39.80
N GLN C 269 -9.21 -26.88 40.40
CA GLN C 269 -8.30 -25.92 40.99
C GLN C 269 -7.59 -25.11 39.92
N PRO C 270 -7.24 -23.86 40.19
CA PRO C 270 -6.53 -23.06 39.19
C PRO C 270 -5.11 -23.53 39.00
N TYR C 271 -4.50 -23.07 37.92
CA TYR C 271 -3.16 -23.50 37.54
C TYR C 271 -2.11 -22.60 38.20
N LEU C 272 -0.97 -23.18 38.50
CA LEU C 272 0.10 -22.46 39.18
C LEU C 272 1.40 -22.43 38.40
N PHE C 273 1.79 -23.53 37.76
CA PHE C 273 3.02 -23.57 36.98
C PHE C 273 2.74 -24.19 35.61
N LYS C 274 3.80 -24.45 34.87
CA LYS C 274 3.68 -25.01 33.54
C LYS C 274 3.98 -26.50 33.47
N THR C 275 4.75 -27.04 34.40
CA THR C 275 5.31 -28.38 34.26
C THR C 275 4.76 -29.39 35.26
N ASN C 276 3.83 -29.00 36.13
CA ASN C 276 3.38 -29.91 37.16
C ASN C 276 1.96 -29.53 37.59
N PRO C 277 1.17 -30.50 38.05
CA PRO C 277 -0.23 -30.20 38.40
C PRO C 277 -0.43 -29.65 39.81
N ASN C 278 0.61 -29.12 40.45
CA ASN C 278 0.51 -28.68 41.83
C ASN C 278 -0.47 -27.53 42.00
N TYR C 279 -1.12 -27.49 43.16
CA TYR C 279 -2.25 -26.62 43.42
C TYR C 279 -2.05 -25.91 44.76
N LYS C 280 -2.84 -24.86 44.98
CA LYS C 280 -2.78 -24.13 46.22
C LYS C 280 -3.47 -24.91 47.34
N GLY C 281 -2.67 -25.43 48.28
CA GLY C 281 -3.21 -26.31 49.29
C GLY C 281 -4.00 -25.63 50.38
N ASN C 282 -3.92 -24.30 50.47
CA ASN C 282 -4.67 -23.56 51.48
C ASN C 282 -6.03 -23.09 50.99
N ASP C 283 -6.32 -23.24 49.69
CA ASP C 283 -7.56 -22.78 49.08
C ASP C 283 -8.09 -23.94 48.24
N ILE C 284 -8.83 -24.85 48.87
CA ILE C 284 -9.48 -25.94 48.14
C ILE C 284 -10.79 -25.39 47.59
N LYS C 285 -10.78 -25.00 46.32
CA LYS C 285 -11.99 -24.54 45.66
C LYS C 285 -12.91 -25.73 45.39
N CYS C 286 -14.04 -25.78 46.08
CA CYS C 286 -15.03 -26.81 45.82
C CYS C 286 -15.66 -26.60 44.45
N THR C 287 -16.09 -27.70 43.83
CA THR C 287 -16.61 -27.65 42.47
C THR C 287 -17.97 -26.95 42.43
N SER C 288 -18.90 -27.37 43.28
CA SER C 288 -20.26 -26.85 43.28
C SER C 288 -20.35 -25.66 44.22
N THR C 289 -21.03 -24.61 43.76
CA THR C 289 -21.28 -23.45 44.61
C THR C 289 -22.28 -23.83 45.70
N SER C 290 -21.83 -23.76 46.95
CA SER C 290 -22.61 -24.30 48.05
C SER C 290 -23.82 -23.43 48.36
N ARG C 291 -24.83 -24.05 48.94
CA ARG C 291 -26.06 -23.38 49.33
C ARG C 291 -26.25 -23.49 50.84
N ASP C 292 -27.43 -23.09 51.30
CA ASP C 292 -27.65 -22.95 52.73
C ASP C 292 -28.20 -24.22 53.34
N LYS C 293 -29.26 -24.77 52.77
CA LYS C 293 -29.92 -25.93 53.31
C LYS C 293 -29.93 -27.05 52.27
N ILE C 294 -30.62 -28.13 52.63
CA ILE C 294 -30.78 -29.26 51.74
C ILE C 294 -32.20 -29.40 51.20
N THR C 295 -33.20 -28.81 51.88
CA THR C 295 -34.58 -28.93 51.46
C THR C 295 -35.06 -27.71 50.69
N ASN D 71 24.88 -33.89 -32.11
CA ASN D 71 24.63 -32.96 -31.03
C ASN D 71 23.13 -32.75 -30.85
N HIS D 72 22.80 -32.12 -29.72
CA HIS D 72 21.43 -31.74 -29.38
C HIS D 72 21.38 -30.30 -28.92
N HIS D 73 22.18 -29.45 -29.55
CA HIS D 73 22.18 -28.02 -29.23
C HIS D 73 20.89 -27.38 -29.76
N SER D 74 20.11 -26.79 -28.88
CA SER D 74 18.86 -26.20 -29.29
C SER D 74 19.01 -24.80 -29.81
N THR D 75 18.34 -24.50 -30.91
CA THR D 75 18.36 -23.18 -31.53
C THR D 75 17.05 -22.43 -31.27
N GLN D 76 16.43 -22.70 -30.12
CA GLN D 76 15.16 -22.06 -29.79
C GLN D 76 15.35 -20.62 -29.32
N GLU D 77 16.28 -20.42 -28.39
CA GLU D 77 16.48 -19.11 -27.78
C GLU D 77 17.42 -18.22 -28.57
N THR D 78 17.61 -18.49 -29.86
CA THR D 78 18.28 -17.57 -30.77
C THR D 78 17.36 -17.13 -31.90
N ALA D 79 16.06 -17.45 -31.81
CA ALA D 79 15.12 -17.07 -32.85
C ALA D 79 14.79 -15.58 -32.77
N ILE D 80 13.97 -15.12 -33.71
CA ILE D 80 13.67 -13.70 -33.81
C ILE D 80 12.75 -13.26 -32.67
N GLY D 81 11.82 -14.12 -32.26
CA GLY D 81 10.88 -13.73 -31.22
C GLY D 81 11.53 -13.65 -29.85
N ASN D 82 12.45 -14.57 -29.55
CA ASN D 82 13.13 -14.56 -28.26
C ASN D 82 14.18 -13.48 -28.16
N PHE D 83 14.65 -12.96 -29.29
CA PHE D 83 15.68 -11.92 -29.27
C PHE D 83 15.10 -10.56 -28.92
N PHE D 84 13.85 -10.30 -29.28
CA PHE D 84 13.24 -8.99 -29.10
C PHE D 84 12.33 -8.90 -27.87
N SER D 85 12.01 -10.00 -27.24
CA SER D 85 11.12 -9.91 -26.12
C SER D 85 11.78 -9.60 -24.81
N ARG D 86 12.40 -8.46 -24.78
CA ARG D 86 13.02 -7.93 -23.56
C ARG D 86 12.66 -6.46 -23.46
N ALA D 87 12.18 -6.04 -22.30
CA ALA D 87 11.69 -4.68 -22.12
C ALA D 87 12.86 -3.71 -22.00
N GLY D 88 13.01 -2.85 -23.01
CA GLY D 88 14.07 -1.86 -23.01
C GLY D 88 13.53 -0.46 -22.79
N LEU D 89 14.37 0.42 -22.25
CA LEU D 89 13.96 1.80 -21.99
C LEU D 89 13.82 2.56 -23.29
N VAL D 90 12.75 3.35 -23.39
CA VAL D 90 12.49 4.13 -24.60
C VAL D 90 12.34 5.61 -24.33
N SER D 91 12.01 6.03 -23.11
CA SER D 91 11.80 7.44 -22.83
C SER D 91 11.95 7.71 -21.35
N ILE D 92 12.38 8.92 -21.02
CA ILE D 92 12.31 9.43 -19.66
C ILE D 92 11.56 10.75 -19.71
N ILE D 93 10.42 10.80 -19.04
CA ILE D 93 9.53 11.95 -19.07
C ILE D 93 9.56 12.60 -17.70
N THR D 94 9.97 13.87 -17.67
CA THR D 94 10.18 14.58 -16.42
C THR D 94 9.20 15.74 -16.29
N MET D 95 8.74 15.98 -15.06
CA MET D 95 7.89 17.14 -14.73
C MET D 95 8.57 17.87 -13.58
N PRO D 96 9.49 18.79 -13.86
CA PRO D 96 10.26 19.49 -12.82
C PRO D 96 9.41 20.45 -11.99
N ASP D 104 3.50 23.27 -15.51
CA ASP D 104 2.14 23.34 -14.96
C ASP D 104 1.60 22.00 -14.51
N GLY D 105 2.45 20.98 -14.41
CA GLY D 105 1.97 19.68 -14.00
C GLY D 105 1.48 18.82 -15.14
N TYR D 106 1.88 19.10 -16.37
CA TYR D 106 1.50 18.30 -17.52
C TYR D 106 2.60 18.41 -18.56
N VAL D 107 2.74 17.36 -19.36
CA VAL D 107 3.66 17.35 -20.49
C VAL D 107 2.95 16.74 -21.68
N ASN D 108 3.43 17.09 -22.87
CA ASN D 108 2.92 16.52 -24.11
C ASN D 108 4.12 15.90 -24.81
N TRP D 109 4.45 14.68 -24.43
CA TRP D 109 5.65 14.04 -24.97
C TRP D 109 5.34 13.50 -26.35
N ASP D 110 6.04 14.01 -27.35
CA ASP D 110 5.89 13.55 -28.72
C ASP D 110 6.46 12.14 -28.77
N ILE D 111 5.90 11.27 -29.60
CA ILE D 111 6.38 9.90 -29.65
C ILE D 111 7.59 9.81 -30.56
N ASP D 112 8.70 9.32 -30.00
CA ASP D 112 9.87 8.91 -30.77
C ASP D 112 10.59 7.87 -29.93
N LEU D 113 10.57 6.62 -30.39
CA LEU D 113 11.12 5.51 -29.62
C LEU D 113 12.54 5.17 -30.04
N MET D 114 13.22 6.09 -30.72
CA MET D 114 14.59 5.92 -31.16
C MET D 114 15.53 6.91 -30.48
N GLY D 115 15.31 7.14 -29.19
CA GLY D 115 16.12 8.10 -28.46
C GLY D 115 17.08 7.47 -27.46
N TYR D 116 17.11 6.16 -27.40
CA TYR D 116 18.00 5.45 -26.48
C TYR D 116 18.71 4.34 -27.24
N ALA D 117 20.03 4.28 -27.07
CA ALA D 117 20.90 3.63 -28.04
C ALA D 117 20.87 2.11 -27.98
N GLN D 118 20.50 1.50 -26.86
CA GLN D 118 20.59 0.04 -26.79
C GLN D 118 19.45 -0.62 -27.53
N LEU D 119 18.21 -0.15 -27.37
CA LEU D 119 17.12 -0.71 -28.14
C LEU D 119 17.17 -0.26 -29.60
N ARG D 120 17.73 0.93 -29.86
CA ARG D 120 17.78 1.45 -31.22
C ARG D 120 18.73 0.65 -32.10
N ARG D 121 19.86 0.20 -31.54
CA ARG D 121 20.80 -0.59 -32.31
C ARG D 121 20.23 -1.97 -32.65
N LYS D 122 19.35 -2.49 -31.79
CA LYS D 122 18.71 -3.77 -32.06
C LYS D 122 17.65 -3.64 -33.15
N CYS D 123 16.74 -2.67 -32.99
CA CYS D 123 15.63 -2.52 -33.92
C CYS D 123 16.07 -2.06 -35.30
N GLU D 124 17.23 -1.42 -35.42
CA GLU D 124 17.75 -1.02 -36.73
C GLU D 124 18.66 -2.07 -37.35
N LEU D 125 18.57 -3.32 -36.90
CA LEU D 125 19.22 -4.40 -37.62
C LEU D 125 18.47 -4.74 -38.89
N PHE D 126 17.14 -4.79 -38.82
CA PHE D 126 16.29 -5.07 -39.95
C PHE D 126 15.68 -3.79 -40.50
N THR D 127 15.30 -3.84 -41.77
CA THR D 127 14.71 -2.67 -42.40
C THR D 127 13.26 -2.50 -41.99
N TYR D 128 12.43 -3.51 -42.22
CA TYR D 128 11.01 -3.45 -41.92
C TYR D 128 10.69 -4.38 -40.76
N MET D 129 9.82 -3.94 -39.85
CA MET D 129 9.44 -4.72 -38.69
C MET D 129 7.97 -4.54 -38.42
N ARG D 130 7.31 -5.62 -38.00
CA ARG D 130 5.87 -5.64 -37.74
C ARG D 130 5.63 -6.38 -36.45
N PHE D 131 5.04 -5.71 -35.47
CA PHE D 131 4.94 -6.28 -34.13
C PHE D 131 3.85 -5.59 -33.34
N ASP D 132 3.44 -6.25 -32.26
CA ASP D 132 2.69 -5.59 -31.20
C ASP D 132 3.67 -5.21 -30.09
N ALA D 133 3.15 -4.65 -29.00
CA ALA D 133 4.04 -4.19 -27.95
C ALA D 133 3.36 -4.28 -26.60
N GLU D 134 4.18 -4.23 -25.55
CA GLU D 134 3.72 -4.18 -24.17
C GLU D 134 4.45 -3.04 -23.48
N PHE D 135 3.75 -1.92 -23.27
CA PHE D 135 4.36 -0.77 -22.64
C PHE D 135 4.19 -0.86 -21.12
N THR D 136 5.18 -0.33 -20.40
CA THR D 136 5.18 -0.37 -18.95
C THR D 136 5.70 0.95 -18.43
N PHE D 137 4.93 1.58 -17.55
CA PHE D 137 5.22 2.94 -17.07
C PHE D 137 5.62 2.87 -15.60
N VAL D 138 6.92 3.02 -15.34
CA VAL D 138 7.46 3.04 -13.99
C VAL D 138 7.68 4.49 -13.59
N VAL D 139 6.98 4.94 -12.56
CA VAL D 139 6.93 6.35 -12.20
C VAL D 139 7.38 6.52 -10.75
N ALA D 140 8.24 7.50 -10.53
CA ALA D 140 8.74 7.80 -9.20
C ALA D 140 9.20 9.26 -9.17
N LYS D 141 9.65 9.69 -8.00
CA LYS D 141 10.25 11.00 -7.81
C LYS D 141 11.67 10.98 -8.38
N PRO D 142 12.32 12.15 -8.50
CA PRO D 142 13.71 12.15 -9.01
C PRO D 142 14.74 11.39 -8.18
N ASN D 143 14.43 10.94 -6.97
CA ASN D 143 15.38 10.13 -6.22
C ASN D 143 14.78 8.79 -5.77
N GLY D 144 13.82 8.26 -6.51
CA GLY D 144 13.30 6.94 -6.26
C GLY D 144 12.27 6.84 -5.15
N VAL D 145 11.95 7.94 -4.49
CA VAL D 145 10.96 7.93 -3.42
C VAL D 145 9.57 7.89 -4.03
N LEU D 146 8.64 7.21 -3.36
CA LEU D 146 7.27 7.08 -3.84
C LEU D 146 6.32 7.71 -2.85
N VAL D 147 5.55 8.69 -3.30
CA VAL D 147 4.57 9.36 -2.46
C VAL D 147 3.19 9.12 -3.07
N PRO D 148 2.11 9.12 -2.27
CA PRO D 148 0.78 8.89 -2.86
C PRO D 148 0.31 10.07 -3.71
N GLN D 149 0.30 9.87 -5.02
CA GLN D 149 -0.05 10.91 -5.97
C GLN D 149 -0.78 10.27 -7.14
N LEU D 150 -1.96 10.77 -7.46
CA LEU D 150 -2.77 10.22 -8.54
C LEU D 150 -2.33 10.83 -9.86
N LEU D 151 -2.12 9.99 -10.87
CA LEU D 151 -1.69 10.42 -12.18
C LEU D 151 -2.70 9.99 -13.23
N GLN D 152 -2.48 10.42 -14.47
CA GLN D 152 -3.31 10.01 -15.58
C GLN D 152 -2.48 10.08 -16.86
N TYR D 153 -2.37 8.97 -17.56
CA TYR D 153 -1.76 8.94 -18.87
C TYR D 153 -2.86 8.89 -19.92
N MET D 154 -2.60 9.48 -21.07
CA MET D 154 -3.58 9.51 -22.15
C MET D 154 -2.86 9.43 -23.49
N TYR D 155 -3.20 8.43 -24.28
CA TYR D 155 -2.62 8.28 -25.61
C TYR D 155 -3.42 9.11 -26.59
N VAL D 156 -2.75 10.01 -27.30
CA VAL D 156 -3.40 10.94 -28.21
C VAL D 156 -3.05 10.52 -29.63
N PRO D 157 -4.01 10.06 -30.43
CA PRO D 157 -3.74 9.71 -31.83
C PRO D 157 -3.48 10.96 -32.65
N PRO D 158 -2.84 10.83 -33.82
CA PRO D 158 -2.57 12.02 -34.65
C PRO D 158 -3.84 12.61 -35.26
N GLY D 159 -4.25 13.77 -34.75
CA GLY D 159 -5.46 14.41 -35.23
C GLY D 159 -6.37 14.80 -34.08
N ALA D 160 -6.22 14.12 -32.95
CA ALA D 160 -7.04 14.40 -31.78
C ALA D 160 -6.62 15.74 -31.16
N PRO D 161 -7.52 16.40 -30.43
CA PRO D 161 -7.16 17.65 -29.78
C PRO D 161 -6.22 17.44 -28.60
N LYS D 162 -5.09 18.14 -28.63
CA LYS D 162 -4.13 18.03 -27.55
C LYS D 162 -4.61 18.75 -26.30
N PRO D 163 -4.16 18.30 -25.12
CA PRO D 163 -4.40 19.09 -23.90
C PRO D 163 -3.48 20.30 -23.86
N THR D 164 -4.02 21.39 -23.34
CA THR D 164 -3.31 22.66 -23.25
C THR D 164 -2.95 23.07 -21.83
N SER D 165 -3.76 22.69 -20.85
CA SER D 165 -3.48 23.05 -19.46
C SER D 165 -3.55 21.83 -18.57
N ARG D 166 -3.51 22.03 -17.26
CA ARG D 166 -3.67 20.92 -16.33
C ARG D 166 -5.10 20.39 -16.35
N ASP D 167 -6.07 21.26 -16.59
CA ASP D 167 -7.47 20.84 -16.75
C ASP D 167 -8.05 21.48 -18.01
N SER D 168 -7.78 20.86 -19.14
CA SER D 168 -8.38 21.25 -20.41
C SER D 168 -9.64 20.44 -20.63
N PHE D 169 -10.26 20.61 -21.79
CA PHE D 169 -11.41 19.79 -22.14
C PHE D 169 -11.02 18.43 -22.70
N ALA D 170 -9.75 18.24 -23.05
CA ALA D 170 -9.32 16.98 -23.64
C ALA D 170 -9.04 15.89 -22.62
N TRP D 171 -9.08 16.20 -21.33
CA TRP D 171 -8.85 15.21 -20.30
C TRP D 171 -10.10 14.43 -19.93
N GLN D 172 -11.22 14.68 -20.61
CA GLN D 172 -12.43 13.93 -20.34
C GLN D 172 -12.38 12.53 -20.90
N THR D 173 -11.64 12.34 -22.01
CA THR D 173 -11.28 11.03 -22.56
C THR D 173 -12.50 10.18 -22.92
N ALA D 174 -13.46 10.79 -23.61
CA ALA D 174 -14.59 10.02 -24.11
C ALA D 174 -14.23 9.24 -25.36
N THR D 175 -13.11 9.54 -25.99
CA THR D 175 -12.67 8.81 -27.17
C THR D 175 -11.30 8.18 -27.00
N ASN D 176 -10.36 8.84 -26.34
CA ASN D 176 -9.00 8.31 -26.24
C ASN D 176 -8.87 7.34 -25.07
N PRO D 177 -8.02 6.33 -25.18
CA PRO D 177 -7.77 5.46 -24.03
C PRO D 177 -6.92 6.16 -22.98
N SER D 178 -7.10 5.74 -21.73
CA SER D 178 -6.42 6.42 -20.64
C SER D 178 -6.24 5.46 -19.47
N VAL D 179 -5.17 5.69 -18.71
CA VAL D 179 -4.83 4.89 -17.55
C VAL D 179 -4.77 5.80 -16.34
N PHE D 180 -5.51 5.44 -15.29
CA PHE D 180 -5.45 6.13 -14.01
C PHE D 180 -4.76 5.21 -13.02
N VAL D 181 -3.61 5.64 -12.52
CA VAL D 181 -2.85 4.81 -11.58
C VAL D 181 -2.09 5.73 -10.63
N LYS D 182 -2.04 5.33 -9.36
CA LYS D 182 -1.32 6.06 -8.34
C LYS D 182 0.17 5.81 -8.50
N MET D 183 0.97 6.62 -7.83
CA MET D 183 2.42 6.38 -7.85
C MET D 183 2.81 5.23 -6.93
N THR D 184 2.00 4.93 -5.92
CA THR D 184 2.30 3.87 -4.97
C THR D 184 1.98 2.48 -5.50
N ASP D 185 1.13 2.36 -6.52
CA ASP D 185 0.76 1.07 -7.09
C ASP D 185 1.94 0.42 -7.82
N PRO D 186 1.83 -0.86 -8.14
CA PRO D 186 2.73 -1.45 -9.12
C PRO D 186 2.58 -0.77 -10.46
N PRO D 187 3.62 -0.79 -11.30
CA PRO D 187 3.58 -0.04 -12.56
C PRO D 187 2.57 -0.60 -13.55
N ALA D 188 1.94 0.30 -14.29
CA ALA D 188 0.86 -0.07 -15.18
C ALA D 188 1.39 -0.73 -16.45
N GLN D 189 0.56 -1.55 -17.07
CA GLN D 189 0.91 -2.22 -18.30
C GLN D 189 -0.26 -2.18 -19.26
N VAL D 190 0.03 -1.88 -20.53
CA VAL D 190 -0.95 -1.97 -21.59
C VAL D 190 -0.35 -2.78 -22.72
N SER D 191 -1.19 -3.10 -23.71
CA SER D 191 -0.78 -3.96 -24.83
C SER D 191 -1.30 -3.33 -26.12
N VAL D 192 -0.50 -2.48 -26.73
CA VAL D 192 -0.94 -1.77 -27.93
C VAL D 192 -0.81 -2.68 -29.14
N PRO D 193 -1.66 -2.54 -30.14
CA PRO D 193 -1.53 -3.37 -31.34
C PRO D 193 -0.69 -2.68 -32.41
N PHE D 194 -0.50 -3.36 -33.53
CA PHE D 194 0.22 -2.78 -34.67
C PHE D 194 -0.73 -1.81 -35.38
N MET D 195 -0.44 -0.52 -35.30
CA MET D 195 -1.37 0.52 -35.71
C MET D 195 -0.81 1.40 -36.81
N SER D 196 -0.12 0.82 -37.73
CA SER D 196 0.43 1.62 -38.81
C SER D 196 -0.38 1.44 -40.09
N PRO D 197 -0.51 2.48 -40.91
CA PRO D 197 -1.27 2.34 -42.16
C PRO D 197 -0.61 1.44 -43.19
N ALA D 198 0.70 1.27 -43.13
CA ALA D 198 1.40 0.40 -44.07
C ALA D 198 1.39 -1.04 -43.56
N SER D 199 2.12 -1.93 -44.23
CA SER D 199 2.16 -3.32 -43.79
C SER D 199 3.07 -3.51 -42.58
N ALA D 200 4.08 -2.66 -42.44
CA ALA D 200 5.04 -2.80 -41.35
C ALA D 200 5.68 -1.44 -41.08
N TYR D 201 6.24 -1.30 -39.88
CA TYR D 201 7.04 -0.13 -39.60
C TYR D 201 8.32 -0.15 -40.41
N GLN D 202 8.92 1.02 -40.59
CA GLN D 202 10.21 1.08 -41.25
C GLN D 202 11.06 2.14 -40.58
N TRP D 203 12.29 1.80 -40.26
CA TRP D 203 13.23 2.71 -39.63
C TRP D 203 14.09 3.45 -40.65
N PHE D 204 13.91 3.17 -41.93
CA PHE D 204 14.67 3.81 -43.00
C PHE D 204 13.73 4.15 -44.13
N TYR D 205 13.84 5.37 -44.64
CA TYR D 205 12.93 5.86 -45.68
C TYR D 205 13.71 6.77 -46.61
N ASP D 206 14.17 6.22 -47.74
CA ASP D 206 14.90 7.00 -48.73
C ASP D 206 13.87 7.76 -49.55
N GLY D 207 13.53 8.96 -49.10
CA GLY D 207 12.62 9.81 -49.84
C GLY D 207 12.01 10.86 -48.96
N TYR D 208 11.29 11.78 -49.60
CA TYR D 208 10.58 12.89 -49.02
C TYR D 208 9.09 12.57 -48.92
N PRO D 209 8.41 13.01 -47.85
CA PRO D 209 7.00 12.65 -47.68
C PRO D 209 6.06 13.41 -48.59
N THR D 210 6.39 14.65 -48.94
CA THR D 210 5.51 15.49 -49.72
C THR D 210 6.07 15.69 -51.13
N PHE D 211 5.28 16.32 -51.97
CA PHE D 211 5.72 16.73 -53.30
C PHE D 211 6.26 18.15 -53.24
N GLY D 212 6.47 18.75 -54.40
CA GLY D 212 6.81 20.16 -54.48
C GLY D 212 8.30 20.39 -54.64
N GLU D 213 8.68 21.65 -54.43
CA GLU D 213 10.07 22.06 -54.54
C GLU D 213 10.85 21.56 -53.33
N HIS D 214 12.11 21.20 -53.55
CA HIS D 214 13.01 20.77 -52.47
C HIS D 214 14.24 21.66 -52.51
N LEU D 215 14.14 22.82 -51.87
CA LEU D 215 15.27 23.73 -51.74
C LEU D 215 16.02 23.42 -50.45
N GLN D 216 16.93 24.31 -50.07
CA GLN D 216 17.83 24.05 -48.95
C GLN D 216 17.11 24.08 -47.61
N ALA D 217 16.15 24.99 -47.46
CA ALA D 217 15.51 25.20 -46.17
C ALA D 217 14.45 24.15 -45.83
N ASN D 218 14.25 23.15 -46.69
CA ASN D 218 13.19 22.16 -46.48
C ASN D 218 13.74 20.81 -46.06
N ASP D 219 15.03 20.72 -45.73
CA ASP D 219 15.65 19.42 -45.49
C ASP D 219 15.55 18.97 -44.04
N LEU D 220 14.47 19.32 -43.34
CA LEU D 220 14.16 18.63 -42.10
C LEU D 220 13.43 17.32 -42.34
N ASP D 221 12.69 17.20 -43.44
CA ASP D 221 11.78 16.07 -43.61
C ASP D 221 12.37 14.96 -44.48
N TYR D 222 13.64 15.04 -44.86
CA TYR D 222 14.28 13.94 -45.57
C TYR D 222 14.40 12.74 -44.65
N GLY D 223 13.82 11.61 -45.06
CA GLY D 223 13.82 10.45 -44.20
C GLY D 223 12.84 10.52 -43.07
N GLN D 224 11.70 11.17 -43.28
CA GLN D 224 10.64 11.26 -42.27
C GLN D 224 9.37 10.68 -42.90
N CYS D 225 9.13 9.40 -42.65
CA CYS D 225 7.92 8.81 -43.20
C CYS D 225 6.73 9.14 -42.32
N PRO D 226 5.57 9.46 -42.91
CA PRO D 226 4.42 9.86 -42.10
C PRO D 226 3.73 8.71 -41.41
N ASN D 227 3.94 7.47 -41.85
CA ASN D 227 3.27 6.31 -41.27
C ASN D 227 4.06 5.71 -40.11
N ASN D 228 4.90 6.50 -39.45
CA ASN D 228 5.51 6.10 -38.19
C ASN D 228 5.15 7.02 -37.04
N MET D 229 4.69 8.24 -37.33
CA MET D 229 4.27 9.16 -36.28
C MET D 229 2.95 8.67 -35.69
N MET D 230 3.01 8.18 -34.45
CA MET D 230 1.85 7.61 -33.80
C MET D 230 1.18 8.58 -32.84
N GLY D 231 1.21 9.86 -33.16
CA GLY D 231 0.64 10.85 -32.27
C GLY D 231 1.52 11.07 -31.07
N THR D 232 0.93 11.65 -30.04
CA THR D 232 1.66 11.97 -28.82
C THR D 232 1.12 11.17 -27.65
N PHE D 233 1.73 11.40 -26.49
CA PHE D 233 1.41 10.68 -25.27
C PHE D 233 1.57 11.67 -24.14
N SER D 234 0.47 12.08 -23.52
CA SER D 234 0.46 13.17 -22.56
C SER D 234 0.07 12.68 -21.19
N ILE D 235 0.82 13.06 -20.17
CA ILE D 235 0.53 12.70 -18.79
C ILE D 235 0.22 13.98 -18.02
N ARG D 236 -0.38 13.81 -16.84
CA ARG D 236 -0.68 14.93 -15.96
C ARG D 236 -0.90 14.41 -14.55
N THR D 237 -0.91 15.34 -13.60
CA THR D 237 -1.45 15.06 -12.29
C THR D 237 -2.94 15.37 -12.32
N VAL D 238 -3.70 14.62 -11.53
CA VAL D 238 -5.14 14.56 -11.75
C VAL D 238 -5.88 15.80 -11.27
N GLY D 239 -5.51 16.36 -10.13
CA GLY D 239 -6.29 17.42 -9.53
C GLY D 239 -6.19 18.76 -10.25
N THR D 240 -7.18 19.61 -9.99
CA THR D 240 -7.26 20.93 -10.59
C THR D 240 -6.35 21.96 -9.93
N GLU D 241 -5.83 21.66 -8.75
CA GLU D 241 -4.83 22.50 -8.11
C GLU D 241 -3.46 22.08 -8.63
N LYS D 242 -2.40 22.56 -7.99
CA LYS D 242 -1.04 22.24 -8.41
C LYS D 242 -0.38 21.36 -7.36
N SER D 243 0.08 20.20 -7.78
CA SER D 243 0.66 19.24 -6.84
C SER D 243 2.10 19.64 -6.50
N PRO D 244 2.57 19.39 -5.28
CA PRO D 244 3.91 19.81 -4.89
C PRO D 244 5.00 18.80 -5.19
N HIS D 245 4.73 17.73 -5.91
CA HIS D 245 5.72 16.68 -6.14
C HIS D 245 6.26 16.74 -7.55
N SER D 246 7.44 16.17 -7.74
CA SER D 246 8.10 16.09 -9.03
C SER D 246 7.99 14.68 -9.57
N ILE D 247 7.77 14.56 -10.87
CA ILE D 247 7.48 13.28 -11.51
C ILE D 247 8.54 12.99 -12.57
N THR D 248 9.12 11.79 -12.51
CA THR D 248 9.89 11.25 -13.61
C THR D 248 9.30 9.89 -14.01
N LEU D 249 8.80 9.83 -15.23
CA LEU D 249 8.24 8.60 -15.78
C LEU D 249 9.30 7.88 -16.62
N ARG D 250 9.34 6.56 -16.49
CA ARG D 250 10.20 5.73 -17.31
C ARG D 250 9.33 4.70 -18.02
N VAL D 251 9.44 4.66 -19.34
CA VAL D 251 8.61 3.80 -20.18
C VAL D 251 9.48 2.68 -20.74
N TYR D 252 9.00 1.46 -20.63
CA TYR D 252 9.69 0.28 -21.17
C TYR D 252 8.78 -0.43 -22.14
N MET D 253 9.35 -0.97 -23.22
CA MET D 253 8.56 -1.56 -24.30
C MET D 253 9.06 -2.96 -24.60
N ARG D 254 8.18 -3.95 -24.48
CA ARG D 254 8.45 -5.28 -24.99
C ARG D 254 7.95 -5.40 -26.42
N ILE D 255 8.37 -6.45 -27.11
CA ILE D 255 8.00 -6.68 -28.50
C ILE D 255 7.49 -8.11 -28.61
N LYS D 256 6.23 -8.26 -29.00
CA LYS D 256 5.60 -9.57 -29.15
C LYS D 256 5.10 -9.75 -30.58
N HIS D 257 5.12 -11.00 -31.04
CA HIS D 257 4.64 -11.42 -32.37
C HIS D 257 5.36 -10.66 -33.48
N VAL D 258 6.67 -10.74 -33.46
CA VAL D 258 7.51 -9.91 -34.33
C VAL D 258 7.79 -10.65 -35.63
N ARG D 259 7.71 -9.91 -36.75
CA ARG D 259 8.15 -10.39 -38.05
C ARG D 259 9.03 -9.32 -38.67
N ALA D 260 10.19 -9.71 -39.19
CA ALA D 260 11.16 -8.77 -39.71
C ALA D 260 11.49 -9.08 -41.16
N TRP D 261 12.16 -8.12 -41.81
CA TRP D 261 12.54 -8.27 -43.21
C TRP D 261 13.82 -7.47 -43.47
N ILE D 262 14.64 -8.00 -44.39
CA ILE D 262 15.77 -7.31 -45.01
C ILE D 262 16.79 -6.82 -43.99
N PRO D 263 17.63 -7.69 -43.44
CA PRO D 263 18.63 -7.25 -42.46
C PRO D 263 19.66 -6.32 -43.06
N ARG D 264 20.15 -5.41 -42.24
CA ARG D 264 21.06 -4.35 -42.63
C ARG D 264 22.36 -4.46 -41.85
N PRO D 265 23.44 -3.81 -42.30
CA PRO D 265 24.65 -3.73 -41.48
C PRO D 265 24.41 -2.93 -40.21
N LEU D 266 25.00 -3.40 -39.12
CA LEU D 266 24.82 -2.77 -37.82
C LEU D 266 25.60 -1.47 -37.73
N ARG D 267 25.27 -0.68 -36.70
CA ARG D 267 25.88 0.63 -36.52
C ARG D 267 27.12 0.53 -35.65
N ASN D 268 28.15 1.29 -36.00
CA ASN D 268 29.38 1.37 -35.22
C ASN D 268 29.65 2.75 -34.66
N GLN D 269 29.36 3.82 -35.40
CA GLN D 269 29.47 5.17 -34.88
C GLN D 269 28.38 5.43 -33.85
N PRO D 270 28.62 6.27 -32.86
CA PRO D 270 27.58 6.58 -31.88
C PRO D 270 26.48 7.43 -32.48
N TYR D 271 25.37 7.50 -31.76
CA TYR D 271 24.20 8.21 -32.23
C TYR D 271 24.24 9.67 -31.82
N LEU D 272 23.67 10.53 -32.65
CA LEU D 272 23.69 11.97 -32.39
C LEU D 272 22.31 12.58 -32.29
N PHE D 273 21.36 12.18 -33.13
CA PHE D 273 20.02 12.72 -33.09
C PHE D 273 19.01 11.58 -33.11
N LYS D 274 17.74 11.93 -33.26
CA LYS D 274 16.68 10.95 -33.27
C LYS D 274 16.14 10.63 -34.66
N THR D 275 16.29 11.54 -35.62
CA THR D 275 15.57 11.43 -36.88
C THR D 275 16.47 11.18 -38.09
N ASN D 276 17.78 11.05 -37.90
CA ASN D 276 18.67 10.91 -39.03
C ASN D 276 19.93 10.17 -38.61
N PRO D 277 20.58 9.45 -39.54
CA PRO D 277 21.76 8.65 -39.16
C PRO D 277 23.06 9.41 -39.15
N ASN D 278 23.04 10.74 -39.06
CA ASN D 278 24.26 11.53 -39.13
C ASN D 278 25.20 11.25 -37.98
N TYR D 279 26.50 11.37 -38.26
CA TYR D 279 27.56 10.92 -37.38
C TYR D 279 28.61 12.01 -37.24
N LYS D 280 29.47 11.87 -36.24
CA LYS D 280 30.54 12.81 -36.02
C LYS D 280 31.65 12.58 -37.04
N GLY D 281 31.80 13.52 -37.98
CA GLY D 281 32.73 13.33 -39.07
C GLY D 281 34.19 13.51 -38.71
N ASN D 282 34.48 14.08 -37.54
CA ASN D 282 35.85 14.27 -37.10
C ASN D 282 36.38 13.12 -36.27
N ASP D 283 35.53 12.16 -35.91
CA ASP D 283 35.90 11.04 -35.05
C ASP D 283 35.34 9.78 -35.72
N ILE D 284 36.09 9.22 -36.67
CA ILE D 284 35.71 7.96 -37.30
C ILE D 284 36.17 6.83 -36.38
N LYS D 285 35.26 6.31 -35.56
CA LYS D 285 35.58 5.18 -34.70
C LYS D 285 35.68 3.92 -35.55
N CYS D 286 36.89 3.38 -35.66
CA CYS D 286 37.08 2.11 -36.36
C CYS D 286 36.44 0.98 -35.57
N THR D 287 36.01 -0.05 -36.29
CA THR D 287 35.28 -1.15 -35.65
C THR D 287 36.21 -2.00 -34.78
N SER D 288 37.34 -2.43 -35.33
CA SER D 288 38.26 -3.31 -34.63
C SER D 288 39.28 -2.48 -33.86
N THR D 289 39.55 -2.89 -32.62
CA THR D 289 40.58 -2.25 -31.82
C THR D 289 41.95 -2.59 -32.41
N SER D 290 42.67 -1.57 -32.87
CA SER D 290 43.87 -1.78 -33.65
C SER D 290 45.02 -2.27 -32.76
N ARG D 291 45.95 -2.98 -33.39
CA ARG D 291 47.13 -3.50 -32.70
C ARG D 291 48.38 -2.90 -33.33
N ASP D 292 49.53 -3.45 -32.94
CA ASP D 292 50.80 -2.82 -33.29
C ASP D 292 51.35 -3.36 -34.60
N LYS D 293 51.44 -4.68 -34.71
CA LYS D 293 52.02 -5.32 -35.88
C LYS D 293 51.00 -6.25 -36.52
N ILE D 294 51.48 -6.97 -37.53
CA ILE D 294 50.65 -7.95 -38.22
C ILE D 294 51.08 -9.38 -37.91
N THR D 295 52.31 -9.61 -37.47
CA THR D 295 52.79 -10.96 -37.20
C THR D 295 52.74 -11.30 -35.72
N ASN E 71 -10.60 -7.35 -50.86
CA ASN E 71 -10.02 -6.87 -49.62
C ASN E 71 -10.50 -7.68 -48.44
N HIS E 72 -9.83 -7.50 -47.31
CA HIS E 72 -10.16 -8.13 -46.04
C HIS E 72 -10.20 -7.09 -44.93
N HIS E 73 -10.68 -5.89 -45.25
CA HIS E 73 -10.80 -4.84 -44.23
C HIS E 73 -11.94 -5.18 -43.29
N SER E 74 -11.65 -5.16 -42.01
CA SER E 74 -12.68 -5.50 -41.06
C SER E 74 -13.52 -4.34 -40.69
N THR E 75 -14.77 -4.61 -40.48
CA THR E 75 -15.69 -3.59 -40.01
C THR E 75 -16.19 -3.89 -38.59
N GLN E 76 -15.34 -4.55 -37.81
CA GLN E 76 -15.73 -4.92 -36.45
C GLN E 76 -15.66 -3.73 -35.50
N GLU E 77 -14.54 -3.01 -35.53
CA GLU E 77 -14.29 -1.93 -34.58
C GLU E 77 -14.87 -0.59 -35.03
N THR E 78 -15.84 -0.61 -35.95
CA THR E 78 -16.65 0.56 -36.27
C THR E 78 -18.12 0.34 -35.96
N ALA E 79 -18.46 -0.75 -35.27
CA ALA E 79 -19.85 -1.03 -34.94
C ALA E 79 -20.32 -0.13 -33.80
N ILE E 80 -21.60 -0.28 -33.44
CA ILE E 80 -22.21 0.60 -32.46
C ILE E 80 -21.70 0.27 -31.07
N GLY E 81 -21.45 -1.00 -30.77
CA GLY E 81 -21.01 -1.38 -29.43
C GLY E 81 -19.59 -0.96 -29.15
N ASN E 82 -18.71 -1.05 -30.14
CA ASN E 82 -17.31 -0.67 -29.95
C ASN E 82 -17.13 0.84 -29.94
N PHE E 83 -18.08 1.59 -30.48
CA PHE E 83 -17.96 3.04 -30.52
C PHE E 83 -18.25 3.66 -29.17
N PHE E 84 -19.14 3.05 -28.38
CA PHE E 84 -19.59 3.64 -27.12
C PHE E 84 -18.90 3.04 -25.89
N SER E 85 -18.18 1.95 -26.02
CA SER E 85 -17.55 1.41 -24.85
C SER E 85 -16.24 2.03 -24.52
N ARG E 86 -16.28 3.27 -24.18
CA ARG E 86 -15.14 4.03 -23.68
C ARG E 86 -15.61 4.89 -22.54
N ALA E 87 -14.89 4.83 -21.42
CA ALA E 87 -15.31 5.53 -20.21
C ALA E 87 -15.03 7.03 -20.34
N GLY E 88 -16.09 7.83 -20.41
CA GLY E 88 -15.97 9.26 -20.50
C GLY E 88 -16.38 9.95 -19.22
N LEU E 89 -15.83 11.14 -18.99
CA LEU E 89 -16.15 11.89 -17.77
C LEU E 89 -17.57 12.44 -17.85
N VAL E 90 -18.29 12.34 -16.74
CA VAL E 90 -19.67 12.81 -16.70
C VAL E 90 -19.92 13.82 -15.59
N SER E 91 -19.10 13.86 -14.54
CA SER E 91 -19.34 14.77 -13.43
C SER E 91 -18.06 15.00 -12.67
N ILE E 92 -17.95 16.17 -12.06
CA ILE E 92 -16.92 16.46 -11.06
C ILE E 92 -17.64 16.95 -9.82
N ILE E 93 -17.51 16.21 -8.73
CA ILE E 93 -18.22 16.49 -7.49
C ILE E 93 -17.20 16.95 -6.46
N THR E 94 -17.35 18.16 -5.96
CA THR E 94 -16.38 18.77 -5.06
C THR E 94 -16.99 19.00 -3.69
N MET E 95 -16.17 18.82 -2.65
CA MET E 95 -16.53 19.12 -1.27
C MET E 95 -15.47 20.05 -0.72
N PRO E 96 -15.61 21.38 -0.89
CA PRO E 96 -14.60 22.35 -0.48
C PRO E 96 -14.48 22.48 1.04
N ASP E 104 -20.67 20.90 4.85
CA ASP E 104 -20.75 20.04 6.01
C ASP E 104 -20.18 18.65 5.79
N GLY E 105 -19.47 18.44 4.68
CA GLY E 105 -18.93 17.12 4.41
C GLY E 105 -19.87 16.20 3.68
N TYR E 106 -20.88 16.74 3.00
CA TYR E 106 -21.79 15.94 2.20
C TYR E 106 -22.31 16.80 1.06
N VAL E 107 -22.66 16.14 -0.04
CA VAL E 107 -23.29 16.79 -1.18
C VAL E 107 -24.43 15.92 -1.65
N ASN E 108 -25.39 16.55 -2.33
CA ASN E 108 -26.52 15.86 -2.93
C ASN E 108 -26.49 16.20 -4.40
N TRP E 109 -25.67 15.49 -5.17
CA TRP E 109 -25.49 15.82 -6.58
C TRP E 109 -26.67 15.26 -7.36
N ASP E 110 -27.42 16.12 -7.99
CA ASP E 110 -28.48 15.56 -8.77
C ASP E 110 -27.85 14.85 -9.91
N ILE E 111 -28.66 14.11 -10.60
CA ILE E 111 -28.12 13.40 -11.75
C ILE E 111 -28.42 14.17 -13.04
N ASP E 112 -27.36 14.50 -13.77
CA ASP E 112 -27.46 15.00 -15.13
C ASP E 112 -26.15 14.64 -15.81
N LEU E 113 -26.20 13.71 -16.77
CA LEU E 113 -25.00 13.20 -17.41
C LEU E 113 -24.72 13.89 -18.73
N MET E 114 -25.31 15.07 -18.95
CA MET E 114 -25.11 15.86 -20.15
C MET E 114 -24.42 17.18 -19.84
N GLY E 115 -23.45 17.16 -18.93
CA GLY E 115 -22.76 18.36 -18.55
C GLY E 115 -21.34 18.48 -19.06
N TYR E 116 -20.90 17.50 -19.83
CA TYR E 116 -19.55 17.51 -20.37
C TYR E 116 -19.61 17.18 -21.85
N ALA E 117 -18.93 17.99 -22.66
CA ALA E 117 -19.26 18.11 -24.08
C ALA E 117 -18.79 16.96 -24.94
N GLN E 118 -17.77 16.20 -24.52
CA GLN E 118 -17.26 15.15 -25.39
C GLN E 118 -18.17 13.94 -25.42
N LEU E 119 -18.65 13.49 -24.26
CA LEU E 119 -19.59 12.38 -24.27
C LEU E 119 -20.97 12.82 -24.72
N ARG E 120 -21.32 14.09 -24.52
CA ARG E 120 -22.65 14.58 -24.89
C ARG E 120 -22.81 14.65 -26.40
N ARG E 121 -21.75 15.03 -27.12
CA ARG E 121 -21.83 15.08 -28.58
C ARG E 121 -21.96 13.69 -29.17
N LYS E 122 -21.40 12.67 -28.50
CA LYS E 122 -21.53 11.30 -29.00
C LYS E 122 -22.93 10.76 -28.75
N CYS E 123 -23.43 10.89 -27.51
CA CYS E 123 -24.71 10.32 -27.14
C CYS E 123 -25.88 11.02 -27.83
N GLU E 124 -25.72 12.27 -28.25
CA GLU E 124 -26.77 12.97 -28.98
C GLU E 124 -26.65 12.81 -30.49
N LEU E 125 -25.95 11.78 -30.95
CA LEU E 125 -26.01 11.43 -32.36
C LEU E 125 -27.33 10.74 -32.69
N PHE E 126 -27.76 9.84 -31.82
CA PHE E 126 -29.01 9.11 -31.99
C PHE E 126 -30.10 9.70 -31.10
N THR E 127 -31.34 9.49 -31.49
CA THR E 127 -32.46 10.01 -30.72
C THR E 127 -32.72 9.17 -29.47
N TYR E 128 -32.96 7.87 -29.66
CA TYR E 128 -33.26 6.97 -28.56
C TYR E 128 -32.11 6.00 -28.35
N MET E 129 -31.78 5.73 -27.09
CA MET E 129 -30.69 4.82 -26.76
C MET E 129 -31.08 3.98 -25.56
N ARG E 130 -30.66 2.72 -25.59
CA ARG E 130 -30.99 1.76 -24.54
C ARG E 130 -29.74 0.97 -24.19
N PHE E 131 -29.30 1.04 -22.94
CA PHE E 131 -28.01 0.49 -22.57
C PHE E 131 -27.94 0.25 -21.08
N ASP E 132 -26.97 -0.57 -20.68
CA ASP E 132 -26.51 -0.62 -19.30
C ASP E 132 -25.28 0.26 -19.18
N ALA E 133 -24.67 0.29 -17.99
CA ALA E 133 -23.54 1.17 -17.79
C ALA E 133 -22.61 0.59 -16.74
N GLU E 134 -21.38 1.11 -16.74
CA GLU E 134 -20.36 0.78 -15.75
C GLU E 134 -19.80 2.08 -15.20
N PHE E 135 -20.20 2.46 -14.01
CA PHE E 135 -19.74 3.69 -13.41
C PHE E 135 -18.46 3.45 -12.62
N THR E 136 -17.60 4.46 -12.60
CA THR E 136 -16.31 4.36 -11.93
C THR E 136 -16.02 5.68 -11.22
N PHE E 137 -15.73 5.60 -9.93
CA PHE E 137 -15.58 6.78 -9.08
C PHE E 137 -14.12 6.93 -8.68
N VAL E 138 -13.44 7.88 -9.30
CA VAL E 138 -12.04 8.18 -8.99
C VAL E 138 -12.01 9.40 -8.09
N VAL E 139 -11.52 9.23 -6.86
CA VAL E 139 -11.63 10.24 -5.82
C VAL E 139 -10.23 10.59 -5.32
N ALA E 140 -9.98 11.89 -5.19
CA ALA E 140 -8.70 12.38 -4.69
C ALA E 140 -8.91 13.78 -4.11
N LYS E 141 -7.83 14.34 -3.58
CA LYS E 141 -7.81 15.71 -3.10
C LYS E 141 -7.74 16.65 -4.29
N PRO E 142 -7.92 17.97 -4.09
CA PRO E 142 -7.82 18.91 -5.23
C PRO E 142 -6.49 18.96 -5.95
N ASN E 143 -5.42 18.37 -5.44
CA ASN E 143 -4.16 18.35 -6.17
C ASN E 143 -3.63 16.92 -6.36
N GLY E 144 -4.49 15.92 -6.41
CA GLY E 144 -4.10 14.57 -6.73
C GLY E 144 -3.50 13.77 -5.59
N VAL E 145 -3.36 14.36 -4.42
CA VAL E 145 -2.80 13.66 -3.27
C VAL E 145 -3.87 12.74 -2.69
N LEU E 146 -3.47 11.59 -2.16
CA LEU E 146 -4.37 10.61 -1.59
C LEU E 146 -4.05 10.41 -0.13
N VAL E 147 -5.04 10.67 0.74
CA VAL E 147 -4.87 10.49 2.17
C VAL E 147 -5.87 9.44 2.62
N PRO E 148 -5.62 8.68 3.71
CA PRO E 148 -6.58 7.68 4.15
C PRO E 148 -7.84 8.29 4.73
N GLN E 149 -8.93 8.20 4.00
CA GLN E 149 -10.20 8.80 4.39
C GLN E 149 -11.32 7.89 3.91
N LEU E 150 -12.21 7.52 4.83
CA LEU E 150 -13.30 6.63 4.50
C LEU E 150 -14.47 7.44 3.94
N LEU E 151 -15.03 6.98 2.82
CA LEU E 151 -16.13 7.66 2.16
C LEU E 151 -17.32 6.72 2.06
N GLN E 152 -18.44 7.25 1.57
CA GLN E 152 -19.63 6.45 1.33
C GLN E 152 -20.43 7.11 0.23
N TYR E 153 -20.69 6.37 -0.85
CA TYR E 153 -21.60 6.81 -1.89
C TYR E 153 -22.93 6.11 -1.71
N MET E 154 -24.01 6.78 -2.08
CA MET E 154 -25.35 6.22 -1.95
C MET E 154 -26.20 6.68 -3.10
N TYR E 155 -26.75 5.75 -3.86
CA TYR E 155 -27.64 6.08 -4.96
C TYR E 155 -29.06 6.23 -4.42
N VAL E 156 -29.67 7.38 -4.66
CA VAL E 156 -30.98 7.70 -4.13
C VAL E 156 -31.97 7.69 -5.29
N PRO E 157 -32.90 6.75 -5.33
CA PRO E 157 -33.92 6.73 -6.38
C PRO E 157 -34.91 7.88 -6.21
N PRO E 158 -35.65 8.26 -7.26
CA PRO E 158 -36.60 9.36 -7.12
C PRO E 158 -37.79 9.02 -6.25
N GLY E 159 -37.85 9.59 -5.05
CA GLY E 159 -38.91 9.30 -4.12
C GLY E 159 -38.39 8.93 -2.75
N ALA E 160 -37.14 8.47 -2.70
CA ALA E 160 -36.51 8.10 -1.45
C ALA E 160 -36.19 9.34 -0.62
N PRO E 161 -36.09 9.21 0.70
CA PRO E 161 -35.73 10.37 1.53
C PRO E 161 -34.28 10.76 1.36
N LYS E 162 -34.06 12.04 1.03
CA LYS E 162 -32.71 12.53 0.86
C LYS E 162 -32.00 12.70 2.20
N PRO E 163 -30.67 12.59 2.21
CA PRO E 163 -29.91 12.98 3.41
C PRO E 163 -29.85 14.48 3.56
N THR E 164 -29.93 14.93 4.81
CA THR E 164 -29.94 16.35 5.14
C THR E 164 -28.66 16.82 5.84
N SER E 165 -28.01 15.95 6.61
CA SER E 165 -26.81 16.34 7.31
C SER E 165 -25.70 15.33 7.06
N ARG E 166 -24.59 15.45 7.79
CA ARG E 166 -23.52 14.47 7.67
C ARG E 166 -23.94 13.13 8.27
N ASP E 167 -24.78 13.16 9.30
CA ASP E 167 -25.35 11.94 9.88
C ASP E 167 -26.87 12.10 10.04
N SER E 168 -27.58 11.85 8.94
CA SER E 168 -29.03 11.83 8.95
C SER E 168 -29.49 10.40 9.19
N PHE E 169 -30.79 10.17 9.11
CA PHE E 169 -31.31 8.82 9.21
C PHE E 169 -31.26 8.08 7.88
N ALA E 170 -31.02 8.78 6.78
CA ALA E 170 -31.02 8.15 5.47
C ALA E 170 -29.71 7.46 5.14
N TRP E 171 -28.67 7.61 5.97
CA TRP E 171 -27.40 6.97 5.73
C TRP E 171 -27.34 5.54 6.25
N GLN E 172 -28.45 5.02 6.79
CA GLN E 172 -28.48 3.65 7.27
C GLN E 172 -28.54 2.65 6.12
N THR E 173 -29.17 3.05 5.01
CA THR E 173 -29.15 2.32 3.73
C THR E 173 -29.69 0.90 3.84
N ALA E 174 -30.85 0.76 4.49
CA ALA E 174 -31.51 -0.53 4.52
C ALA E 174 -32.24 -0.83 3.23
N THR E 175 -32.44 0.17 2.38
CA THR E 175 -33.09 -0.04 1.09
C THR E 175 -32.22 0.38 -0.09
N ASN E 176 -31.47 1.47 0.01
CA ASN E 176 -30.70 1.95 -1.13
C ASN E 176 -29.34 1.25 -1.21
N PRO E 177 -28.82 1.05 -2.43
CA PRO E 177 -27.47 0.50 -2.55
C PRO E 177 -26.43 1.53 -2.17
N SER E 178 -25.28 1.06 -1.71
CA SER E 178 -24.25 1.95 -1.22
C SER E 178 -22.88 1.29 -1.35
N VAL E 179 -21.86 2.13 -1.53
CA VAL E 179 -20.49 1.69 -1.67
C VAL E 179 -19.67 2.36 -0.58
N PHE E 180 -18.94 1.55 0.18
CA PHE E 180 -17.98 2.05 1.16
C PHE E 180 -16.58 1.76 0.66
N VAL E 181 -15.82 2.81 0.40
CA VAL E 181 -14.48 2.65 -0.12
C VAL E 181 -13.60 3.79 0.38
N LYS E 182 -12.36 3.46 0.73
CA LYS E 182 -11.39 4.43 1.18
C LYS E 182 -10.87 5.22 -0.01
N MET E 183 -10.20 6.33 0.29
CA MET E 183 -9.59 7.09 -0.81
C MET E 183 -8.30 6.44 -1.30
N THR E 184 -7.66 5.63 -0.46
CA THR E 184 -6.40 4.99 -0.83
C THR E 184 -6.59 3.76 -1.71
N ASP E 185 -7.79 3.15 -1.71
CA ASP E 185 -8.06 1.97 -2.51
C ASP E 185 -8.06 2.29 -4.01
N PRO E 186 -8.01 1.26 -4.86
CA PRO E 186 -8.36 1.47 -6.27
C PRO E 186 -9.78 1.94 -6.40
N PRO E 187 -10.10 2.66 -7.49
CA PRO E 187 -11.44 3.25 -7.63
C PRO E 187 -12.53 2.20 -7.77
N ALA E 188 -13.69 2.52 -7.19
CA ALA E 188 -14.79 1.57 -7.14
C ALA E 188 -15.50 1.49 -8.48
N GLN E 189 -16.12 0.35 -8.74
CA GLN E 189 -16.88 0.12 -9.96
C GLN E 189 -18.20 -0.56 -9.64
N VAL E 190 -19.27 -0.09 -10.25
CA VAL E 190 -20.57 -0.73 -10.18
C VAL E 190 -21.09 -0.91 -11.60
N SER E 191 -22.18 -1.64 -11.73
CA SER E 191 -22.77 -1.97 -13.03
C SER E 191 -24.28 -1.78 -12.93
N VAL E 192 -24.74 -0.58 -13.26
CA VAL E 192 -26.16 -0.27 -13.12
C VAL E 192 -26.91 -0.82 -14.33
N PRO E 193 -28.16 -1.23 -14.17
CA PRO E 193 -28.93 -1.70 -15.33
C PRO E 193 -29.73 -0.58 -15.98
N PHE E 194 -30.45 -0.91 -17.04
CA PHE E 194 -31.33 0.04 -17.70
C PHE E 194 -32.59 0.19 -16.87
N MET E 195 -32.77 1.35 -16.24
CA MET E 195 -33.80 1.54 -15.22
C MET E 195 -34.80 2.63 -15.61
N SER E 196 -35.16 2.69 -16.84
CA SER E 196 -36.12 3.70 -17.23
C SER E 196 -37.50 3.09 -17.42
N PRO E 197 -38.56 3.83 -17.12
CA PRO E 197 -39.92 3.29 -17.31
C PRO E 197 -40.31 3.09 -18.77
N ALA E 198 -39.69 3.82 -19.69
CA ALA E 198 -39.99 3.67 -21.11
C ALA E 198 -39.14 2.56 -21.71
N SER E 199 -39.19 2.39 -23.02
CA SER E 199 -38.40 1.36 -23.67
C SER E 199 -36.93 1.75 -23.79
N ALA E 200 -36.64 3.04 -23.88
CA ALA E 200 -35.28 3.53 -24.05
C ALA E 200 -35.18 4.94 -23.52
N TYR E 201 -33.96 5.37 -23.22
CA TYR E 201 -33.72 6.76 -22.91
C TYR E 201 -33.94 7.62 -24.15
N GLN E 202 -34.19 8.90 -23.92
CA GLN E 202 -34.28 9.83 -25.04
C GLN E 202 -33.66 11.15 -24.63
N TRP E 203 -32.79 11.68 -25.48
CA TRP E 203 -32.15 12.96 -25.24
C TRP E 203 -32.91 14.12 -25.85
N PHE E 204 -34.02 13.86 -26.51
CA PHE E 204 -34.83 14.90 -27.14
C PHE E 204 -36.29 14.59 -26.87
N TYR E 205 -37.05 15.60 -26.47
CA TYR E 205 -38.45 15.42 -26.09
C TYR E 205 -39.23 16.66 -26.51
N ASP E 206 -39.86 16.60 -27.67
CA ASP E 206 -40.67 17.72 -28.15
C ASP E 206 -42.01 17.65 -27.43
N GLY E 207 -42.09 18.31 -26.28
CA GLY E 207 -43.33 18.39 -25.55
C GLY E 207 -43.11 18.75 -24.11
N TYR E 208 -44.21 19.00 -23.42
CA TYR E 208 -44.29 19.34 -22.00
C TYR E 208 -44.69 18.12 -21.18
N PRO E 209 -44.15 17.95 -19.98
CA PRO E 209 -44.45 16.74 -19.20
C PRO E 209 -45.83 16.74 -18.57
N THR E 210 -46.36 17.92 -18.23
CA THR E 210 -47.63 18.01 -17.54
C THR E 210 -48.69 18.60 -18.46
N PHE E 211 -49.93 18.60 -17.97
CA PHE E 211 -51.03 19.25 -18.65
C PHE E 211 -51.17 20.67 -18.13
N GLY E 212 -52.27 21.33 -18.47
CA GLY E 212 -52.61 22.61 -17.90
C GLY E 212 -52.23 23.77 -18.80
N GLU E 213 -52.26 24.95 -18.19
CA GLU E 213 -51.92 26.18 -18.90
C GLU E 213 -50.43 26.26 -19.13
N HIS E 214 -50.02 26.82 -20.25
CA HIS E 214 -48.61 27.04 -20.56
C HIS E 214 -48.40 28.52 -20.86
N LEU E 215 -48.22 29.30 -19.79
CA LEU E 215 -47.92 30.71 -19.91
C LEU E 215 -46.41 30.91 -19.97
N GLN E 216 -45.97 32.17 -19.84
CA GLN E 216 -44.56 32.51 -20.04
C GLN E 216 -43.69 31.98 -18.91
N ALA E 217 -44.18 32.03 -17.68
CA ALA E 217 -43.37 31.70 -16.53
C ALA E 217 -43.18 30.20 -16.31
N ASN E 218 -43.73 29.35 -17.17
CA ASN E 218 -43.69 27.92 -16.98
C ASN E 218 -42.71 27.23 -17.93
N ASP E 219 -41.89 28.00 -18.65
CA ASP E 219 -41.07 27.41 -19.71
C ASP E 219 -39.72 26.92 -19.22
N LEU E 220 -39.63 26.46 -17.99
CA LEU E 220 -38.47 25.67 -17.60
C LEU E 220 -38.59 24.21 -18.01
N ASP E 221 -39.80 23.70 -18.13
CA ASP E 221 -39.99 22.26 -18.31
C ASP E 221 -40.20 21.86 -19.76
N TYR E 222 -40.06 22.77 -20.72
CA TYR E 222 -40.12 22.38 -22.12
C TYR E 222 -38.93 21.52 -22.46
N GLY E 223 -39.19 20.31 -22.95
CA GLY E 223 -38.11 19.39 -23.24
C GLY E 223 -37.52 18.75 -22.01
N GLN E 224 -38.34 18.50 -20.99
CA GLN E 224 -37.89 17.82 -19.77
C GLN E 224 -38.78 16.58 -19.60
N CYS E 225 -38.29 15.45 -20.08
CA CYS E 225 -39.08 14.24 -19.92
C CYS E 225 -38.87 13.67 -18.52
N PRO E 226 -39.92 13.18 -17.88
CA PRO E 226 -39.78 12.68 -16.50
C PRO E 226 -39.12 11.33 -16.41
N ASN E 227 -39.07 10.56 -17.49
CA ASN E 227 -38.49 9.23 -17.45
C ASN E 227 -36.99 9.22 -17.77
N ASN E 228 -36.31 10.34 -17.53
CA ASN E 228 -34.86 10.37 -17.55
C ASN E 228 -34.26 10.78 -16.22
N MET E 229 -35.04 11.40 -15.34
CA MET E 229 -34.55 11.77 -14.01
C MET E 229 -34.40 10.52 -13.18
N MET E 230 -33.16 10.12 -12.92
CA MET E 230 -32.86 8.90 -12.19
C MET E 230 -32.57 9.15 -10.72
N GLY E 231 -33.20 10.14 -10.13
CA GLY E 231 -32.93 10.47 -8.75
C GLY E 231 -31.59 11.16 -8.61
N THR E 232 -31.08 11.15 -7.39
CA THR E 232 -29.83 11.82 -7.08
C THR E 232 -28.79 10.81 -6.65
N PHE E 233 -27.61 11.33 -6.35
CA PHE E 233 -26.46 10.52 -5.97
C PHE E 233 -25.68 11.31 -4.95
N SER E 234 -25.68 10.86 -3.70
CA SER E 234 -25.16 11.64 -2.59
C SER E 234 -23.98 10.94 -1.96
N ILE E 235 -22.89 11.68 -1.73
CA ILE E 235 -21.70 11.16 -1.10
C ILE E 235 -21.50 11.88 0.23
N ARG E 236 -20.66 11.29 1.09
CA ARG E 236 -20.33 11.89 2.38
C ARG E 236 -19.02 11.30 2.88
N THR E 237 -18.47 11.94 3.89
CA THR E 237 -17.45 11.31 4.71
C THR E 237 -18.15 10.57 5.84
N VAL E 238 -17.55 9.46 6.26
CA VAL E 238 -18.28 8.48 7.06
C VAL E 238 -18.50 8.93 8.50
N GLY E 239 -17.51 9.53 9.14
CA GLY E 239 -17.60 9.79 10.57
C GLY E 239 -18.58 10.89 10.94
N THR E 240 -18.97 10.87 12.21
CA THR E 240 -19.91 11.85 12.76
C THR E 240 -19.27 13.18 13.10
N GLU E 241 -17.94 13.24 13.15
CA GLU E 241 -17.23 14.50 13.32
C GLU E 241 -17.02 15.11 11.93
N LYS E 242 -16.20 16.14 11.83
CA LYS E 242 -15.94 16.80 10.56
C LYS E 242 -14.51 16.53 10.13
N SER E 243 -14.36 15.97 8.94
CA SER E 243 -13.04 15.59 8.44
C SER E 243 -12.30 16.81 7.91
N PRO E 244 -10.98 16.87 8.06
CA PRO E 244 -10.24 18.06 7.62
C PRO E 244 -9.78 18.03 6.17
N HIS E 245 -10.21 17.07 5.37
CA HIS E 245 -9.72 16.95 4.01
C HIS E 245 -10.77 17.41 3.01
N SER E 246 -10.30 17.76 1.81
CA SER E 246 -11.16 18.19 0.72
C SER E 246 -11.27 17.08 -0.32
N ILE E 247 -12.47 16.92 -0.87
CA ILE E 247 -12.79 15.79 -1.73
C ILE E 247 -13.21 16.31 -3.09
N THR E 248 -12.58 15.78 -4.15
CA THR E 248 -13.09 15.94 -5.51
C THR E 248 -13.29 14.56 -6.12
N LEU E 249 -14.54 14.23 -6.43
CA LEU E 249 -14.89 12.97 -7.06
C LEU E 249 -14.99 13.16 -8.56
N ARG E 250 -14.50 12.19 -9.32
CA ARG E 250 -14.64 12.16 -10.76
C ARG E 250 -15.31 10.87 -11.16
N VAL E 251 -16.42 10.96 -11.89
CA VAL E 251 -17.23 9.81 -12.26
C VAL E 251 -17.06 9.57 -13.76
N TYR E 252 -16.80 8.32 -14.12
CA TYR E 252 -16.67 7.92 -15.52
C TYR E 252 -17.68 6.82 -15.82
N MET E 253 -18.25 6.84 -17.02
CA MET E 253 -19.33 5.94 -17.38
C MET E 253 -19.01 5.22 -18.69
N ARG E 254 -18.96 3.90 -18.65
CA ARG E 254 -18.92 3.09 -19.85
C ARG E 254 -20.33 2.74 -20.29
N ILE E 255 -20.47 2.26 -21.52
CA ILE E 255 -21.77 1.90 -22.08
C ILE E 255 -21.67 0.51 -22.65
N LYS E 256 -22.45 -0.42 -22.12
CA LYS E 256 -22.45 -1.81 -22.56
C LYS E 256 -23.85 -2.19 -23.02
N HIS E 257 -23.89 -3.11 -24.00
CA HIS E 257 -25.11 -3.67 -24.59
C HIS E 257 -26.03 -2.57 -25.13
N VAL E 258 -25.48 -1.77 -26.01
CA VAL E 258 -26.14 -0.56 -26.48
C VAL E 258 -26.97 -0.88 -27.72
N ARG E 259 -28.19 -0.31 -27.78
CA ARG E 259 -29.02 -0.32 -28.97
C ARG E 259 -29.53 1.10 -29.19
N ALA E 260 -29.42 1.58 -30.43
CA ALA E 260 -29.75 2.96 -30.75
C ALA E 260 -30.80 3.01 -31.85
N TRP E 261 -31.39 4.20 -32.03
CA TRP E 261 -32.43 4.41 -33.03
C TRP E 261 -32.38 5.85 -33.51
N ILE E 262 -32.71 6.04 -34.78
CA ILE E 262 -33.01 7.33 -35.42
C ILE E 262 -31.86 8.32 -35.29
N PRO E 263 -30.80 8.19 -36.09
CA PRO E 263 -29.68 9.12 -35.99
C PRO E 263 -30.06 10.54 -36.41
N ARG E 264 -29.41 11.50 -35.79
CA ARG E 264 -29.70 12.92 -35.93
C ARG E 264 -28.48 13.65 -36.45
N PRO E 265 -28.63 14.87 -36.99
CA PRO E 265 -27.47 15.68 -37.32
C PRO E 265 -26.68 16.06 -36.08
N LEU E 266 -25.36 16.05 -36.22
CA LEU E 266 -24.47 16.33 -35.11
C LEU E 266 -24.45 17.82 -34.80
N ARG E 267 -23.91 18.15 -33.63
CA ARG E 267 -23.88 19.54 -33.15
C ARG E 267 -22.60 20.22 -33.59
N ASN E 268 -22.73 21.50 -33.97
CA ASN E 268 -21.59 22.32 -34.34
C ASN E 268 -21.38 23.52 -33.43
N GLN E 269 -22.44 24.16 -32.97
CA GLN E 269 -22.33 25.23 -31.99
C GLN E 269 -21.94 24.66 -30.63
N PRO E 270 -21.21 25.41 -29.82
CA PRO E 270 -20.84 24.91 -28.49
C PRO E 270 -22.04 24.86 -27.56
N TYR E 271 -21.86 24.14 -26.45
CA TYR E 271 -22.93 23.94 -25.50
C TYR E 271 -22.97 25.05 -24.47
N LEU E 272 -24.16 25.36 -23.99
CA LEU E 272 -24.35 26.44 -23.03
C LEU E 272 -24.98 25.99 -21.72
N PHE E 273 -25.97 25.11 -21.76
CA PHE E 273 -26.61 24.63 -20.54
C PHE E 273 -26.70 23.11 -20.58
N LYS E 274 -27.42 22.55 -19.62
CA LYS E 274 -27.57 21.11 -19.52
C LYS E 274 -28.90 20.59 -20.04
N THR E 275 -29.94 21.42 -20.05
CA THR E 275 -31.29 20.92 -20.26
C THR E 275 -31.93 21.38 -21.57
N ASN E 276 -31.21 22.14 -22.41
CA ASN E 276 -31.82 22.68 -23.61
C ASN E 276 -30.75 22.91 -24.66
N PRO E 277 -31.10 22.85 -25.95
CA PRO E 277 -30.09 23.00 -27.00
C PRO E 277 -29.76 24.43 -27.39
N ASN E 278 -30.09 25.40 -26.54
CA ASN E 278 -29.90 26.81 -26.89
C ASN E 278 -28.44 27.16 -27.12
N TYR E 279 -28.22 28.11 -28.03
CA TYR E 279 -26.89 28.42 -28.55
C TYR E 279 -26.68 29.93 -28.51
N LYS E 280 -25.42 30.33 -28.68
CA LYS E 280 -25.09 31.75 -28.70
C LYS E 280 -25.48 32.35 -30.04
N GLY E 281 -26.51 33.20 -30.03
CA GLY E 281 -27.05 33.72 -31.27
C GLY E 281 -26.21 34.80 -31.93
N ASN E 282 -25.23 35.34 -31.22
CA ASN E 282 -24.38 36.38 -31.79
C ASN E 282 -23.11 35.81 -32.42
N ASP E 283 -22.85 34.52 -32.25
CA ASP E 283 -21.64 33.86 -32.75
C ASP E 283 -22.09 32.59 -33.46
N ILE E 284 -22.46 32.70 -34.73
CA ILE E 284 -22.81 31.53 -35.53
C ILE E 284 -21.50 30.94 -36.05
N LYS E 285 -21.00 29.92 -35.39
CA LYS E 285 -19.79 29.23 -35.85
C LYS E 285 -20.14 28.39 -37.07
N CYS E 286 -19.61 28.78 -38.22
CA CYS E 286 -19.78 27.99 -39.42
C CYS E 286 -19.02 26.67 -39.30
N THR E 287 -19.52 25.64 -39.98
CA THR E 287 -18.94 24.32 -39.87
C THR E 287 -17.58 24.24 -40.54
N SER E 288 -17.50 24.69 -41.79
CA SER E 288 -16.27 24.60 -42.57
C SER E 288 -15.43 25.84 -42.38
N THR E 289 -14.13 25.65 -42.19
CA THR E 289 -13.21 26.78 -42.10
C THR E 289 -13.09 27.45 -43.46
N SER E 290 -13.49 28.71 -43.54
CA SER E 290 -13.64 29.38 -44.82
C SER E 290 -12.29 29.72 -45.42
N ARG E 291 -12.27 29.83 -46.74
CA ARG E 291 -11.06 30.17 -47.49
C ARG E 291 -11.28 31.47 -48.24
N ASP E 292 -10.34 31.80 -49.12
CA ASP E 292 -10.33 33.12 -49.74
C ASP E 292 -11.10 33.13 -51.04
N LYS E 293 -10.80 32.20 -51.94
CA LYS E 293 -11.41 32.16 -53.24
C LYS E 293 -12.10 30.82 -53.46
N ILE E 294 -12.60 30.64 -54.67
CA ILE E 294 -13.25 29.40 -55.06
C ILE E 294 -12.41 28.57 -56.04
N THR E 295 -11.47 29.19 -56.75
CA THR E 295 -10.65 28.49 -57.73
C THR E 295 -9.29 28.12 -57.19
N THR E 296 -8.96 28.50 -55.96
CA THR E 296 -7.73 28.06 -55.33
C THR E 296 -8.01 27.60 -53.89
N LEU E 297 -7.20 26.66 -53.43
CA LEU E 297 -7.36 26.16 -52.06
C LEU E 297 -6.40 26.88 -51.13
N ASN F 71 -48.26 -9.63 -21.19
CA ASN F 71 -47.09 -8.94 -20.66
C ASN F 71 -46.01 -9.94 -20.29
N HIS F 72 -44.82 -9.41 -20.06
CA HIS F 72 -43.65 -10.17 -19.61
C HIS F 72 -43.00 -9.48 -18.43
N HIS F 73 -43.80 -8.87 -17.55
CA HIS F 73 -43.27 -8.22 -16.37
C HIS F 73 -42.79 -9.27 -15.38
N SER F 74 -41.55 -9.17 -14.98
CA SER F 74 -41.04 -10.15 -14.07
C SER F 74 -41.38 -9.83 -12.67
N THR F 75 -41.60 -10.85 -11.87
CA THR F 75 -41.84 -10.70 -10.43
C THR F 75 -40.72 -11.33 -9.63
N GLN F 76 -39.50 -11.31 -10.17
CA GLN F 76 -38.36 -11.93 -9.50
C GLN F 76 -37.85 -11.02 -8.37
N GLU F 77 -37.64 -9.75 -8.68
CA GLU F 77 -37.03 -8.82 -7.73
C GLU F 77 -38.03 -8.18 -6.79
N THR F 78 -39.20 -8.79 -6.62
CA THR F 78 -40.13 -8.43 -5.56
C THR F 78 -40.38 -9.57 -4.59
N ALA F 79 -39.59 -10.65 -4.68
CA ALA F 79 -39.76 -11.80 -3.81
C ALA F 79 -39.22 -11.48 -2.41
N ILE F 80 -39.37 -12.46 -1.52
CA ILE F 80 -38.99 -12.25 -0.12
C ILE F 80 -37.47 -12.24 0.03
N GLY F 81 -36.76 -13.04 -0.75
CA GLY F 81 -35.31 -13.10 -0.61
C GLY F 81 -34.62 -11.86 -1.13
N ASN F 82 -35.12 -11.30 -2.23
CA ASN F 82 -34.51 -10.12 -2.81
C ASN F 82 -34.86 -8.86 -2.03
N PHE F 83 -35.93 -8.89 -1.24
CA PHE F 83 -36.31 -7.71 -0.47
C PHE F 83 -35.43 -7.52 0.76
N PHE F 84 -34.92 -8.60 1.34
CA PHE F 84 -34.16 -8.53 2.57
C PHE F 84 -32.65 -8.57 2.38
N SER F 85 -32.18 -8.89 1.20
CA SER F 85 -30.76 -9.00 1.06
C SER F 85 -30.05 -7.70 0.77
N ARG F 86 -30.19 -6.76 1.66
CA ARG F 86 -29.52 -5.47 1.61
C ARG F 86 -28.95 -5.18 2.99
N ALA F 87 -27.67 -4.83 3.03
CA ALA F 87 -26.98 -4.63 4.30
C ALA F 87 -27.40 -3.32 4.94
N GLY F 88 -28.11 -3.41 6.08
CA GLY F 88 -28.56 -2.25 6.80
C GLY F 88 -27.78 -2.08 8.10
N LEU F 89 -27.71 -0.83 8.58
CA LEU F 89 -26.99 -0.54 9.79
C LEU F 89 -27.76 -1.05 11.01
N VAL F 90 -27.05 -1.66 11.95
CA VAL F 90 -27.69 -2.22 13.13
C VAL F 90 -27.11 -1.69 14.43
N SER F 91 -25.88 -1.16 14.43
CA SER F 91 -25.27 -0.70 15.67
C SER F 91 -24.16 0.28 15.35
N ILE F 92 -23.92 1.21 16.27
CA ILE F 92 -22.73 2.04 16.26
C ILE F 92 -22.06 1.88 17.62
N ILE F 93 -20.85 1.35 17.61
CA ILE F 93 -20.12 1.03 18.83
C ILE F 93 -18.95 1.99 18.95
N THR F 94 -18.92 2.77 20.02
CA THR F 94 -17.93 3.83 20.18
C THR F 94 -17.03 3.53 21.38
N MET F 95 -15.75 3.88 21.24
CA MET F 95 -14.77 3.80 22.32
C MET F 95 -14.12 5.17 22.46
N PRO F 96 -14.72 6.08 23.26
CA PRO F 96 -14.23 7.45 23.39
C PRO F 96 -12.91 7.55 24.12
N ASP F 104 -11.56 2.09 28.98
CA ASP F 104 -10.32 1.33 29.09
C ASP F 104 -9.89 0.68 27.78
N GLY F 105 -10.52 1.04 26.67
CA GLY F 105 -10.17 0.42 25.41
C GLY F 105 -10.92 -0.85 25.10
N TYR F 106 -12.06 -1.07 25.75
CA TYR F 106 -12.89 -2.24 25.48
C TYR F 106 -14.33 -1.88 25.77
N VAL F 107 -15.25 -2.55 25.07
CA VAL F 107 -16.67 -2.42 25.31
C VAL F 107 -17.28 -3.80 25.31
N ASN F 108 -18.44 -3.92 25.96
CA ASN F 108 -19.21 -5.15 25.98
C ASN F 108 -20.58 -4.79 25.45
N TRP F 109 -20.72 -4.75 24.13
CA TRP F 109 -21.98 -4.32 23.54
C TRP F 109 -22.98 -5.46 23.58
N ASP F 110 -24.09 -5.32 24.24
CA ASP F 110 -25.08 -6.38 24.20
C ASP F 110 -25.60 -6.45 22.76
N ILE F 111 -26.21 -7.55 22.35
CA ILE F 111 -26.74 -7.61 21.01
C ILE F 111 -28.24 -7.38 20.87
N ASP F 112 -28.63 -6.17 20.49
CA ASP F 112 -30.01 -5.79 20.18
C ASP F 112 -29.98 -5.16 18.81
N LEU F 113 -30.57 -5.84 17.82
CA LEU F 113 -30.52 -5.40 16.44
C LEU F 113 -31.76 -4.63 16.03
N MET F 114 -32.52 -4.12 17.01
CA MET F 114 -33.72 -3.34 16.77
C MET F 114 -33.55 -1.91 17.27
N GLY F 115 -32.37 -1.33 17.06
CA GLY F 115 -32.11 0.00 17.54
C GLY F 115 -32.03 1.06 16.45
N TYR F 116 -32.25 0.65 15.21
CA TYR F 116 -32.20 1.58 14.08
C TYR F 116 -33.43 1.36 13.22
N ALA F 117 -34.09 2.46 12.86
CA ALA F 117 -35.49 2.41 12.47
C ALA F 117 -35.73 1.89 11.06
N GLN F 118 -34.75 1.97 10.17
CA GLN F 118 -35.02 1.57 8.78
C GLN F 118 -35.06 0.06 8.63
N LEU F 119 -34.10 -0.66 9.22
CA LEU F 119 -34.15 -2.10 9.17
C LEU F 119 -35.22 -2.66 10.10
N ARG F 120 -35.54 -1.95 11.18
CA ARG F 120 -36.52 -2.43 12.15
C ARG F 120 -37.94 -2.41 11.57
N ARG F 121 -38.26 -1.40 10.76
CA ARG F 121 -39.58 -1.34 10.14
C ARG F 121 -39.75 -2.43 9.10
N LYS F 122 -38.66 -2.86 8.46
CA LYS F 122 -38.75 -3.95 7.49
C LYS F 122 -38.92 -5.29 8.18
N CYS F 123 -38.07 -5.59 9.18
CA CYS F 123 -38.10 -6.89 9.84
C CYS F 123 -39.35 -7.10 10.67
N GLU F 124 -40.02 -6.03 11.12
CA GLU F 124 -41.27 -6.16 11.86
C GLU F 124 -42.49 -6.12 10.95
N LEU F 125 -42.33 -6.40 9.67
CA LEU F 125 -43.49 -6.63 8.82
C LEU F 125 -44.09 -8.00 9.10
N PHE F 126 -43.25 -9.01 9.26
CA PHE F 126 -43.68 -10.37 9.54
C PHE F 126 -43.49 -10.68 11.01
N THR F 127 -44.27 -11.66 11.50
CA THR F 127 -44.17 -12.03 12.90
C THR F 127 -42.95 -12.90 13.16
N TYR F 128 -42.83 -14.01 12.46
CA TYR F 128 -41.73 -14.95 12.64
C TYR F 128 -40.82 -14.93 11.43
N MET F 129 -39.52 -14.99 11.66
CA MET F 129 -38.54 -14.96 10.59
C MET F 129 -37.40 -15.91 10.91
N ARG F 130 -36.89 -16.58 9.88
CA ARG F 130 -35.84 -17.57 10.02
C ARG F 130 -34.83 -17.36 8.91
N PHE F 131 -33.58 -17.08 9.28
CA PHE F 131 -32.60 -16.67 8.29
C PHE F 131 -31.19 -16.88 8.83
N ASP F 132 -30.24 -16.86 7.91
CA ASP F 132 -28.83 -16.68 8.26
C ASP F 132 -28.48 -15.21 8.04
N ALA F 133 -27.22 -14.85 8.25
CA ALA F 133 -26.85 -13.46 8.15
C ALA F 133 -25.41 -13.32 7.70
N GLU F 134 -25.07 -12.13 7.23
CA GLU F 134 -23.71 -11.76 6.86
C GLU F 134 -23.38 -10.43 7.54
N PHE F 135 -22.60 -10.48 8.59
CA PHE F 135 -22.24 -9.28 9.32
C PHE F 135 -20.99 -8.66 8.74
N THR F 136 -20.91 -7.33 8.80
CA THR F 136 -19.79 -6.59 8.23
C THR F 136 -19.44 -5.46 9.17
N PHE F 137 -18.17 -5.38 9.57
CA PHE F 137 -17.71 -4.44 10.58
C PHE F 137 -16.83 -3.38 9.93
N VAL F 138 -17.37 -2.18 9.75
CA VAL F 138 -16.64 -1.07 9.19
C VAL F 138 -16.18 -0.17 10.34
N VAL F 139 -14.87 -0.05 10.51
CA VAL F 139 -14.29 0.59 11.68
C VAL F 139 -13.40 1.75 11.24
N ALA F 140 -13.56 2.89 11.91
CA ALA F 140 -12.76 4.08 11.63
C ALA F 140 -12.73 4.95 12.87
N LYS F 141 -12.00 6.06 12.78
CA LYS F 141 -11.97 7.07 13.80
C LYS F 141 -13.26 7.89 13.75
N PRO F 142 -13.53 8.75 14.75
CA PRO F 142 -14.75 9.58 14.70
C PRO F 142 -14.87 10.53 13.52
N ASN F 143 -13.83 10.76 12.73
CA ASN F 143 -13.98 11.62 11.55
C ASN F 143 -13.53 10.92 10.27
N GLY F 144 -13.62 9.59 10.21
CA GLY F 144 -13.37 8.85 9.00
C GLY F 144 -11.91 8.59 8.68
N VAL F 145 -10.99 9.06 9.51
CA VAL F 145 -9.57 8.84 9.29
C VAL F 145 -9.23 7.42 9.71
N LEU F 146 -8.28 6.80 9.01
CA LEU F 146 -7.85 5.43 9.28
C LEU F 146 -6.38 5.42 9.67
N VAL F 147 -6.10 4.92 10.87
CA VAL F 147 -4.73 4.82 11.35
C VAL F 147 -4.42 3.34 11.59
N PRO F 148 -3.16 2.91 11.49
CA PRO F 148 -2.86 1.48 11.72
C PRO F 148 -3.01 1.09 13.19
N GLN F 149 -4.08 0.34 13.47
CA GLN F 149 -4.39 -0.07 14.83
C GLN F 149 -5.00 -1.46 14.78
N LEU F 150 -4.44 -2.37 15.56
CA LEU F 150 -4.90 -3.75 15.58
C LEU F 150 -6.07 -3.89 16.54
N LEU F 151 -7.13 -4.54 16.10
CA LEU F 151 -8.34 -4.72 16.88
C LEU F 151 -8.63 -6.21 17.03
N GLN F 152 -9.65 -6.52 17.84
CA GLN F 152 -10.09 -7.89 18.00
C GLN F 152 -11.56 -7.88 18.38
N TYR F 153 -12.39 -8.54 17.59
CA TYR F 153 -13.78 -8.75 17.94
C TYR F 153 -13.95 -10.16 18.46
N MET F 154 -14.90 -10.36 19.37
CA MET F 154 -15.14 -11.67 19.95
C MET F 154 -16.63 -11.82 20.23
N TYR F 155 -17.23 -12.84 19.65
CA TYR F 155 -18.64 -13.12 19.90
C TYR F 155 -18.76 -13.97 21.15
N VAL F 156 -19.54 -13.50 22.11
CA VAL F 156 -19.69 -14.15 23.40
C VAL F 156 -21.09 -14.75 23.47
N PRO F 157 -21.22 -16.08 23.50
CA PRO F 157 -22.53 -16.70 23.63
C PRO F 157 -23.09 -16.51 25.02
N PRO F 158 -24.40 -16.65 25.21
CA PRO F 158 -24.98 -16.45 26.55
C PRO F 158 -24.59 -17.54 27.54
N GLY F 159 -23.73 -17.21 28.49
CA GLY F 159 -23.24 -18.18 29.45
C GLY F 159 -21.73 -18.17 29.55
N ALA F 160 -21.07 -17.70 28.50
CA ALA F 160 -19.63 -17.63 28.48
C ALA F 160 -19.13 -16.53 29.41
N PRO F 161 -17.90 -16.63 29.91
CA PRO F 161 -17.36 -15.58 30.77
C PRO F 161 -17.06 -14.30 29.98
N LYS F 162 -17.62 -13.19 30.46
CA LYS F 162 -17.38 -11.92 29.80
C LYS F 162 -15.96 -11.40 30.09
N PRO F 163 -15.41 -10.60 29.19
CA PRO F 163 -14.18 -9.88 29.50
C PRO F 163 -14.45 -8.72 30.43
N THR F 164 -13.52 -8.48 31.36
CA THR F 164 -13.63 -7.44 32.36
C THR F 164 -12.66 -6.30 32.16
N SER F 165 -11.49 -6.55 31.59
CA SER F 165 -10.50 -5.50 31.40
C SER F 165 -10.00 -5.52 29.96
N ARG F 166 -8.97 -4.73 29.67
CA ARG F 166 -8.36 -4.76 28.34
C ARG F 166 -7.62 -6.07 28.11
N ASP F 167 -7.06 -6.66 29.16
CA ASP F 167 -6.43 -7.98 29.08
C ASP F 167 -6.94 -8.86 30.21
N SER F 168 -8.10 -9.46 30.01
CA SER F 168 -8.65 -10.44 30.92
C SER F 168 -8.22 -11.82 30.47
N PHE F 169 -8.74 -12.85 31.14
CA PHE F 169 -8.46 -14.21 30.72
C PHE F 169 -9.40 -14.66 29.60
N ALA F 170 -10.46 -13.92 29.33
CA ALA F 170 -11.43 -14.32 28.33
C ALA F 170 -11.00 -13.96 26.92
N TRP F 171 -9.93 -13.22 26.74
CA TRP F 171 -9.45 -12.84 25.42
C TRP F 171 -8.56 -13.91 24.79
N GLN F 172 -8.38 -15.05 25.45
CA GLN F 172 -7.58 -16.13 24.87
C GLN F 172 -8.32 -16.86 23.78
N THR F 173 -9.66 -16.93 23.87
CA THR F 173 -10.56 -17.38 22.81
C THR F 173 -10.26 -18.81 22.36
N ALA F 174 -10.12 -19.70 23.34
CA ALA F 174 -9.98 -21.12 23.00
C ALA F 174 -11.31 -21.76 22.67
N THR F 175 -12.42 -21.10 22.99
CA THR F 175 -13.74 -21.61 22.66
C THR F 175 -14.56 -20.67 21.78
N ASN F 176 -14.48 -19.36 22.00
CA ASN F 176 -15.32 -18.44 21.24
C ASN F 176 -14.66 -18.06 19.91
N PRO F 177 -15.45 -17.81 18.87
CA PRO F 177 -14.87 -17.32 17.62
C PRO F 177 -14.43 -15.88 17.75
N SER F 178 -13.43 -15.50 16.95
CA SER F 178 -12.86 -14.18 17.06
C SER F 178 -12.24 -13.77 15.73
N VAL F 179 -12.25 -12.46 15.48
CA VAL F 179 -11.70 -11.87 14.27
C VAL F 179 -10.62 -10.89 14.67
N PHE F 180 -9.43 -11.05 14.09
CA PHE F 180 -8.34 -10.10 14.25
C PHE F 180 -8.15 -9.37 12.93
N VAL F 181 -8.37 -8.06 12.95
CA VAL F 181 -8.26 -7.27 11.72
C VAL F 181 -7.80 -5.87 12.09
N LYS F 182 -6.92 -5.32 11.27
CA LYS F 182 -6.41 -3.97 11.44
C LYS F 182 -7.48 -2.97 11.01
N MET F 183 -7.28 -1.71 11.38
CA MET F 183 -8.21 -0.68 10.92
C MET F 183 -7.95 -0.30 9.47
N THR F 184 -6.73 -0.52 8.97
CA THR F 184 -6.38 -0.16 7.61
C THR F 184 -6.87 -1.16 6.57
N ASP F 185 -7.17 -2.40 6.97
CA ASP F 185 -7.64 -3.43 6.05
C ASP F 185 -9.04 -3.11 5.52
N PRO F 186 -9.47 -3.81 4.48
CA PRO F 186 -10.90 -3.81 4.14
C PRO F 186 -11.71 -4.38 5.26
N PRO F 187 -12.99 -4.00 5.37
CA PRO F 187 -13.81 -4.44 6.52
C PRO F 187 -14.07 -5.93 6.53
N ALA F 188 -14.10 -6.49 7.73
CA ALA F 188 -14.21 -7.93 7.90
C ALA F 188 -15.65 -8.39 7.67
N GLN F 189 -15.79 -9.65 7.26
CA GLN F 189 -17.09 -10.24 7.03
C GLN F 189 -17.13 -11.64 7.61
N VAL F 190 -18.23 -11.96 8.30
CA VAL F 190 -18.49 -13.31 8.77
C VAL F 190 -19.89 -13.71 8.32
N SER F 191 -20.21 -14.98 8.52
CA SER F 191 -21.48 -15.53 8.07
C SER F 191 -22.05 -16.40 9.20
N VAL F 192 -22.86 -15.79 10.07
CA VAL F 192 -23.39 -16.50 11.23
C VAL F 192 -24.58 -17.35 10.79
N PRO F 193 -24.82 -18.48 11.43
CA PRO F 193 -25.99 -19.28 11.08
C PRO F 193 -27.19 -18.94 11.95
N PHE F 194 -28.31 -19.60 11.69
CA PHE F 194 -29.51 -19.43 12.51
C PHE F 194 -29.32 -20.20 13.81
N MET F 195 -29.17 -19.48 14.92
CA MET F 195 -28.73 -20.06 16.19
C MET F 195 -29.77 -19.88 17.29
N SER F 196 -31.01 -20.02 16.97
CA SER F 196 -32.01 -19.87 18.00
C SER F 196 -32.56 -21.22 18.42
N PRO F 197 -32.92 -21.39 19.70
CA PRO F 197 -33.47 -22.68 20.15
C PRO F 197 -34.83 -23.00 19.58
N ALA F 198 -35.61 -22.01 19.17
CA ALA F 198 -36.92 -22.23 18.60
C ALA F 198 -36.78 -22.48 17.09
N SER F 199 -37.92 -22.58 16.39
CA SER F 199 -37.87 -22.80 14.96
C SER F 199 -37.52 -21.54 14.19
N ALA F 200 -37.85 -20.37 14.73
CA ALA F 200 -37.60 -19.10 14.06
C ALA F 200 -37.51 -18.00 15.10
N TYR F 201 -36.88 -16.89 14.71
CA TYR F 201 -36.91 -15.70 15.54
C TYR F 201 -38.33 -15.14 15.60
N GLN F 202 -38.59 -14.36 16.62
CA GLN F 202 -39.87 -13.66 16.70
C GLN F 202 -39.65 -12.27 17.30
N TRP F 203 -40.21 -11.26 16.64
CA TRP F 203 -40.10 -9.89 17.10
C TRP F 203 -41.27 -9.49 17.99
N PHE F 204 -42.21 -10.39 18.23
CA PHE F 204 -43.37 -10.11 19.07
C PHE F 204 -43.61 -11.32 19.95
N TYR F 205 -43.86 -11.08 21.24
CA TYR F 205 -44.02 -12.16 22.20
C TYR F 205 -45.04 -11.72 23.24
N ASP F 206 -46.29 -12.12 23.05
CA ASP F 206 -47.36 -11.79 24.01
C ASP F 206 -47.23 -12.76 25.18
N GLY F 207 -46.44 -12.37 26.17
CA GLY F 207 -46.31 -13.17 27.38
C GLY F 207 -45.05 -12.83 28.14
N TYR F 208 -44.96 -13.41 29.33
CA TYR F 208 -43.86 -13.28 30.26
C TYR F 208 -42.95 -14.49 30.18
N PRO F 209 -41.63 -14.33 30.33
CA PRO F 209 -40.73 -15.46 30.17
C PRO F 209 -40.72 -16.41 31.37
N THR F 210 -40.97 -15.90 32.56
CA THR F 210 -40.88 -16.70 33.77
C THR F 210 -42.27 -16.91 34.36
N PHE F 211 -42.33 -17.74 35.38
CA PHE F 211 -43.54 -17.96 36.15
C PHE F 211 -43.55 -17.00 37.34
N GLY F 212 -44.46 -17.23 38.27
CA GLY F 212 -44.46 -16.52 39.53
C GLY F 212 -45.43 -15.35 39.54
N GLU F 213 -45.25 -14.50 40.56
CA GLU F 213 -46.09 -13.34 40.73
C GLU F 213 -45.72 -12.27 39.71
N HIS F 214 -46.71 -11.52 39.24
CA HIS F 214 -46.48 -10.41 38.32
C HIS F 214 -47.08 -9.15 38.93
N LEU F 215 -46.30 -8.51 39.78
CA LEU F 215 -46.70 -7.24 40.38
C LEU F 215 -46.20 -6.09 39.51
N GLN F 216 -46.28 -4.86 40.03
CA GLN F 216 -46.00 -3.67 39.23
C GLN F 216 -44.52 -3.54 38.91
N ALA F 217 -43.66 -3.90 39.85
CA ALA F 217 -42.22 -3.67 39.68
C ALA F 217 -41.53 -4.68 38.79
N ASN F 218 -42.26 -5.63 38.21
CA ASN F 218 -41.67 -6.69 37.41
C ASN F 218 -41.92 -6.51 35.92
N ASP F 219 -42.45 -5.37 35.51
CA ASP F 219 -42.89 -5.21 34.12
C ASP F 219 -41.79 -4.70 33.19
N LEU F 220 -40.54 -5.07 33.45
CA LEU F 220 -39.52 -4.90 32.42
C LEU F 220 -39.52 -6.06 31.44
N ASP F 221 -39.95 -7.24 31.85
CA ASP F 221 -39.77 -8.43 31.04
C ASP F 221 -41.00 -8.81 30.23
N TYR F 222 -42.04 -7.98 30.22
CA TYR F 222 -43.19 -8.23 29.36
C TYR F 222 -42.77 -8.08 27.90
N GLY F 223 -42.97 -9.14 27.12
CA GLY F 223 -42.53 -9.10 25.74
C GLY F 223 -41.04 -9.26 25.56
N GLN F 224 -40.40 -10.03 26.43
CA GLN F 224 -38.97 -10.31 26.33
C GLN F 224 -38.81 -11.83 26.24
N CYS F 225 -38.71 -12.33 25.02
CA CYS F 225 -38.53 -13.77 24.89
C CYS F 225 -37.06 -14.14 25.08
N PRO F 226 -36.78 -15.23 25.79
CA PRO F 226 -35.38 -15.58 26.06
C PRO F 226 -34.64 -16.16 24.86
N ASN F 227 -35.35 -16.65 23.85
CA ASN F 227 -34.72 -17.28 22.69
C ASN F 227 -34.41 -16.28 21.59
N ASN F 228 -34.25 -15.00 21.93
CA ASN F 228 -33.71 -14.01 21.02
C ASN F 228 -32.42 -13.38 21.52
N MET F 229 -32.13 -13.47 22.80
CA MET F 229 -30.89 -12.94 23.35
C MET F 229 -29.74 -13.83 22.90
N MET F 230 -28.91 -13.31 22.01
CA MET F 230 -27.81 -14.09 21.44
C MET F 230 -26.48 -13.78 22.11
N GLY F 231 -26.50 -13.47 23.40
CA GLY F 231 -25.28 -13.11 24.08
C GLY F 231 -24.83 -11.73 23.70
N THR F 232 -23.56 -11.46 23.97
CA THR F 232 -22.99 -10.15 23.70
C THR F 232 -21.91 -10.24 22.64
N PHE F 233 -21.33 -9.10 22.33
CA PHE F 233 -20.33 -8.96 21.29
C PHE F 233 -19.35 -7.91 21.76
N SER F 234 -18.14 -8.31 22.10
CA SER F 234 -17.18 -7.43 22.77
C SER F 234 -15.96 -7.22 21.89
N ILE F 235 -15.55 -5.96 21.75
CA ILE F 235 -14.38 -5.59 20.97
C ILE F 235 -13.34 -4.99 21.91
N ARG F 236 -12.09 -4.92 21.44
CA ARG F 236 -11.01 -4.32 22.20
C ARG F 236 -9.89 -3.94 21.25
N THR F 237 -8.97 -3.13 21.76
CA THR F 237 -7.67 -2.98 21.14
C THR F 237 -6.75 -4.05 21.69
N VAL F 238 -5.82 -4.51 20.84
CA VAL F 238 -5.14 -5.77 21.11
C VAL F 238 -4.10 -5.66 22.22
N GLY F 239 -3.32 -4.59 22.25
CA GLY F 239 -2.17 -4.52 23.15
C GLY F 239 -2.55 -4.35 24.62
N THR F 240 -1.58 -4.69 25.47
CA THR F 240 -1.75 -4.61 26.92
C THR F 240 -1.58 -3.20 27.46
N GLU F 241 -1.03 -2.28 26.68
CA GLU F 241 -0.97 -0.88 27.05
C GLU F 241 -2.27 -0.22 26.61
N LYS F 242 -2.32 1.11 26.65
CA LYS F 242 -3.52 1.83 26.26
C LYS F 242 -3.27 2.60 24.97
N SER F 243 -4.10 2.34 23.97
CA SER F 243 -3.89 2.95 22.66
C SER F 243 -4.42 4.38 22.66
N PRO F 244 -3.79 5.28 21.91
CA PRO F 244 -4.22 6.69 21.94
C PRO F 244 -5.29 7.05 20.93
N HIS F 245 -5.89 6.08 20.24
CA HIS F 245 -6.86 6.38 19.19
C HIS F 245 -8.28 6.09 19.66
N SER F 246 -9.24 6.73 19.01
CA SER F 246 -10.65 6.54 19.28
C SER F 246 -11.28 5.68 18.19
N ILE F 247 -12.19 4.79 18.60
CA ILE F 247 -12.76 3.78 17.71
C ILE F 247 -14.27 3.97 17.63
N THR F 248 -14.79 4.04 16.41
CA THR F 248 -16.22 3.89 16.16
C THR F 248 -16.43 2.75 15.18
N LEU F 249 -17.11 1.70 15.64
CA LEU F 249 -17.44 0.55 14.80
C LEU F 249 -18.85 0.71 14.27
N ARG F 250 -19.04 0.34 13.00
CA ARG F 250 -20.35 0.30 12.38
C ARG F 250 -20.58 -1.09 11.85
N VAL F 251 -21.68 -1.71 12.26
CA VAL F 251 -22.00 -3.09 11.91
C VAL F 251 -23.17 -3.09 10.95
N TYR F 252 -23.04 -3.83 9.86
CA TYR F 252 -24.09 -3.98 8.85
C TYR F 252 -24.44 -5.45 8.70
N MET F 253 -25.72 -5.74 8.50
CA MET F 253 -26.20 -7.12 8.48
C MET F 253 -27.00 -7.37 7.22
N ARG F 254 -26.58 -8.34 6.42
CA ARG F 254 -27.39 -8.86 5.33
C ARG F 254 -28.22 -10.03 5.83
N ILE F 255 -29.21 -10.41 5.03
CA ILE F 255 -30.11 -11.51 5.38
C ILE F 255 -30.18 -12.46 4.19
N LYS F 256 -29.75 -13.71 4.41
CA LYS F 256 -29.74 -14.73 3.37
C LYS F 256 -30.59 -15.92 3.81
N HIS F 257 -31.20 -16.57 2.83
CA HIS F 257 -32.03 -17.77 2.99
C HIS F 257 -33.19 -17.53 3.97
N VAL F 258 -33.97 -16.51 3.67
CA VAL F 258 -34.98 -16.03 4.59
C VAL F 258 -36.31 -16.74 4.33
N ARG F 259 -36.98 -17.12 5.42
CA ARG F 259 -38.35 -17.61 5.38
C ARG F 259 -39.15 -16.86 6.44
N ALA F 260 -40.33 -16.37 6.07
CA ALA F 260 -41.13 -15.54 6.96
C ALA F 260 -42.53 -16.14 7.13
N TRP F 261 -43.24 -15.62 8.12
CA TRP F 261 -44.59 -16.09 8.42
C TRP F 261 -45.39 -14.96 9.03
N ILE F 262 -46.70 -14.97 8.73
CA ILE F 262 -47.74 -14.17 9.40
C ILE F 262 -47.45 -12.67 9.31
N PRO F 263 -47.70 -12.03 8.17
CA PRO F 263 -47.44 -10.59 8.05
C PRO F 263 -48.36 -9.78 8.94
N ARG F 264 -47.84 -8.64 9.40
CA ARG F 264 -48.47 -7.77 10.35
C ARG F 264 -48.66 -6.37 9.75
N PRO F 265 -49.54 -5.54 10.32
CA PRO F 265 -49.61 -4.15 9.89
C PRO F 265 -48.31 -3.40 10.21
N LEU F 266 -47.92 -2.54 9.29
CA LEU F 266 -46.68 -1.80 9.43
C LEU F 266 -46.82 -0.68 10.46
N ARG F 267 -45.69 -0.14 10.87
CA ARG F 267 -45.64 0.89 11.91
C ARG F 267 -45.73 2.28 11.28
N ASN F 268 -46.48 3.16 11.94
CA ASN F 268 -46.59 4.55 11.51
C ASN F 268 -46.05 5.55 12.53
N GLN F 269 -46.24 5.30 13.83
CA GLN F 269 -45.65 6.13 14.87
C GLN F 269 -44.14 5.89 14.92
N PRO F 270 -43.36 6.90 15.30
CA PRO F 270 -41.92 6.69 15.41
C PRO F 270 -41.55 5.81 16.60
N TYR F 271 -40.32 5.34 16.59
CA TYR F 271 -39.85 4.42 17.61
C TYR F 271 -39.27 5.19 18.80
N LEU F 272 -39.42 4.61 19.98
CA LEU F 272 -38.96 5.25 21.20
C LEU F 272 -37.93 4.44 21.98
N PHE F 273 -38.10 3.12 22.06
CA PHE F 273 -37.15 2.28 22.77
C PHE F 273 -36.78 1.08 21.90
N LYS F 274 -36.07 0.13 22.50
CA LYS F 274 -35.62 -1.05 21.78
C LYS F 274 -36.45 -2.29 22.07
N THR F 275 -37.11 -2.36 23.23
CA THR F 275 -37.68 -3.61 23.71
C THR F 275 -39.20 -3.61 23.75
N ASN F 276 -39.87 -2.54 23.35
CA ASN F 276 -41.32 -2.46 23.48
C ASN F 276 -41.88 -1.53 22.42
N PRO F 277 -43.13 -1.74 21.99
CA PRO F 277 -43.70 -0.91 20.91
C PRO F 277 -44.31 0.39 21.38
N ASN F 278 -43.97 0.87 22.58
CA ASN F 278 -44.61 2.07 23.13
C ASN F 278 -44.34 3.30 22.29
N TYR F 279 -45.31 4.21 22.27
CA TYR F 279 -45.34 5.34 21.36
C TYR F 279 -45.65 6.61 22.14
N LYS F 280 -45.42 7.75 21.50
CA LYS F 280 -45.71 9.03 22.11
C LYS F 280 -47.21 9.30 22.08
N GLY F 281 -47.85 9.26 23.24
CA GLY F 281 -49.30 9.36 23.30
C GLY F 281 -49.85 10.75 23.09
N ASN F 282 -49.00 11.76 23.14
CA ASN F 282 -49.45 13.13 22.93
C ASN F 282 -49.35 13.58 21.47
N ASP F 283 -48.73 12.77 20.61
CA ASP F 283 -48.50 13.11 19.21
C ASP F 283 -48.94 11.89 18.40
N ILE F 284 -50.23 11.80 18.09
CA ILE F 284 -50.72 10.73 17.23
C ILE F 284 -50.50 11.17 15.78
N LYS F 285 -49.42 10.71 15.17
CA LYS F 285 -49.16 11.01 13.76
C LYS F 285 -50.13 10.20 12.90
N CYS F 286 -51.05 10.90 12.23
CA CYS F 286 -51.94 10.26 11.29
C CYS F 286 -51.16 9.77 10.08
N THR F 287 -51.66 8.70 9.46
CA THR F 287 -50.95 8.08 8.34
C THR F 287 -50.98 8.96 7.10
N SER F 288 -52.16 9.41 6.71
CA SER F 288 -52.34 10.19 5.50
C SER F 288 -52.20 11.67 5.80
N THR F 289 -51.47 12.37 4.94
CA THR F 289 -51.35 13.82 5.06
C THR F 289 -52.68 14.47 4.72
N SER F 290 -53.27 15.15 5.71
CA SER F 290 -54.65 15.63 5.58
C SER F 290 -54.73 16.81 4.62
N ARG F 291 -55.91 16.97 4.03
CA ARG F 291 -56.19 18.06 3.10
C ARG F 291 -57.31 18.93 3.67
N ASP F 292 -57.80 19.83 2.83
CA ASP F 292 -58.71 20.86 3.31
C ASP F 292 -60.16 20.43 3.18
N LYS F 293 -60.55 19.98 2.00
CA LYS F 293 -61.93 19.62 1.73
C LYS F 293 -62.00 18.16 1.28
N ILE F 294 -63.21 17.77 0.91
CA ILE F 294 -63.44 16.42 0.39
C ILE F 294 -63.74 16.41 -1.10
N THR F 295 -64.17 17.53 -1.68
CA THR F 295 -64.51 17.58 -3.09
C THR F 295 -63.39 18.17 -3.93
N THR F 296 -62.32 18.64 -3.31
CA THR F 296 -61.15 19.09 -4.05
C THR F 296 -59.90 18.54 -3.36
N LEU F 297 -58.86 18.30 -4.15
CA LEU F 297 -57.65 17.75 -3.57
C LEU F 297 -56.70 18.88 -3.21
N ASN G 71 8.46 -52.43 9.94
CA ASN G 71 8.29 -51.00 10.17
C ASN G 71 7.73 -50.30 8.94
N HIS G 72 7.30 -49.07 9.14
CA HIS G 72 6.80 -48.20 8.09
C HIS G 72 7.47 -46.83 8.17
N HIS G 73 8.75 -46.80 8.53
CA HIS G 73 9.48 -45.54 8.59
C HIS G 73 9.73 -45.03 7.18
N SER G 74 9.26 -43.87 6.82
CA SER G 74 9.53 -43.47 5.48
C SER G 74 10.80 -42.75 5.39
N THR G 75 11.41 -42.87 4.23
CA THR G 75 12.69 -42.27 3.86
C THR G 75 12.50 -41.19 2.80
N GLN G 76 11.36 -40.51 2.82
CA GLN G 76 11.07 -39.49 1.82
C GLN G 76 11.81 -38.20 2.13
N GLU G 77 11.72 -37.73 3.37
CA GLU G 77 12.27 -36.44 3.77
C GLU G 77 13.75 -36.51 4.17
N THR G 78 14.45 -37.56 3.74
CA THR G 78 15.90 -37.62 3.83
C THR G 78 16.56 -37.72 2.47
N ALA G 79 15.79 -37.54 1.39
CA ALA G 79 16.33 -37.62 0.05
C ALA G 79 17.15 -36.37 -0.29
N ILE G 80 17.73 -36.37 -1.49
CA ILE G 80 18.63 -35.28 -1.88
C ILE G 80 17.84 -34.02 -2.17
N GLY G 81 16.64 -34.15 -2.73
CA GLY G 81 15.87 -32.96 -3.08
C GLY G 81 15.30 -32.25 -1.87
N ASN G 82 14.87 -33.01 -0.87
CA ASN G 82 14.31 -32.41 0.33
C ASN G 82 15.38 -31.84 1.25
N PHE G 83 16.62 -32.27 1.09
CA PHE G 83 17.70 -31.77 1.93
C PHE G 83 18.16 -30.39 1.52
N PHE G 84 18.06 -30.06 0.23
CA PHE G 84 18.59 -28.81 -0.29
C PHE G 84 17.52 -27.75 -0.52
N SER G 85 16.26 -28.12 -0.44
CA SER G 85 15.27 -27.13 -0.68
C SER G 85 14.92 -26.32 0.53
N ARG G 86 15.86 -25.55 1.00
CA ARG G 86 15.69 -24.60 2.08
C ARG G 86 16.47 -23.34 1.73
N ALA G 87 15.81 -22.19 1.84
CA ALA G 87 16.41 -20.93 1.42
C ALA G 87 17.44 -20.47 2.44
N GLY G 88 18.72 -20.48 2.05
CA GLY G 88 19.79 -20.04 2.92
C GLY G 88 20.37 -18.71 2.47
N LEU G 89 20.94 -17.98 3.40
CA LEU G 89 21.52 -16.68 3.10
C LEU G 89 22.81 -16.85 2.30
N VAL G 90 22.98 -16.02 1.28
CA VAL G 90 24.17 -16.11 0.43
C VAL G 90 24.93 -14.80 0.33
N SER G 91 24.30 -13.65 0.61
CA SER G 91 24.99 -12.37 0.46
C SER G 91 24.27 -11.32 1.29
N ILE G 92 25.03 -10.34 1.75
CA ILE G 92 24.49 -9.12 2.31
C ILE G 92 25.10 -7.96 1.56
N ILE G 93 24.27 -7.19 0.87
CA ILE G 93 24.71 -6.11 0.01
C ILE G 93 24.29 -4.80 0.64
N THR G 94 25.26 -3.94 0.95
CA THR G 94 25.01 -2.72 1.69
C THR G 94 25.33 -1.51 0.82
N MET G 95 24.54 -0.45 0.98
CA MET G 95 24.76 0.84 0.34
C MET G 95 24.78 1.90 1.42
N PRO G 96 25.92 2.16 2.05
CA PRO G 96 26.02 3.10 3.17
C PRO G 96 25.81 4.55 2.78
N ASP G 104 27.62 6.17 -4.26
CA ASP G 104 26.80 6.93 -5.18
C ASP G 104 25.42 6.36 -5.37
N GLY G 105 25.00 5.42 -4.52
CA GLY G 105 23.69 4.83 -4.67
C GLY G 105 23.64 3.63 -5.59
N TYR G 106 24.77 2.99 -5.84
CA TYR G 106 24.82 1.80 -6.66
C TYR G 106 25.98 0.94 -6.20
N VAL G 107 25.86 -0.36 -6.41
CA VAL G 107 26.93 -1.31 -6.13
C VAL G 107 27.00 -2.28 -7.30
N ASN G 108 28.17 -2.89 -7.46
CA ASN G 108 28.39 -3.91 -8.46
C ASN G 108 28.89 -5.14 -7.71
N TRP G 109 27.96 -5.92 -7.15
CA TRP G 109 28.35 -7.04 -6.33
C TRP G 109 28.74 -8.20 -7.23
N ASP G 110 29.96 -8.63 -7.09
CA ASP G 110 30.38 -9.76 -7.86
C ASP G 110 29.61 -10.95 -7.35
N ILE G 111 29.54 -11.99 -8.15
CA ILE G 111 28.85 -13.17 -7.68
C ILE G 111 29.84 -14.13 -7.04
N ASP G 112 29.59 -14.47 -5.76
CA ASP G 112 30.27 -15.56 -5.08
C ASP G 112 29.31 -16.03 -4.00
N LEU G 113 28.77 -17.24 -4.16
CA LEU G 113 27.75 -17.74 -3.24
C LEU G 113 28.35 -18.65 -2.18
N MET G 114 29.66 -18.57 -1.96
CA MET G 114 30.37 -19.35 -0.95
C MET G 114 30.94 -18.45 0.14
N GLY G 115 30.20 -17.44 0.55
CA GLY G 115 30.68 -16.52 1.55
C GLY G 115 30.01 -16.64 2.89
N TYR G 116 29.10 -17.59 3.03
CA TYR G 116 28.40 -17.81 4.28
C TYR G 116 28.41 -19.30 4.62
N ALA G 117 28.77 -19.61 5.86
CA ALA G 117 29.30 -20.92 6.20
C ALA G 117 28.24 -22.00 6.30
N GLN G 118 26.98 -21.67 6.54
CA GLN G 118 25.99 -22.73 6.73
C GLN G 118 25.58 -23.37 5.42
N LEU G 119 25.33 -22.57 4.39
CA LEU G 119 25.01 -23.16 3.09
C LEU G 119 26.25 -23.72 2.41
N ARG G 120 27.43 -23.15 2.71
CA ARG G 120 28.65 -23.60 2.08
C ARG G 120 29.07 -24.99 2.54
N ARG G 121 28.84 -25.30 3.82
CA ARG G 121 29.17 -26.63 4.33
C ARG G 121 28.25 -27.69 3.75
N LYS G 122 27.01 -27.32 3.42
CA LYS G 122 26.08 -28.26 2.81
C LYS G 122 26.45 -28.52 1.35
N CYS G 123 26.65 -27.45 0.58
CA CYS G 123 26.90 -27.59 -0.86
C CYS G 123 28.26 -28.22 -1.16
N GLU G 124 29.21 -28.13 -0.23
CA GLU G 124 30.51 -28.77 -0.42
C GLU G 124 30.56 -30.18 0.15
N LEU G 125 29.41 -30.82 0.35
CA LEU G 125 29.39 -32.24 0.65
C LEU G 125 29.69 -33.06 -0.60
N PHE G 126 29.10 -32.67 -1.73
CA PHE G 126 29.30 -33.34 -3.00
C PHE G 126 30.26 -32.54 -3.87
N THR G 127 30.90 -33.25 -4.81
CA THR G 127 31.85 -32.58 -5.70
C THR G 127 31.13 -31.80 -6.78
N TYR G 128 30.28 -32.46 -7.57
CA TYR G 128 29.57 -31.84 -8.66
C TYR G 128 28.09 -31.75 -8.34
N MET G 129 27.48 -30.62 -8.70
CA MET G 129 26.06 -30.40 -8.44
C MET G 129 25.43 -29.68 -9.61
N ARG G 130 24.19 -30.05 -9.92
CA ARG G 130 23.46 -29.50 -11.06
C ARG G 130 22.05 -29.20 -10.61
N PHE G 131 21.64 -27.94 -10.71
CA PHE G 131 20.37 -27.53 -10.12
C PHE G 131 19.90 -26.23 -10.75
N ASP G 132 18.62 -25.95 -10.55
CA ASP G 132 18.08 -24.60 -10.75
C ASP G 132 18.02 -23.92 -9.39
N ALA G 133 17.49 -22.71 -9.35
CA ALA G 133 17.48 -21.97 -8.10
C ALA G 133 16.29 -21.03 -8.05
N GLU G 134 15.98 -20.57 -6.83
CA GLU G 134 14.95 -19.58 -6.58
C GLU G 134 15.55 -18.50 -5.68
N PHE G 135 15.90 -17.37 -6.26
CA PHE G 135 16.49 -16.30 -5.49
C PHE G 135 15.41 -15.39 -4.91
N THR G 136 15.69 -14.83 -3.74
CA THR G 136 14.73 -13.98 -3.04
C THR G 136 15.48 -12.82 -2.41
N PHE G 137 15.04 -11.60 -2.70
CA PHE G 137 15.75 -10.39 -2.30
C PHE G 137 14.94 -9.66 -1.24
N VAL G 138 15.38 -9.75 0.01
CA VAL G 138 14.73 -9.07 1.13
C VAL G 138 15.53 -7.82 1.43
N VAL G 139 14.89 -6.66 1.27
CA VAL G 139 15.58 -5.38 1.31
C VAL G 139 14.96 -4.49 2.39
N ALA G 140 15.80 -3.87 3.20
CA ALA G 140 15.35 -2.98 4.25
C ALA G 140 16.48 -2.01 4.58
N LYS G 141 16.25 -1.12 5.54
CA LYS G 141 17.29 -0.22 6.02
C LYS G 141 18.09 -0.90 7.09
N PRO G 142 19.19 -0.33 7.48
CA PRO G 142 20.05 -1.01 8.45
C PRO G 142 19.43 -1.38 9.79
N ASN G 143 18.23 -0.89 10.13
CA ASN G 143 17.58 -1.30 11.36
C ASN G 143 16.18 -1.85 11.13
N GLY G 144 15.92 -2.43 9.96
CA GLY G 144 14.67 -3.11 9.69
C GLY G 144 13.50 -2.23 9.33
N VAL G 145 13.68 -0.92 9.30
CA VAL G 145 12.61 0.00 8.95
C VAL G 145 12.44 -0.02 7.44
N LEU G 146 11.20 0.15 6.97
CA LEU G 146 10.88 0.14 5.56
C LEU G 146 10.30 1.49 5.15
N VAL G 147 10.85 2.09 4.11
CA VAL G 147 10.39 3.37 3.65
C VAL G 147 10.15 3.28 2.17
N PRO G 148 9.24 4.05 1.65
CA PRO G 148 8.95 3.90 0.21
C PRO G 148 10.08 4.40 -0.67
N GLN G 149 10.78 3.45 -1.29
CA GLN G 149 11.95 3.75 -2.12
C GLN G 149 11.98 2.76 -3.27
N LEU G 150 12.06 3.28 -4.48
CA LEU G 150 12.07 2.44 -5.67
C LEU G 150 13.48 1.97 -5.96
N LEU G 151 13.64 0.68 -6.21
CA LEU G 151 14.94 0.07 -6.47
C LEU G 151 14.92 -0.61 -7.83
N GLN G 152 16.08 -1.09 -8.26
CA GLN G 152 16.20 -1.85 -9.49
C GLN G 152 17.37 -2.79 -9.38
N TYR G 153 17.12 -4.08 -9.55
CA TYR G 153 18.18 -5.07 -9.63
C TYR G 153 18.39 -5.43 -11.10
N MET G 154 19.63 -5.77 -11.45
CA MET G 154 19.95 -6.12 -12.83
C MET G 154 21.01 -7.20 -12.82
N TYR G 155 20.72 -8.34 -13.44
CA TYR G 155 21.70 -9.41 -13.55
C TYR G 155 22.56 -9.16 -14.78
N VAL G 156 23.88 -9.11 -14.57
CA VAL G 156 24.83 -8.79 -15.62
C VAL G 156 25.60 -10.06 -15.97
N PRO G 157 25.41 -10.62 -17.16
CA PRO G 157 26.17 -11.81 -17.57
C PRO G 157 27.63 -11.44 -17.82
N PRO G 158 28.54 -12.44 -17.81
CA PRO G 158 29.96 -12.12 -18.03
C PRO G 158 30.25 -11.70 -19.46
N GLY G 159 30.54 -10.42 -19.65
CA GLY G 159 30.79 -9.89 -20.97
C GLY G 159 29.98 -8.65 -21.26
N ALA G 160 28.86 -8.52 -20.55
CA ALA G 160 27.98 -7.37 -20.72
C ALA G 160 28.64 -6.11 -20.14
N PRO G 161 28.26 -4.92 -20.63
CA PRO G 161 28.82 -3.69 -20.07
C PRO G 161 28.30 -3.41 -18.68
N LYS G 162 29.22 -3.22 -17.73
CA LYS G 162 28.85 -2.91 -16.37
C LYS G 162 28.33 -1.48 -16.24
N PRO G 163 27.46 -1.23 -15.27
CA PRO G 163 27.11 0.16 -14.93
C PRO G 163 28.24 0.83 -14.16
N THR G 164 28.45 2.12 -14.47
CA THR G 164 29.50 2.91 -13.86
C THR G 164 29.00 3.97 -12.91
N SER G 165 27.81 4.51 -13.13
CA SER G 165 27.29 5.55 -12.24
C SER G 165 25.87 5.20 -11.82
N ARG G 166 25.19 6.14 -11.16
CA ARG G 166 23.80 5.92 -10.80
C ARG G 166 22.90 5.91 -12.02
N ASP G 167 23.25 6.69 -13.05
CA ASP G 167 22.54 6.67 -14.32
C ASP G 167 23.53 6.55 -15.48
N SER G 168 23.95 5.32 -15.75
CA SER G 168 24.78 5.01 -16.89
C SER G 168 23.90 4.63 -18.06
N PHE G 169 24.50 4.21 -19.16
CA PHE G 169 23.73 3.72 -20.29
C PHE G 169 23.33 2.27 -20.13
N ALA G 170 23.92 1.55 -19.17
CA ALA G 170 23.64 0.13 -19.00
C ALA G 170 22.36 -0.13 -18.21
N TRP G 171 21.74 0.89 -17.65
CA TRP G 171 20.51 0.71 -16.90
C TRP G 171 19.27 0.72 -17.78
N GLN G 172 19.43 0.80 -19.10
CA GLN G 172 18.29 0.74 -19.99
C GLN G 172 17.73 -0.66 -20.12
N THR G 173 18.59 -1.68 -20.00
CA THR G 173 18.22 -3.09 -19.87
C THR G 173 17.40 -3.60 -21.05
N ALA G 174 17.87 -3.29 -22.26
CA ALA G 174 17.24 -3.85 -23.45
C ALA G 174 17.66 -5.29 -23.69
N THR G 175 18.71 -5.76 -23.02
CA THR G 175 19.13 -7.15 -23.15
C THR G 175 19.13 -7.91 -21.83
N ASN G 176 19.53 -7.27 -20.72
CA ASN G 176 19.64 -7.98 -19.46
C ASN G 176 18.30 -8.03 -18.73
N PRO G 177 18.02 -9.09 -17.97
CA PRO G 177 16.81 -9.11 -17.15
C PRO G 177 16.95 -8.18 -15.96
N SER G 178 15.81 -7.69 -15.49
CA SER G 178 15.81 -6.71 -14.41
C SER G 178 14.50 -6.76 -13.64
N VAL G 179 14.59 -6.44 -12.36
CA VAL G 179 13.44 -6.43 -11.46
C VAL G 179 13.30 -5.01 -10.90
N PHE G 180 12.11 -4.45 -11.01
CA PHE G 180 11.78 -3.18 -10.40
C PHE G 180 10.80 -3.44 -9.26
N VAL G 181 11.22 -3.15 -8.04
CA VAL G 181 10.38 -3.41 -6.88
C VAL G 181 10.67 -2.36 -5.82
N LYS G 182 9.63 -1.97 -5.10
CA LYS G 182 9.71 -1.01 -4.03
C LYS G 182 10.21 -1.63 -2.78
N MET G 183 10.68 -0.85 -1.84
CA MET G 183 11.08 -1.45 -0.58
C MET G 183 9.89 -1.86 0.27
N THR G 184 8.74 -1.24 0.06
CA THR G 184 7.54 -1.53 0.84
C THR G 184 6.82 -2.81 0.39
N ASP G 185 7.06 -3.27 -0.84
CA ASP G 185 6.42 -4.47 -1.36
C ASP G 185 6.92 -5.73 -0.64
N PRO G 186 6.22 -6.85 -0.81
CA PRO G 186 6.81 -8.14 -0.45
C PRO G 186 8.05 -8.40 -1.26
N PRO G 187 8.98 -9.22 -0.74
CA PRO G 187 10.26 -9.42 -1.43
C PRO G 187 10.12 -10.14 -2.76
N ALA G 188 10.96 -9.74 -3.71
CA ALA G 188 10.85 -10.26 -5.06
C ALA G 188 11.43 -11.66 -5.15
N GLN G 189 10.94 -12.43 -6.13
CA GLN G 189 11.42 -13.78 -6.37
C GLN G 189 11.61 -14.00 -7.86
N VAL G 190 12.72 -14.62 -8.23
CA VAL G 190 12.97 -15.06 -9.59
C VAL G 190 13.38 -16.53 -9.54
N SER G 191 13.47 -17.13 -10.73
CA SER G 191 13.77 -18.55 -10.86
C SER G 191 14.80 -18.72 -11.96
N VAL G 192 16.07 -18.69 -11.60
CA VAL G 192 17.14 -18.76 -12.60
C VAL G 192 17.35 -20.22 -13.00
N PRO G 193 17.75 -20.48 -14.25
CA PRO G 193 18.02 -21.86 -14.64
C PRO G 193 19.48 -22.23 -14.46
N PHE G 194 19.83 -23.47 -14.78
CA PHE G 194 21.21 -23.92 -14.73
C PHE G 194 21.93 -23.38 -15.96
N MET G 195 22.85 -22.44 -15.74
CA MET G 195 23.45 -21.66 -16.82
C MET G 195 24.96 -21.84 -16.89
N SER G 196 25.42 -23.02 -16.69
CA SER G 196 26.86 -23.23 -16.77
C SER G 196 27.23 -23.91 -18.08
N PRO G 197 28.40 -23.61 -18.65
CA PRO G 197 28.81 -24.25 -19.90
C PRO G 197 29.13 -25.73 -19.76
N ALA G 198 29.48 -26.19 -18.57
CA ALA G 198 29.77 -27.59 -18.34
C ALA G 198 28.48 -28.35 -18.03
N SER G 199 28.60 -29.62 -17.66
CA SER G 199 27.41 -30.41 -17.33
C SER G 199 26.88 -30.08 -15.95
N ALA G 200 27.73 -29.64 -15.03
CA ALA G 200 27.33 -29.35 -13.67
C ALA G 200 28.30 -28.35 -13.07
N TYR G 201 27.86 -27.67 -12.02
CA TYR G 201 28.76 -26.85 -11.24
C TYR G 201 29.78 -27.73 -10.51
N GLN G 202 30.89 -27.14 -10.13
CA GLN G 202 31.86 -27.84 -9.31
C GLN G 202 32.47 -26.88 -8.31
N TRP G 203 32.52 -27.30 -7.05
CA TRP G 203 33.09 -26.50 -5.99
C TRP G 203 34.56 -26.80 -5.76
N PHE G 204 35.13 -27.74 -6.52
CA PHE G 204 36.52 -28.12 -6.38
C PHE G 204 37.10 -28.28 -7.78
N TYR G 205 38.29 -27.72 -8.00
CA TYR G 205 38.91 -27.75 -9.31
C TYR G 205 40.42 -27.85 -9.13
N ASP G 206 40.95 -29.07 -9.22
CA ASP G 206 42.38 -29.29 -9.10
C ASP G 206 43.01 -28.93 -10.44
N GLY G 207 43.39 -27.68 -10.59
CA GLY G 207 44.07 -27.24 -11.80
C GLY G 207 43.97 -25.75 -11.98
N TYR G 208 44.72 -25.26 -12.97
CA TYR G 208 44.81 -23.87 -13.37
C TYR G 208 43.95 -23.64 -14.61
N PRO G 209 43.31 -22.48 -14.73
CA PRO G 209 42.40 -22.25 -15.86
C PRO G 209 43.12 -21.96 -17.17
N THR G 210 44.30 -21.36 -17.11
CA THR G 210 45.02 -20.96 -18.31
C THR G 210 46.26 -21.81 -18.49
N PHE G 211 46.92 -21.64 -19.63
CA PHE G 211 48.19 -22.26 -19.90
C PHE G 211 49.32 -21.32 -19.48
N GLY G 212 50.54 -21.63 -19.88
CA GLY G 212 51.66 -20.74 -19.70
C GLY G 212 52.50 -21.07 -18.48
N GLU G 213 53.34 -20.12 -18.12
CA GLU G 213 54.23 -20.28 -16.98
C GLU G 213 53.43 -20.13 -15.69
N HIS G 214 53.82 -20.88 -14.67
CA HIS G 214 53.20 -20.79 -13.34
C HIS G 214 54.30 -20.50 -12.32
N LEU G 215 54.63 -19.22 -12.18
CA LEU G 215 55.58 -18.77 -11.18
C LEU G 215 54.84 -18.43 -9.89
N GLN G 216 55.55 -17.79 -8.96
CA GLN G 216 55.01 -17.56 -7.62
C GLN G 216 53.91 -16.52 -7.62
N ALA G 217 54.04 -15.49 -8.44
CA ALA G 217 53.10 -14.37 -8.41
C ALA G 217 51.78 -14.65 -9.11
N ASN G 218 51.58 -15.85 -9.64
CA ASN G 218 50.39 -16.18 -10.41
C ASN G 218 49.42 -17.07 -9.64
N ASP G 219 49.65 -17.30 -8.35
CA ASP G 219 48.88 -18.29 -7.62
C ASP G 219 47.61 -17.74 -7.00
N LEU G 220 46.98 -16.75 -7.63
CA LEU G 220 45.61 -16.42 -7.27
C LEU G 220 44.60 -17.33 -7.96
N ASP G 221 44.94 -17.88 -9.11
CA ASP G 221 43.96 -18.57 -9.93
C ASP G 221 43.99 -20.09 -9.76
N TYR G 222 44.77 -20.61 -8.83
CA TYR G 222 44.75 -22.04 -8.55
C TYR G 222 43.41 -22.41 -7.93
N GLY G 223 42.70 -23.34 -8.56
CA GLY G 223 41.37 -23.68 -8.09
C GLY G 223 40.31 -22.66 -8.42
N GLN G 224 40.44 -21.99 -9.55
CA GLN G 224 39.46 -21.02 -10.02
C GLN G 224 38.96 -21.47 -11.39
N CYS G 225 37.86 -22.20 -11.42
CA CYS G 225 37.36 -22.64 -12.70
C CYS G 225 36.55 -21.52 -13.35
N PRO G 226 36.69 -21.33 -14.66
CA PRO G 226 35.99 -20.21 -15.32
C PRO G 226 34.51 -20.46 -15.52
N ASN G 227 34.05 -21.71 -15.47
CA ASN G 227 32.65 -22.02 -15.71
C ASN G 227 31.81 -21.98 -14.44
N ASN G 228 32.24 -21.24 -13.44
CA ASN G 228 31.42 -20.93 -12.28
C ASN G 228 31.16 -19.45 -12.10
N MET G 229 31.97 -18.60 -12.71
CA MET G 229 31.77 -17.15 -12.64
C MET G 229 30.55 -16.79 -13.48
N MET G 230 29.45 -16.43 -12.81
CA MET G 230 28.20 -16.13 -13.48
C MET G 230 27.98 -14.64 -13.67
N GLY G 231 29.04 -13.89 -13.88
CA GLY G 231 28.92 -12.46 -14.01
C GLY G 231 28.64 -11.80 -12.67
N THR G 232 28.13 -10.58 -12.74
CA THR G 232 27.87 -9.81 -11.54
C THR G 232 26.38 -9.55 -11.41
N PHE G 233 26.04 -8.84 -10.34
CA PHE G 233 24.65 -8.55 -10.00
C PHE G 233 24.65 -7.17 -9.36
N SER G 234 24.10 -6.18 -10.07
CA SER G 234 24.22 -4.79 -9.68
C SER G 234 22.85 -4.21 -9.35
N ILE G 235 22.76 -3.51 -8.22
CA ILE G 235 21.53 -2.86 -7.80
C ILE G 235 21.77 -1.35 -7.77
N ARG G 236 20.67 -0.60 -7.73
CA ARG G 236 20.74 0.85 -7.65
C ARG G 236 19.41 1.38 -7.13
N THR G 237 19.42 2.65 -6.75
CA THR G 237 18.18 3.40 -6.58
C THR G 237 17.83 4.02 -7.92
N VAL G 238 16.53 4.16 -8.18
CA VAL G 238 16.07 4.39 -9.54
C VAL G 238 16.31 5.81 -10.03
N GLY G 239 16.10 6.81 -9.19
CA GLY G 239 16.12 8.19 -9.66
C GLY G 239 17.51 8.71 -9.99
N THR G 240 17.52 9.78 -10.79
CA THR G 240 18.76 10.41 -11.22
C THR G 240 19.37 11.33 -10.17
N GLU G 241 18.62 11.68 -9.13
CA GLU G 241 19.16 12.41 -8.00
C GLU G 241 19.75 11.40 -7.02
N LYS G 242 20.08 11.85 -5.80
CA LYS G 242 20.66 10.97 -4.80
C LYS G 242 19.66 10.78 -3.67
N SER G 243 19.32 9.52 -3.40
CA SER G 243 18.32 9.23 -2.38
C SER G 243 18.93 9.32 -0.99
N PRO G 244 18.17 9.74 0.02
CA PRO G 244 18.73 9.92 1.36
C PRO G 244 18.67 8.68 2.24
N HIS G 245 18.30 7.53 1.70
CA HIS G 245 18.17 6.30 2.52
C HIS G 245 19.23 5.29 2.30
N SER G 246 19.49 4.50 3.32
CA SER G 246 20.52 3.47 3.29
C SER G 246 19.87 2.12 3.02
N ILE G 247 20.54 1.31 2.21
CA ILE G 247 19.99 0.04 1.72
C ILE G 247 20.87 -1.11 2.17
N THR G 248 20.26 -2.13 2.77
CA THR G 248 20.90 -3.42 2.96
C THR G 248 20.03 -4.50 2.33
N LEU G 249 20.57 -5.15 1.31
CA LEU G 249 19.89 -6.25 0.63
C LEU G 249 20.34 -7.57 1.21
N ARG G 250 19.41 -8.49 1.38
CA ARG G 250 19.70 -9.85 1.79
C ARG G 250 19.13 -10.81 0.75
N VAL G 251 19.99 -11.68 0.22
CA VAL G 251 19.63 -12.59 -0.85
C VAL G 251 19.58 -14.00 -0.30
N TYR G 252 18.51 -14.72 -0.59
CA TYR G 252 18.34 -16.10 -0.17
C TYR G 252 18.12 -16.97 -1.40
N MET G 253 18.68 -18.18 -1.38
CA MET G 253 18.66 -19.06 -2.54
C MET G 253 18.12 -20.42 -2.17
N ARG G 254 17.04 -20.84 -2.83
CA ARG G 254 16.58 -22.22 -2.75
C ARG G 254 17.22 -23.03 -3.87
N ILE G 255 17.11 -24.35 -3.77
CA ILE G 255 17.70 -25.26 -4.74
C ILE G 255 16.63 -26.25 -5.16
N LYS G 256 16.28 -26.25 -6.44
CA LYS G 256 15.27 -27.14 -6.98
C LYS G 256 15.87 -27.99 -8.09
N HIS G 257 15.33 -29.21 -8.22
CA HIS G 257 15.71 -30.20 -9.24
C HIS G 257 17.20 -30.50 -9.19
N VAL G 258 17.65 -30.92 -8.02
CA VAL G 258 19.08 -31.06 -7.76
C VAL G 258 19.52 -32.48 -8.09
N ARG G 259 20.69 -32.60 -8.73
CA ARG G 259 21.38 -33.86 -8.94
C ARG G 259 22.83 -33.68 -8.52
N ALA G 260 23.35 -34.62 -7.73
CA ALA G 260 24.69 -34.49 -7.18
C ALA G 260 25.53 -35.71 -7.55
N TRP G 261 26.84 -35.57 -7.33
CA TRP G 261 27.79 -36.64 -7.66
C TRP G 261 28.98 -36.57 -6.71
N ILE G 262 29.53 -37.74 -6.40
CA ILE G 262 30.83 -37.93 -5.74
C ILE G 262 30.90 -37.22 -4.39
N PRO G 263 30.29 -37.78 -3.34
CA PRO G 263 30.35 -37.13 -2.03
C PRO G 263 31.77 -37.10 -1.45
N ARG G 264 32.03 -36.05 -0.68
CA ARG G 264 33.34 -35.75 -0.13
C ARG G 264 33.28 -35.73 1.39
N PRO G 265 34.42 -35.82 2.08
CA PRO G 265 34.41 -35.60 3.53
C PRO G 265 34.04 -34.17 3.88
N LEU G 266 33.27 -34.01 4.95
CA LEU G 266 32.79 -32.72 5.36
C LEU G 266 33.90 -31.91 6.02
N ARG G 267 33.65 -30.61 6.18
CA ARG G 267 34.64 -29.69 6.72
C ARG G 267 34.50 -29.59 8.23
N ASN G 268 35.63 -29.52 8.91
CA ASN G 268 35.67 -29.33 10.35
C ASN G 268 36.34 -28.04 10.80
N GLN G 269 37.40 -27.62 10.12
CA GLN G 269 38.01 -26.33 10.38
C GLN G 269 37.10 -25.20 9.90
N PRO G 270 37.14 -24.04 10.54
CA PRO G 270 36.31 -22.92 10.07
C PRO G 270 36.83 -22.35 8.77
N TYR G 271 35.98 -21.54 8.14
CA TYR G 271 36.30 -20.97 6.84
C TYR G 271 37.03 -19.65 6.99
N LEU G 272 37.91 -19.36 6.05
CA LEU G 272 38.71 -18.14 6.09
C LEU G 272 38.52 -17.23 4.90
N PHE G 273 38.42 -17.78 3.69
CA PHE G 273 38.23 -16.98 2.50
C PHE G 273 37.09 -17.56 1.67
N LYS G 274 36.92 -17.03 0.47
CA LYS G 274 35.86 -17.47 -0.42
C LYS G 274 36.32 -18.40 -1.53
N THR G 275 37.60 -18.34 -1.91
CA THR G 275 38.05 -18.99 -3.13
C THR G 275 39.00 -20.16 -2.90
N ASN G 276 39.30 -20.51 -1.66
CA ASN G 276 40.29 -21.56 -1.40
C ASN G 276 40.00 -22.20 -0.05
N PRO G 277 40.37 -23.48 0.11
CA PRO G 277 40.06 -24.18 1.37
C PRO G 277 41.06 -23.97 2.49
N ASN G 278 41.88 -22.91 2.42
CA ASN G 278 42.93 -22.71 3.41
C ASN G 278 42.38 -22.49 4.81
N TYR G 279 43.14 -22.94 5.81
CA TYR G 279 42.68 -23.04 7.19
C TYR G 279 43.74 -22.43 8.10
N LYS G 280 43.33 -22.18 9.35
CA LYS G 280 44.25 -21.63 10.34
C LYS G 280 45.18 -22.72 10.84
N GLY G 281 46.45 -22.64 10.47
CA GLY G 281 47.39 -23.71 10.78
C GLY G 281 47.84 -23.76 12.22
N ASN G 282 47.59 -22.72 12.99
CA ASN G 282 47.98 -22.69 14.39
C ASN G 282 46.88 -23.19 15.33
N ASP G 283 45.68 -23.44 14.81
CA ASP G 283 44.53 -23.86 15.60
C ASP G 283 43.91 -25.06 14.86
N ILE G 284 44.43 -26.26 15.11
CA ILE G 284 43.83 -27.47 14.54
C ILE G 284 42.69 -27.88 15.45
N LYS G 285 41.47 -27.52 15.08
CA LYS G 285 40.28 -27.92 15.83
C LYS G 285 40.03 -29.40 15.59
N CYS G 286 40.21 -30.21 16.63
CA CYS G 286 39.89 -31.62 16.54
C CYS G 286 38.37 -31.81 16.42
N THR G 287 37.98 -32.89 15.76
CA THR G 287 36.56 -33.12 15.48
C THR G 287 35.80 -33.48 16.75
N SER G 288 36.31 -34.45 17.51
CA SER G 288 35.64 -34.93 18.71
C SER G 288 36.09 -34.15 19.93
N THR G 289 35.13 -33.77 20.77
CA THR G 289 35.46 -33.10 22.02
C THR G 289 36.13 -34.09 22.96
N SER G 290 37.38 -33.81 23.31
CA SER G 290 38.20 -34.78 24.02
C SER G 290 37.76 -34.91 25.47
N ARG G 291 38.05 -36.08 26.04
CA ARG G 291 37.73 -36.40 27.42
C ARG G 291 39.01 -36.67 28.19
N ASP G 292 38.85 -37.16 29.42
CA ASP G 292 39.98 -37.26 30.32
C ASP G 292 40.66 -38.62 30.22
N LYS G 293 39.89 -39.69 30.32
CA LYS G 293 40.43 -41.04 30.30
C LYS G 293 39.83 -41.84 29.16
N ILE G 294 40.18 -43.11 29.14
CA ILE G 294 39.65 -44.04 28.15
C ILE G 294 38.66 -45.04 28.75
N THR G 295 38.71 -45.28 30.05
CA THR G 295 37.84 -46.25 30.69
C THR G 295 36.64 -45.60 31.36
N THR G 296 36.54 -44.28 31.33
CA THR G 296 35.42 -43.57 31.92
C THR G 296 34.91 -42.54 30.92
N LEU G 297 33.62 -42.59 30.61
CA LEU G 297 33.03 -41.61 29.70
C LEU G 297 32.89 -40.25 30.39
#